data_8DSB
#
_entry.id   8DSB
#
_entity_poly.entity_id   1
_entity_poly.type   'polypeptide(L)'
_entity_poly.pdbx_seq_one_letter_code
;HHHHHHMDYKDDDDKHKASSVELRTSIEMAHSLAQIGIRFVPIPVETDEEFHTLAASLSQKLEMMVAKAEADERNQV
;
_entity_poly.pdbx_strand_id   A,B
#
# COMPACT_ATOMS: atom_id res chain seq x y z
N SER A 26 -12.97 -6.07 3.12
CA SER A 26 -11.80 -6.80 3.58
C SER A 26 -10.76 -5.83 4.16
N ILE A 27 -10.36 -4.87 3.36
CA ILE A 27 -9.38 -3.87 3.79
C ILE A 27 -9.92 -2.45 3.61
N GLU A 28 -10.27 -1.81 4.72
CA GLU A 28 -11.05 -0.57 4.67
C GLU A 28 -10.30 0.52 3.92
N MET A 29 -9.00 0.62 4.17
CA MET A 29 -8.18 1.62 3.51
C MET A 29 -8.10 1.37 2.01
N ALA A 30 -7.90 0.11 1.63
CA ALA A 30 -7.78 -0.26 0.22
C ALA A 30 -9.07 0.02 -0.53
N HIS A 31 -10.19 -0.35 0.07
CA HIS A 31 -11.50 -0.16 -0.55
C HIS A 31 -11.80 1.33 -0.74
N SER A 32 -11.51 2.12 0.28
CA SER A 32 -11.82 3.54 0.27
C SER A 32 -11.07 4.25 -0.87
N LEU A 33 -9.80 3.91 -1.02
CA LEU A 33 -8.97 4.52 -2.06
C LEU A 33 -9.48 4.17 -3.45
N ALA A 34 -9.87 2.90 -3.62
CA ALA A 34 -10.39 2.43 -4.90
C ALA A 34 -11.69 3.13 -5.26
N GLN A 35 -12.56 3.30 -4.26
CA GLN A 35 -13.87 3.90 -4.49
C GLN A 35 -13.74 5.34 -4.97
N ILE A 36 -12.71 6.04 -4.49
CA ILE A 36 -12.50 7.44 -4.83
C ILE A 36 -11.52 7.58 -5.98
N GLY A 37 -11.20 6.46 -6.63
CA GLY A 37 -10.53 6.51 -7.92
C GLY A 37 -9.03 6.68 -7.80
N ILE A 38 -8.50 6.38 -6.61
CA ILE A 38 -7.07 6.48 -6.37
C ILE A 38 -6.38 5.12 -6.51
N ARG A 39 -5.39 5.06 -7.38
CA ARG A 39 -4.55 3.86 -7.50
C ARG A 39 -3.46 3.85 -6.44
N PHE A 40 -3.18 2.67 -5.89
CA PHE A 40 -2.26 2.54 -4.77
C PHE A 40 -1.51 1.21 -4.83
N VAL A 41 -0.41 1.13 -4.09
CA VAL A 41 0.30 -0.12 -3.92
C VAL A 41 0.36 -0.54 -2.45
N PRO A 42 -0.13 -1.76 -2.17
CA PRO A 42 -0.24 -2.25 -0.79
C PRO A 42 1.10 -2.72 -0.23
N ILE A 43 1.85 -1.79 0.34
CA ILE A 43 3.18 -2.09 0.87
C ILE A 43 3.09 -2.75 2.24
N PRO A 44 3.70 -3.93 2.36
CA PRO A 44 3.63 -4.73 3.59
C PRO A 44 4.47 -4.14 4.72
N VAL A 45 4.12 -4.49 5.96
CA VAL A 45 4.89 -4.06 7.12
C VAL A 45 5.29 -5.24 7.99
N GLU A 46 6.30 -5.04 8.82
CA GLU A 46 6.71 -6.04 9.79
C GLU A 46 6.53 -5.54 11.22
N THR A 47 6.76 -4.25 11.41
CA THR A 47 6.81 -3.68 12.76
C THR A 47 5.62 -2.75 13.01
N ASP A 48 5.08 -2.82 14.21
CA ASP A 48 3.92 -2.01 14.57
C ASP A 48 4.22 -0.52 14.40
N GLU A 49 5.42 -0.12 14.81
CA GLU A 49 5.86 1.26 14.62
C GLU A 49 5.96 1.61 13.15
N GLU A 50 6.43 0.65 12.34
CA GLU A 50 6.50 0.83 10.91
C GLU A 50 5.12 1.06 10.31
N PHE A 51 4.15 0.28 10.78
CA PHE A 51 2.78 0.40 10.31
C PHE A 51 2.20 1.76 10.65
N HIS A 52 2.39 2.20 11.89
CA HIS A 52 1.86 3.47 12.34
C HIS A 52 2.50 4.63 11.59
N THR A 53 3.80 4.53 11.36
CA THR A 53 4.54 5.56 10.63
C THR A 53 4.15 5.57 9.15
N LEU A 54 4.04 4.38 8.57
CA LEU A 54 3.65 4.25 7.17
C LEU A 54 2.20 4.70 6.96
N ALA A 55 1.34 4.33 7.91
CA ALA A 55 -0.04 4.79 7.90
C ALA A 55 -0.12 6.32 8.00
N ALA A 56 0.74 6.89 8.83
CA ALA A 56 0.86 8.34 8.92
C ALA A 56 1.29 8.94 7.59
N SER A 57 2.22 8.26 6.92
CA SER A 57 2.67 8.70 5.60
C SER A 57 1.54 8.61 4.59
N LEU A 58 0.74 7.56 4.68
CA LEU A 58 -0.43 7.39 3.81
C LEU A 58 -1.39 8.56 3.97
N SER A 59 -1.67 8.93 5.21
CA SER A 59 -2.58 10.03 5.49
C SER A 59 -2.02 11.35 4.96
N GLN A 60 -0.72 11.57 5.18
CA GLN A 60 -0.07 12.81 4.78
C GLN A 60 -0.10 12.97 3.27
N LYS A 61 0.22 11.90 2.56
CA LYS A 61 0.29 11.94 1.10
C LYS A 61 -1.07 12.21 0.49
N LEU A 62 -2.10 11.54 1.02
CA LEU A 62 -3.46 11.71 0.53
C LEU A 62 -3.93 13.16 0.69
N GLU A 63 -3.60 13.75 1.85
CA GLU A 63 -3.98 15.13 2.13
C GLU A 63 -3.36 16.08 1.11
N MET A 64 -2.10 15.83 0.77
CA MET A 64 -1.41 16.64 -0.23
C MET A 64 -2.03 16.46 -1.61
N MET A 65 -2.46 15.23 -1.90
CA MET A 65 -3.03 14.92 -3.21
C MET A 65 -4.33 15.69 -3.43
N VAL A 66 -5.10 15.84 -2.36
CA VAL A 66 -6.43 16.45 -2.47
C VAL A 66 -6.40 17.92 -2.05
N ALA A 67 -5.20 18.39 -1.67
CA ALA A 67 -5.04 19.77 -1.23
C ALA A 67 -5.39 20.75 -2.35
N LYS A 68 -5.96 21.88 -1.98
CA LYS A 68 -6.31 22.92 -2.94
C LYS A 68 -5.70 24.25 -2.55
N SER B 26 -11.81 -6.75 -5.46
CA SER B 26 -11.66 -5.34 -5.80
C SER B 26 -10.22 -5.01 -6.14
N ILE B 27 -9.31 -5.31 -5.21
CA ILE B 27 -7.89 -5.06 -5.42
C ILE B 27 -7.07 -6.34 -5.21
N GLU B 28 -6.58 -6.90 -6.31
CA GLU B 28 -6.04 -8.26 -6.29
C GLU B 28 -4.84 -8.35 -5.36
N MET B 29 -3.98 -7.34 -5.40
CA MET B 29 -2.80 -7.30 -4.55
C MET B 29 -3.18 -7.21 -3.08
N ALA B 30 -4.15 -6.35 -2.77
CA ALA B 30 -4.58 -6.14 -1.40
C ALA B 30 -5.20 -7.40 -0.82
N HIS B 31 -6.05 -8.06 -1.62
CA HIS B 31 -6.73 -9.27 -1.17
C HIS B 31 -5.72 -10.39 -0.92
N SER B 32 -4.76 -10.54 -1.83
CA SER B 32 -3.79 -11.62 -1.74
C SER B 32 -2.97 -11.51 -0.46
N LEU B 33 -2.54 -10.29 -0.15
CA LEU B 33 -1.72 -10.04 1.04
C LEU B 33 -2.51 -10.36 2.31
N ALA B 34 -3.79 -9.96 2.33
CA ALA B 34 -4.64 -10.21 3.47
C ALA B 34 -4.87 -11.70 3.68
N GLN B 35 -5.07 -12.42 2.59
CA GLN B 35 -5.36 -13.86 2.66
C GLN B 35 -4.20 -14.61 3.28
N ILE B 36 -2.98 -14.15 3.00
CA ILE B 36 -1.78 -14.82 3.47
C ILE B 36 -1.27 -14.19 4.77
N GLY B 37 -2.09 -13.33 5.37
CA GLY B 37 -1.87 -12.92 6.75
C GLY B 37 -0.86 -11.80 6.86
N ILE B 38 -0.63 -11.10 5.74
CA ILE B 38 0.31 -9.98 5.73
C ILE B 38 -0.44 -8.65 5.87
N ARG B 39 -0.04 -7.87 6.86
CA ARG B 39 -0.57 -6.51 7.01
C ARG B 39 0.20 -5.54 6.13
N PHE B 40 -0.52 -4.58 5.54
CA PHE B 40 0.07 -3.67 4.57
C PHE B 40 -0.58 -2.30 4.64
N VAL B 41 0.08 -1.30 4.06
CA VAL B 41 -0.51 0.02 3.90
C VAL B 41 -0.60 0.41 2.44
N PRO B 42 -1.82 0.75 1.99
CA PRO B 42 -2.08 1.06 0.58
C PRO B 42 -1.61 2.45 0.18
N ILE B 43 -0.35 2.57 -0.20
CA ILE B 43 0.24 3.85 -0.54
C ILE B 43 -0.14 4.27 -1.96
N PRO B 44 -0.73 5.47 -2.09
CA PRO B 44 -1.24 5.97 -3.37
C PRO B 44 -0.12 6.38 -4.31
N VAL B 45 -0.42 6.40 -5.61
CA VAL B 45 0.54 6.86 -6.61
C VAL B 45 -0.06 7.94 -7.49
N GLU B 46 0.80 8.72 -8.14
CA GLU B 46 0.35 9.71 -9.12
C GLU B 46 0.87 9.37 -10.51
N THR B 47 2.08 8.82 -10.58
CA THR B 47 2.77 8.64 -11.84
C THR B 47 2.89 7.16 -12.20
N ASP B 48 2.70 6.85 -13.48
CA ASP B 48 2.76 5.46 -13.94
C ASP B 48 4.11 4.83 -13.61
N GLU B 49 5.18 5.60 -13.81
CA GLU B 49 6.52 5.14 -13.45
C GLU B 49 6.64 4.91 -11.96
N GLU B 50 6.01 5.78 -11.18
CA GLU B 50 5.99 5.62 -9.72
C GLU B 50 5.29 4.32 -9.32
N PHE B 51 4.18 4.02 -9.99
CA PHE B 51 3.42 2.81 -9.72
C PHE B 51 4.25 1.57 -10.02
N HIS B 52 4.90 1.57 -11.19
CA HIS B 52 5.69 0.43 -11.62
C HIS B 52 6.89 0.21 -10.70
N THR B 53 7.51 1.32 -10.28
CA THR B 53 8.65 1.25 -9.38
C THR B 53 8.22 0.83 -7.98
N LEU B 54 7.12 1.39 -7.51
CA LEU B 54 6.58 1.03 -6.20
C LEU B 54 6.08 -0.41 -6.18
N ALA B 55 5.44 -0.82 -7.28
CA ALA B 55 5.03 -2.21 -7.43
C ALA B 55 6.24 -3.15 -7.42
N ALA B 56 7.31 -2.72 -8.07
CA ALA B 56 8.57 -3.47 -8.03
C ALA B 56 9.11 -3.57 -6.61
N SER B 57 8.99 -2.47 -5.86
CA SER B 57 9.39 -2.46 -4.46
C SER B 57 8.53 -3.41 -3.63
N LEU B 58 7.24 -3.43 -3.92
CA LEU B 58 6.31 -4.34 -3.26
C LEU B 58 6.73 -5.79 -3.46
N SER B 59 7.07 -6.14 -4.70
CA SER B 59 7.48 -7.49 -5.02
C SER B 59 8.80 -7.85 -4.32
N GLN B 60 9.73 -6.91 -4.34
CA GLN B 60 11.04 -7.13 -3.75
C GLN B 60 10.94 -7.36 -2.24
N LYS B 61 10.14 -6.54 -1.58
CA LYS B 61 10.00 -6.61 -0.13
C LYS B 61 9.35 -7.93 0.29
N LEU B 62 8.32 -8.33 -0.43
CA LEU B 62 7.61 -9.57 -0.14
C LEU B 62 8.54 -10.77 -0.26
N GLU B 63 9.37 -10.77 -1.29
CA GLU B 63 10.31 -11.85 -1.53
C GLU B 63 11.29 -11.98 -0.37
N MET B 64 11.75 -10.84 0.15
CA MET B 64 12.65 -10.82 1.30
C MET B 64 11.94 -11.33 2.55
N MET B 65 10.67 -10.99 2.68
CA MET B 65 9.90 -11.37 3.86
C MET B 65 9.74 -12.88 3.95
N VAL B 66 9.59 -13.52 2.79
CA VAL B 66 9.32 -14.95 2.74
C VAL B 66 10.59 -15.74 2.45
N ALA B 67 11.70 -15.03 2.29
CA ALA B 67 12.99 -15.66 1.99
C ALA B 67 13.41 -16.60 3.11
N LYS B 68 14.06 -17.70 2.74
CA LYS B 68 14.56 -18.65 3.72
C LYS B 68 16.05 -18.90 3.54
N SER A 26 -12.98 -5.73 3.04
CA SER A 26 -11.75 -6.41 3.45
C SER A 26 -10.83 -5.45 4.18
N ILE A 27 -10.10 -4.63 3.41
CA ILE A 27 -9.24 -3.61 3.99
C ILE A 27 -9.77 -2.21 3.71
N GLU A 28 -10.15 -1.50 4.77
CA GLU A 28 -10.92 -0.28 4.64
C GLU A 28 -10.12 0.79 3.89
N MET A 29 -8.82 0.88 4.21
CA MET A 29 -7.96 1.88 3.61
C MET A 29 -7.83 1.66 2.11
N ALA A 30 -7.65 0.41 1.70
CA ALA A 30 -7.52 0.06 0.29
C ALA A 30 -8.80 0.38 -0.48
N HIS A 31 -9.94 0.04 0.13
CA HIS A 31 -11.23 0.32 -0.48
C HIS A 31 -11.45 1.82 -0.63
N SER A 32 -11.10 2.57 0.41
CA SER A 32 -11.36 4.01 0.44
C SER A 32 -10.64 4.72 -0.70
N LEU A 33 -9.38 4.38 -0.90
CA LEU A 33 -8.58 4.99 -1.96
C LEU A 33 -9.14 4.65 -3.33
N ALA A 34 -9.54 3.39 -3.50
CA ALA A 34 -10.12 2.94 -4.76
C ALA A 34 -11.44 3.66 -5.06
N GLN A 35 -12.25 3.83 -4.02
CA GLN A 35 -13.57 4.44 -4.18
C GLN A 35 -13.46 5.87 -4.68
N ILE A 36 -12.41 6.55 -4.23
CA ILE A 36 -12.19 7.95 -4.60
C ILE A 36 -11.28 8.07 -5.81
N GLY A 37 -11.02 6.94 -6.47
CA GLY A 37 -10.46 6.98 -7.80
C GLY A 37 -8.95 7.11 -7.79
N ILE A 38 -8.34 6.82 -6.64
CA ILE A 38 -6.89 6.91 -6.50
C ILE A 38 -6.26 5.53 -6.54
N ARG A 39 -5.37 5.32 -7.49
CA ARG A 39 -4.58 4.09 -7.56
C ARG A 39 -3.57 4.04 -6.42
N PHE A 40 -3.36 2.86 -5.86
CA PHE A 40 -2.47 2.69 -4.72
C PHE A 40 -1.68 1.38 -4.83
N VAL A 41 -0.60 1.29 -4.06
CA VAL A 41 0.14 0.03 -3.94
C VAL A 41 0.17 -0.44 -2.48
N PRO A 42 -0.28 -1.68 -2.25
CA PRO A 42 -0.32 -2.26 -0.91
C PRO A 42 1.05 -2.74 -0.43
N ILE A 43 1.78 -1.85 0.24
CA ILE A 43 3.10 -2.17 0.74
C ILE A 43 3.01 -2.98 2.04
N PRO A 44 3.65 -4.16 2.04
CA PRO A 44 3.64 -5.06 3.20
C PRO A 44 4.48 -4.52 4.35
N VAL A 45 4.10 -4.86 5.58
CA VAL A 45 4.71 -4.29 6.76
C VAL A 45 5.23 -5.39 7.69
N GLU A 46 6.39 -5.15 8.28
CA GLU A 46 7.00 -6.13 9.19
C GLU A 46 6.54 -5.89 10.62
N THR A 47 6.52 -4.63 11.04
CA THR A 47 6.30 -4.29 12.43
C THR A 47 5.09 -3.38 12.59
N ASP A 48 4.46 -3.43 13.77
CA ASP A 48 3.34 -2.56 14.07
C ASP A 48 3.76 -1.10 14.00
N GLU A 49 4.97 -0.81 14.47
CA GLU A 49 5.48 0.55 14.47
C GLU A 49 5.63 1.08 13.04
N GLU A 50 6.11 0.22 12.14
CA GLU A 50 6.22 0.57 10.73
C GLU A 50 4.84 0.83 10.14
N PHE A 51 3.86 0.03 10.54
CA PHE A 51 2.49 0.19 10.06
C PHE A 51 1.94 1.56 10.41
N HIS A 52 2.12 1.96 11.67
CA HIS A 52 1.56 3.22 12.16
C HIS A 52 2.20 4.41 11.45
N THR A 53 3.51 4.35 11.27
CA THR A 53 4.25 5.41 10.58
C THR A 53 3.92 5.42 9.08
N LEU A 54 3.87 4.24 8.49
CA LEU A 54 3.59 4.10 7.06
C LEU A 54 2.15 4.52 6.76
N ALA A 55 1.23 4.13 7.63
CA ALA A 55 -0.17 4.55 7.50
C ALA A 55 -0.29 6.06 7.61
N ALA A 56 0.44 6.65 8.56
CA ALA A 56 0.50 8.10 8.69
C ALA A 56 1.07 8.74 7.43
N SER A 57 2.06 8.10 6.84
CA SER A 57 2.75 8.63 5.66
C SER A 57 1.79 8.75 4.48
N LEU A 58 0.94 7.74 4.31
CA LEU A 58 0.00 7.71 3.21
C LEU A 58 -1.04 8.83 3.34
N SER A 59 -1.46 9.08 4.57
CA SER A 59 -2.43 10.14 4.84
C SER A 59 -1.86 11.50 4.49
N GLN A 60 -0.59 11.71 4.82
CA GLN A 60 0.09 12.95 4.48
C GLN A 60 0.17 13.14 2.97
N LYS A 61 0.55 12.07 2.27
CA LYS A 61 0.59 12.08 0.81
C LYS A 61 -0.81 12.27 0.23
N LEU A 62 -1.78 11.56 0.80
CA LEU A 62 -3.14 11.58 0.29
C LEU A 62 -3.74 12.98 0.36
N GLU A 63 -3.55 13.65 1.49
CA GLU A 63 -4.08 14.99 1.68
C GLU A 63 -3.53 15.95 0.62
N MET A 64 -2.24 15.85 0.36
CA MET A 64 -1.59 16.69 -0.64
C MET A 64 -2.13 16.41 -2.03
N MET A 65 -2.40 15.13 -2.31
CA MET A 65 -2.94 14.73 -3.60
C MET A 65 -4.35 15.29 -3.80
N VAL A 66 -5.14 15.26 -2.74
CA VAL A 66 -6.54 15.66 -2.82
C VAL A 66 -6.66 17.18 -2.83
N ALA A 67 -5.98 17.83 -1.89
CA ALA A 67 -6.13 19.27 -1.70
C ALA A 67 -5.30 20.05 -2.72
N LYS A 68 -5.72 19.99 -3.98
CA LYS A 68 -5.05 20.72 -5.04
C LYS A 68 -5.44 22.20 -5.03
N SER B 26 -11.56 -6.95 -5.36
CA SER B 26 -11.35 -5.54 -5.64
C SER B 26 -9.93 -5.29 -6.15
N ILE B 27 -8.97 -5.24 -5.22
CA ILE B 27 -7.57 -5.08 -5.58
C ILE B 27 -6.78 -6.35 -5.28
N GLU B 28 -6.27 -6.99 -6.33
CA GLU B 28 -5.72 -8.33 -6.21
C GLU B 28 -4.52 -8.35 -5.28
N MET B 29 -3.67 -7.34 -5.39
CA MET B 29 -2.45 -7.27 -4.59
C MET B 29 -2.79 -7.15 -3.11
N ALA B 30 -3.76 -6.31 -2.78
CA ALA B 30 -4.16 -6.10 -1.40
C ALA B 30 -4.75 -7.39 -0.81
N HIS B 31 -5.58 -8.06 -1.60
CA HIS B 31 -6.17 -9.33 -1.16
C HIS B 31 -5.10 -10.39 -0.93
N SER B 32 -4.14 -10.45 -1.85
CA SER B 32 -3.13 -11.51 -1.81
C SER B 32 -2.31 -11.43 -0.53
N LEU B 33 -1.90 -10.22 -0.17
CA LEU B 33 -1.11 -10.00 1.03
C LEU B 33 -1.91 -10.37 2.29
N ALA B 34 -3.17 -9.98 2.30
CA ALA B 34 -4.06 -10.27 3.42
C ALA B 34 -4.27 -11.78 3.57
N GLN B 35 -4.44 -12.47 2.45
CA GLN B 35 -4.72 -13.90 2.45
C GLN B 35 -3.56 -14.68 3.06
N ILE B 36 -2.35 -14.19 2.84
CA ILE B 36 -1.15 -14.85 3.33
C ILE B 36 -0.72 -14.27 4.67
N GLY B 37 -1.58 -13.47 5.27
CA GLY B 37 -1.44 -13.12 6.68
C GLY B 37 -0.46 -11.99 6.90
N ILE B 38 -0.18 -11.24 5.83
CA ILE B 38 0.73 -10.10 5.92
C ILE B 38 -0.03 -8.78 5.94
N ARG B 39 0.15 -8.01 7.01
CA ARG B 39 -0.41 -6.66 7.08
C ARG B 39 0.31 -5.73 6.11
N PHE B 40 -0.46 -4.82 5.50
CA PHE B 40 0.08 -3.92 4.49
C PHE B 40 -0.55 -2.54 4.62
N VAL B 41 0.10 -1.55 4.01
CA VAL B 41 -0.48 -0.21 3.90
C VAL B 41 -0.62 0.20 2.44
N PRO B 42 -1.85 0.58 2.05
CA PRO B 42 -2.15 0.98 0.68
C PRO B 42 -1.69 2.40 0.38
N ILE B 43 -0.46 2.53 -0.11
CA ILE B 43 0.10 3.83 -0.44
C ILE B 43 -0.40 4.33 -1.79
N PRO B 44 -1.00 5.53 -1.78
CA PRO B 44 -1.56 6.13 -3.01
C PRO B 44 -0.48 6.59 -3.97
N VAL B 45 -0.80 6.57 -5.26
CA VAL B 45 0.19 6.83 -6.30
C VAL B 45 -0.27 7.95 -7.22
N GLU B 46 0.67 8.81 -7.61
CA GLU B 46 0.37 9.94 -8.49
C GLU B 46 0.50 9.53 -9.96
N THR B 47 1.59 8.83 -10.27
CA THR B 47 1.94 8.55 -11.66
C THR B 47 2.00 7.06 -11.92
N ASP B 48 1.78 6.66 -13.17
CA ASP B 48 1.90 5.27 -13.58
C ASP B 48 3.32 4.76 -13.33
N GLU B 49 4.31 5.61 -13.59
CA GLU B 49 5.70 5.24 -13.41
C GLU B 49 6.01 4.94 -11.94
N GLU B 50 5.44 5.75 -11.06
CA GLU B 50 5.58 5.53 -9.62
C GLU B 50 4.92 4.22 -9.21
N PHE B 51 3.78 3.92 -9.83
CA PHE B 51 3.06 2.68 -9.53
C PHE B 51 3.91 1.47 -9.86
N HIS B 52 4.53 1.47 -11.03
CA HIS B 52 5.30 0.33 -11.51
C HIS B 52 6.52 0.10 -10.62
N THR B 53 7.19 1.19 -10.25
CA THR B 53 8.35 1.11 -9.38
C THR B 53 7.96 0.73 -7.96
N LEU B 54 6.89 1.34 -7.47
CA LEU B 54 6.40 1.06 -6.12
C LEU B 54 5.89 -0.36 -6.00
N ALA B 55 5.17 -0.82 -7.02
CA ALA B 55 4.71 -2.20 -7.06
C ALA B 55 5.88 -3.18 -7.09
N ALA B 56 6.91 -2.85 -7.86
CA ALA B 56 8.13 -3.63 -7.87
C ALA B 56 8.79 -3.64 -6.50
N SER B 57 8.75 -2.50 -5.81
CA SER B 57 9.40 -2.35 -4.51
C SER B 57 8.76 -3.29 -3.48
N LEU B 58 7.45 -3.40 -3.52
CA LEU B 58 6.72 -4.24 -2.57
C LEU B 58 7.06 -5.71 -2.77
N SER B 59 7.21 -6.11 -4.03
CA SER B 59 7.55 -7.49 -4.36
C SER B 59 8.94 -7.85 -3.81
N GLN B 60 9.87 -6.91 -3.94
CA GLN B 60 11.21 -7.10 -3.40
C GLN B 60 11.18 -7.26 -1.89
N LYS B 61 10.43 -6.39 -1.23
CA LYS B 61 10.24 -6.49 0.22
C LYS B 61 9.52 -7.77 0.59
N LEU B 62 8.48 -8.09 -0.17
CA LEU B 62 7.64 -9.25 0.13
C LEU B 62 8.45 -10.54 0.09
N GLU B 63 9.27 -10.69 -0.94
CA GLU B 63 10.08 -11.88 -1.11
C GLU B 63 11.01 -12.08 0.09
N MET B 64 11.63 -10.99 0.53
CA MET B 64 12.53 -11.04 1.67
C MET B 64 11.78 -11.42 2.94
N MET B 65 10.56 -10.91 3.08
CA MET B 65 9.74 -11.21 4.24
C MET B 65 9.36 -12.69 4.27
N VAL B 66 9.04 -13.24 3.10
CA VAL B 66 8.57 -14.62 3.01
C VAL B 66 9.73 -15.60 3.12
N ALA B 67 10.78 -15.35 2.35
CA ALA B 67 11.90 -16.29 2.24
C ALA B 67 12.83 -16.15 3.44
N LYS B 68 12.37 -16.55 4.61
CA LYS B 68 13.18 -16.51 5.82
C LYS B 68 14.15 -17.69 5.85
N SER A 26 -11.26 -7.53 3.43
CA SER A 26 -11.76 -6.41 4.23
C SER A 26 -10.63 -5.52 4.71
N ILE A 27 -10.17 -4.63 3.83
CA ILE A 27 -9.11 -3.69 4.17
C ILE A 27 -9.56 -2.24 3.97
N GLU A 28 -9.78 -1.54 5.09
CA GLU A 28 -10.47 -0.26 5.05
C GLU A 28 -9.70 0.75 4.21
N MET A 29 -8.38 0.75 4.35
CA MET A 29 -7.54 1.67 3.60
C MET A 29 -7.64 1.41 2.11
N ALA A 30 -7.55 0.14 1.73
CA ALA A 30 -7.56 -0.24 0.31
C ALA A 30 -8.90 0.08 -0.33
N HIS A 31 -9.98 -0.26 0.37
CA HIS A 31 -11.33 -0.04 -0.14
C HIS A 31 -11.61 1.47 -0.31
N SER A 32 -11.20 2.24 0.68
CA SER A 32 -11.47 3.68 0.68
C SER A 32 -10.81 4.35 -0.53
N LEU A 33 -9.56 3.98 -0.79
CA LEU A 33 -8.80 4.57 -1.90
C LEU A 33 -9.46 4.24 -3.24
N ALA A 34 -9.89 3.00 -3.38
CA ALA A 34 -10.53 2.55 -4.61
C ALA A 34 -11.85 3.29 -4.84
N GLN A 35 -12.62 3.49 -3.77
CA GLN A 35 -13.91 4.14 -3.88
C GLN A 35 -13.77 5.56 -4.38
N ILE A 36 -12.68 6.22 -4.00
CA ILE A 36 -12.44 7.61 -4.36
C ILE A 36 -11.53 7.71 -5.59
N GLY A 37 -11.31 6.58 -6.25
CA GLY A 37 -10.77 6.60 -7.60
C GLY A 37 -9.26 6.72 -7.61
N ILE A 38 -8.63 6.41 -6.48
CA ILE A 38 -7.18 6.47 -6.37
C ILE A 38 -6.56 5.07 -6.50
N ARG A 39 -5.64 4.93 -7.43
CA ARG A 39 -4.83 3.72 -7.54
C ARG A 39 -3.69 3.74 -6.53
N PHE A 40 -3.31 2.57 -6.04
CA PHE A 40 -2.33 2.46 -4.97
C PHE A 40 -1.57 1.14 -5.05
N VAL A 41 -0.40 1.09 -4.43
CA VAL A 41 0.31 -0.16 -4.21
C VAL A 41 0.47 -0.44 -2.72
N PRO A 42 -0.12 -1.57 -2.27
CA PRO A 42 0.04 -2.04 -0.90
C PRO A 42 1.52 -2.18 -0.50
N ILE A 43 1.85 -1.69 0.68
CA ILE A 43 3.17 -1.95 1.26
C ILE A 43 3.04 -2.75 2.56
N PRO A 44 3.72 -3.90 2.62
CA PRO A 44 3.63 -4.82 3.75
C PRO A 44 4.42 -4.33 4.96
N VAL A 45 4.04 -4.81 6.14
CA VAL A 45 4.72 -4.42 7.37
C VAL A 45 5.26 -5.64 8.11
N GLU A 46 6.22 -5.41 8.99
CA GLU A 46 6.72 -6.46 9.88
C GLU A 46 6.25 -6.24 11.31
N THR A 47 6.16 -4.98 11.70
CA THR A 47 5.78 -4.63 13.07
C THR A 47 4.84 -3.43 13.10
N ASP A 48 4.34 -3.10 14.28
CA ASP A 48 3.37 -2.03 14.43
C ASP A 48 3.97 -0.69 14.00
N GLU A 49 5.24 -0.49 14.29
CA GLU A 49 5.90 0.79 14.04
C GLU A 49 5.92 1.09 12.55
N GLU A 50 6.16 0.06 11.74
CA GLU A 50 6.18 0.21 10.29
C GLU A 50 4.78 0.55 9.77
N PHE A 51 3.77 -0.10 10.34
CA PHE A 51 2.38 0.16 9.96
C PHE A 51 1.99 1.59 10.28
N HIS A 52 2.32 2.04 11.49
CA HIS A 52 1.97 3.38 11.93
C HIS A 52 2.67 4.44 11.08
N THR A 53 3.94 4.18 10.75
CA THR A 53 4.73 5.12 9.97
C THR A 53 4.19 5.25 8.55
N LEU A 54 3.85 4.11 7.95
CA LEU A 54 3.25 4.10 6.63
C LEU A 54 1.87 4.75 6.66
N ALA A 55 1.12 4.49 7.71
CA ALA A 55 -0.21 5.07 7.87
C ALA A 55 -0.14 6.59 7.92
N ALA A 56 0.86 7.11 8.62
CA ALA A 56 1.13 8.54 8.65
C ALA A 56 1.48 9.05 7.25
N SER A 57 2.28 8.29 6.52
CA SER A 57 2.65 8.64 5.16
C SER A 57 1.44 8.62 4.24
N LEU A 58 0.58 7.63 4.42
CA LEU A 58 -0.63 7.50 3.60
C LEU A 58 -1.52 8.73 3.76
N SER A 59 -1.71 9.16 4.99
CA SER A 59 -2.52 10.35 5.28
C SER A 59 -1.89 11.59 4.68
N GLN A 60 -0.57 11.71 4.84
CA GLN A 60 0.16 12.87 4.32
C GLN A 60 0.07 12.94 2.81
N LYS A 61 0.25 11.79 2.16
CA LYS A 61 0.27 11.73 0.70
C LYS A 61 -1.08 12.15 0.13
N LEU A 62 -2.16 11.66 0.73
CA LEU A 62 -3.50 11.94 0.26
C LEU A 62 -3.81 13.43 0.38
N GLU A 63 -3.39 14.03 1.49
CA GLU A 63 -3.61 15.45 1.72
C GLU A 63 -2.87 16.30 0.69
N MET A 64 -1.64 15.90 0.39
CA MET A 64 -0.83 16.60 -0.61
C MET A 64 -1.44 16.43 -2.01
N MET A 65 -1.95 15.23 -2.28
CA MET A 65 -2.61 14.97 -3.56
C MET A 65 -3.90 15.77 -3.68
N VAL A 66 -4.68 15.80 -2.62
CA VAL A 66 -5.98 16.46 -2.62
C VAL A 66 -6.15 17.36 -1.42
N ALA A 67 -6.49 18.62 -1.66
CA ALA A 67 -6.71 19.58 -0.58
C ALA A 67 -5.42 19.86 0.17
N LYS A 68 -4.39 20.29 -0.55
CA LYS A 68 -3.12 20.66 0.05
C LYS A 68 -3.14 22.12 0.50
N SER B 26 -11.97 -4.49 -5.62
CA SER B 26 -11.24 -5.49 -6.41
C SER B 26 -9.80 -5.05 -6.64
N ILE B 27 -8.95 -5.27 -5.64
CA ILE B 27 -7.53 -4.93 -5.75
C ILE B 27 -6.66 -6.14 -5.51
N GLU B 28 -6.04 -6.63 -6.58
CA GLU B 28 -5.40 -7.95 -6.56
C GLU B 28 -4.27 -7.98 -5.53
N MET B 29 -3.50 -6.89 -5.48
CA MET B 29 -2.38 -6.80 -4.55
C MET B 29 -2.87 -6.84 -3.09
N ALA B 30 -3.90 -6.07 -2.81
CA ALA B 30 -4.43 -5.96 -1.45
C ALA B 30 -5.03 -7.29 -0.99
N HIS B 31 -5.81 -7.92 -1.87
CA HIS B 31 -6.47 -9.18 -1.55
C HIS B 31 -5.44 -10.27 -1.30
N SER B 32 -4.43 -10.33 -2.17
CA SER B 32 -3.41 -11.38 -2.09
C SER B 32 -2.68 -11.33 -0.74
N LEU B 33 -2.31 -10.13 -0.34
CA LEU B 33 -1.56 -9.94 0.91
C LEU B 33 -2.40 -10.37 2.11
N ALA B 34 -3.68 -10.02 2.10
CA ALA B 34 -4.59 -10.37 3.18
C ALA B 34 -4.76 -11.88 3.27
N GLN B 35 -4.88 -12.54 2.11
CA GLN B 35 -5.11 -13.98 2.08
C GLN B 35 -3.94 -14.73 2.71
N ILE B 36 -2.74 -14.19 2.53
CA ILE B 36 -1.54 -14.84 3.04
C ILE B 36 -1.12 -14.25 4.39
N GLY B 37 -2.01 -13.47 4.99
CA GLY B 37 -1.89 -13.14 6.40
C GLY B 37 -0.92 -11.99 6.64
N ILE B 38 -0.66 -11.21 5.60
CA ILE B 38 0.23 -10.07 5.71
C ILE B 38 -0.57 -8.77 5.81
N ARG B 39 -0.31 -8.00 6.88
CA ARG B 39 -0.85 -6.66 6.99
C ARG B 39 -0.03 -5.67 6.18
N PHE B 40 -0.70 -4.64 5.66
CA PHE B 40 -0.06 -3.69 4.75
C PHE B 40 -0.71 -2.32 4.84
N VAL B 41 0.01 -1.30 4.40
CA VAL B 41 -0.58 0.02 4.19
C VAL B 41 -0.50 0.43 2.72
N PRO B 42 -1.67 0.64 2.10
CA PRO B 42 -1.77 1.15 0.73
C PRO B 42 -0.99 2.46 0.56
N ILE B 43 -0.22 2.54 -0.52
CA ILE B 43 0.41 3.79 -0.93
C ILE B 43 -0.12 4.26 -2.29
N PRO B 44 -0.67 5.48 -2.32
CA PRO B 44 -1.30 6.03 -3.53
C PRO B 44 -0.27 6.47 -4.57
N VAL B 45 -0.70 6.54 -5.82
CA VAL B 45 0.18 6.95 -6.90
C VAL B 45 -0.39 8.16 -7.65
N GLU B 46 0.47 8.87 -8.36
CA GLU B 46 0.03 9.95 -9.24
C GLU B 46 0.16 9.56 -10.70
N THR B 47 1.20 8.78 -11.01
CA THR B 47 1.47 8.38 -12.39
C THR B 47 1.91 6.92 -12.45
N ASP B 48 2.07 6.42 -13.67
CA ASP B 48 2.41 5.01 -13.88
C ASP B 48 3.76 4.69 -13.26
N GLU B 49 4.69 5.63 -13.36
CA GLU B 49 6.06 5.40 -12.91
C GLU B 49 6.11 5.13 -11.40
N GLU B 50 5.28 5.86 -10.65
CA GLU B 50 5.20 5.67 -9.21
C GLU B 50 4.60 4.31 -8.88
N PHE B 51 3.58 3.91 -9.64
CA PHE B 51 2.95 2.61 -9.45
C PHE B 51 3.94 1.48 -9.71
N HIS B 52 4.68 1.58 -10.82
CA HIS B 52 5.63 0.55 -11.21
C HIS B 52 6.76 0.44 -10.19
N THR B 53 7.21 1.59 -9.70
CA THR B 53 8.31 1.63 -8.74
C THR B 53 7.89 1.01 -7.41
N LEU B 54 6.70 1.34 -6.95
CA LEU B 54 6.14 0.76 -5.73
C LEU B 54 5.90 -0.74 -5.91
N ALA B 55 5.41 -1.11 -7.09
CA ALA B 55 5.15 -2.51 -7.40
C ALA B 55 6.44 -3.33 -7.32
N ALA B 56 7.53 -2.76 -7.83
CA ALA B 56 8.85 -3.39 -7.69
C ALA B 56 9.25 -3.51 -6.23
N SER B 57 8.98 -2.46 -5.46
CA SER B 57 9.27 -2.47 -4.04
C SER B 57 8.44 -3.53 -3.31
N LEU B 58 7.17 -3.63 -3.68
CA LEU B 58 6.27 -4.59 -3.07
C LEU B 58 6.77 -6.02 -3.25
N SER B 59 7.20 -6.32 -4.47
CA SER B 59 7.73 -7.65 -4.78
C SER B 59 9.02 -7.90 -4.01
N GLN B 60 9.89 -6.90 -3.95
CA GLN B 60 11.16 -7.02 -3.25
C GLN B 60 10.94 -7.24 -1.76
N LYS B 61 10.02 -6.48 -1.19
CA LYS B 61 9.76 -6.54 0.25
C LYS B 61 9.25 -7.92 0.64
N LEU B 62 8.33 -8.46 -0.15
CA LEU B 62 7.73 -9.76 0.15
C LEU B 62 8.78 -10.86 0.09
N GLU B 63 9.67 -10.78 -0.89
CA GLU B 63 10.73 -11.77 -1.04
C GLU B 63 11.68 -11.74 0.15
N MET B 64 12.02 -10.53 0.60
CA MET B 64 12.89 -10.36 1.76
C MET B 64 12.20 -10.86 3.03
N MET B 65 10.90 -10.61 3.13
CA MET B 65 10.12 -11.08 4.27
C MET B 65 10.02 -12.61 4.27
N VAL B 66 9.76 -13.16 3.10
CA VAL B 66 9.56 -14.61 2.97
C VAL B 66 10.37 -15.18 1.81
N ALA B 67 11.17 -16.20 2.10
CA ALA B 67 11.98 -16.85 1.08
C ALA B 67 13.05 -15.92 0.55
N LYS B 68 13.87 -15.39 1.46
CA LYS B 68 14.98 -14.53 1.08
C LYS B 68 16.22 -15.36 0.75
N SER A 26 -12.86 -6.00 3.05
CA SER A 26 -11.67 -6.73 3.48
C SER A 26 -10.65 -5.78 4.09
N ILE A 27 -10.20 -4.82 3.30
CA ILE A 27 -9.22 -3.83 3.76
C ILE A 27 -9.75 -2.41 3.59
N GLU A 28 -10.10 -1.77 4.70
CA GLU A 28 -10.87 -0.53 4.65
C GLU A 28 -10.09 0.56 3.92
N MET A 29 -8.79 0.64 4.19
CA MET A 29 -7.95 1.64 3.57
C MET A 29 -7.87 1.44 2.06
N ALA A 30 -7.68 0.18 1.65
CA ALA A 30 -7.56 -0.14 0.23
C ALA A 30 -8.85 0.16 -0.52
N HIS A 31 -9.98 -0.22 0.08
CA HIS A 31 -11.28 0.00 -0.55
C HIS A 31 -11.56 1.49 -0.70
N SER A 32 -11.26 2.26 0.34
CA SER A 32 -11.54 3.69 0.34
C SER A 32 -10.81 4.40 -0.79
N LEU A 33 -9.54 4.05 -0.97
CA LEU A 33 -8.73 4.65 -2.02
C LEU A 33 -9.28 4.32 -3.40
N ALA A 34 -9.70 3.06 -3.58
CA ALA A 34 -10.26 2.62 -4.85
C ALA A 34 -11.55 3.35 -5.16
N GLN A 35 -12.39 3.54 -4.15
CA GLN A 35 -13.69 4.17 -4.32
C GLN A 35 -13.52 5.61 -4.83
N ILE A 36 -12.46 6.27 -4.38
CA ILE A 36 -12.23 7.67 -4.75
C ILE A 36 -11.28 7.76 -5.93
N GLY A 37 -11.01 6.63 -6.57
CA GLY A 37 -10.34 6.64 -7.85
C GLY A 37 -8.83 6.80 -7.73
N ILE A 38 -8.32 6.55 -6.53
CA ILE A 38 -6.88 6.68 -6.27
C ILE A 38 -6.18 5.34 -6.45
N ARG A 39 -5.16 5.31 -7.28
CA ARG A 39 -4.30 4.14 -7.43
C ARG A 39 -3.27 4.08 -6.31
N PHE A 40 -2.94 2.87 -5.88
CA PHE A 40 -2.03 2.69 -4.75
C PHE A 40 -1.32 1.33 -4.84
N VAL A 41 -0.23 1.20 -4.10
CA VAL A 41 0.43 -0.10 -3.93
C VAL A 41 0.49 -0.49 -2.46
N PRO A 42 -0.01 -1.70 -2.16
CA PRO A 42 -0.13 -2.18 -0.77
C PRO A 42 1.20 -2.66 -0.21
N ILE A 43 2.06 -1.72 0.18
CA ILE A 43 3.37 -2.05 0.70
C ILE A 43 3.28 -2.68 2.09
N PRO A 44 3.86 -3.88 2.23
CA PRO A 44 3.77 -4.65 3.49
C PRO A 44 4.66 -4.06 4.58
N VAL A 45 4.38 -4.45 5.83
CA VAL A 45 5.17 -3.99 6.97
C VAL A 45 5.69 -5.17 7.79
N GLU A 46 6.74 -4.91 8.56
CA GLU A 46 7.28 -5.92 9.47
C GLU A 46 7.00 -5.54 10.92
N THR A 47 7.02 -4.24 11.20
CA THR A 47 6.95 -3.76 12.57
C THR A 47 5.70 -2.92 12.79
N ASP A 48 5.07 -3.10 13.95
CA ASP A 48 3.84 -2.39 14.27
C ASP A 48 4.07 -0.88 14.23
N GLU A 49 5.22 -0.43 14.72
CA GLU A 49 5.59 0.96 14.66
C GLU A 49 5.73 1.43 13.20
N GLU A 50 6.28 0.55 12.36
CA GLU A 50 6.40 0.84 10.94
C GLU A 50 5.02 1.03 10.31
N PHE A 51 4.06 0.21 10.73
CA PHE A 51 2.70 0.29 10.22
C PHE A 51 2.08 1.64 10.55
N HIS A 52 2.22 2.06 11.81
CA HIS A 52 1.63 3.30 12.27
C HIS A 52 2.27 4.50 11.56
N THR A 53 3.59 4.45 11.40
CA THR A 53 4.31 5.52 10.72
C THR A 53 3.97 5.56 9.24
N LEU A 54 3.92 4.38 8.63
CA LEU A 54 3.56 4.27 7.21
C LEU A 54 2.12 4.70 6.99
N ALA A 55 1.24 4.34 7.91
CA ALA A 55 -0.14 4.80 7.88
C ALA A 55 -0.21 6.32 7.97
N ALA A 56 0.65 6.91 8.79
CA ALA A 56 0.77 8.35 8.86
C ALA A 56 1.19 8.95 7.53
N SER A 57 2.11 8.27 6.85
CA SER A 57 2.54 8.68 5.52
C SER A 57 1.39 8.59 4.52
N LEU A 58 0.60 7.53 4.64
CA LEU A 58 -0.58 7.35 3.79
C LEU A 58 -1.54 8.53 3.93
N SER A 59 -1.80 8.93 5.16
CA SER A 59 -2.72 10.02 5.44
C SER A 59 -2.17 11.34 4.90
N GLN A 60 -0.88 11.56 5.12
CA GLN A 60 -0.23 12.80 4.69
C GLN A 60 -0.24 12.92 3.16
N LYS A 61 0.17 11.85 2.49
CA LYS A 61 0.30 11.87 1.04
C LYS A 61 -1.08 12.00 0.38
N LEU A 62 -2.04 11.24 0.88
CA LEU A 62 -3.38 11.22 0.30
C LEU A 62 -4.03 12.59 0.38
N GLU A 63 -3.90 13.23 1.54
CA GLU A 63 -4.51 14.54 1.77
C GLU A 63 -3.95 15.57 0.80
N MET A 64 -2.64 15.54 0.59
CA MET A 64 -1.98 16.46 -0.32
C MET A 64 -2.43 16.22 -1.76
N MET A 65 -2.62 14.95 -2.10
CA MET A 65 -3.08 14.59 -3.44
C MET A 65 -4.50 15.07 -3.68
N VAL A 66 -5.36 14.91 -2.67
CA VAL A 66 -6.80 15.10 -2.84
C VAL A 66 -7.19 16.54 -2.57
N ALA A 67 -6.79 17.05 -1.41
CA ALA A 67 -7.25 18.36 -0.94
C ALA A 67 -6.46 19.49 -1.58
N LYS A 68 -7.13 20.31 -2.37
CA LYS A 68 -6.48 21.40 -3.07
C LYS A 68 -7.19 22.73 -2.79
N SER B 26 -11.69 -6.70 -5.38
CA SER B 26 -11.55 -5.28 -5.69
C SER B 26 -10.11 -4.95 -6.06
N ILE B 27 -9.19 -5.21 -5.14
CA ILE B 27 -7.77 -4.96 -5.37
C ILE B 27 -6.95 -6.22 -5.17
N GLU B 28 -6.46 -6.80 -6.26
CA GLU B 28 -5.90 -8.14 -6.24
C GLU B 28 -4.68 -8.20 -5.32
N MET B 29 -3.84 -7.18 -5.38
CA MET B 29 -2.64 -7.11 -4.57
C MET B 29 -2.99 -7.05 -3.09
N ALA B 30 -3.95 -6.21 -2.75
CA ALA B 30 -4.36 -6.03 -1.36
C ALA B 30 -4.97 -7.30 -0.79
N HIS B 31 -5.81 -7.95 -1.57
CA HIS B 31 -6.47 -9.18 -1.14
C HIS B 31 -5.45 -10.29 -0.91
N SER B 32 -4.50 -10.40 -1.84
CA SER B 32 -3.50 -11.47 -1.78
C SER B 32 -2.68 -11.37 -0.49
N LEU B 33 -2.27 -10.16 -0.15
CA LEU B 33 -1.48 -9.93 1.05
C LEU B 33 -2.26 -10.29 2.31
N ALA B 34 -3.54 -9.92 2.33
CA ALA B 34 -4.41 -10.20 3.46
C ALA B 34 -4.60 -11.70 3.63
N GLN B 35 -4.77 -12.42 2.52
CA GLN B 35 -5.02 -13.85 2.56
C GLN B 35 -3.84 -14.59 3.18
N ILE B 36 -2.63 -14.09 2.95
CA ILE B 36 -1.42 -14.73 3.45
C ILE B 36 -0.98 -14.11 4.77
N GLY B 37 -1.84 -13.27 5.35
CA GLY B 37 -1.64 -12.84 6.72
C GLY B 37 -0.65 -11.71 6.82
N ILE B 38 -0.38 -11.04 5.71
CA ILE B 38 0.57 -9.95 5.68
C ILE B 38 -0.14 -8.61 5.84
N ARG B 39 0.30 -7.83 6.82
CA ARG B 39 -0.19 -6.46 7.01
C ARG B 39 0.52 -5.50 6.05
N PHE B 40 -0.21 -4.50 5.58
CA PHE B 40 0.31 -3.57 4.59
C PHE B 40 -0.39 -2.22 4.68
N VAL B 41 0.23 -1.20 4.10
CA VAL B 41 -0.43 0.10 3.93
C VAL B 41 -0.49 0.50 2.47
N PRO B 42 -1.70 0.81 1.99
CA PRO B 42 -1.95 1.10 0.57
C PRO B 42 -1.51 2.51 0.19
N ILE B 43 -0.20 2.68 0.00
CA ILE B 43 0.35 3.98 -0.35
C ILE B 43 0.00 4.37 -1.78
N PRO B 44 -0.62 5.55 -1.93
CA PRO B 44 -1.11 6.03 -3.24
C PRO B 44 0.02 6.49 -4.13
N VAL B 45 -0.26 6.59 -5.44
CA VAL B 45 0.73 7.04 -6.40
C VAL B 45 0.20 8.21 -7.23
N GLU B 46 1.10 8.98 -7.82
CA GLU B 46 0.73 10.06 -8.71
C GLU B 46 1.10 9.73 -10.16
N THR B 47 2.21 9.01 -10.33
CA THR B 47 2.76 8.78 -11.66
C THR B 47 2.76 7.29 -11.99
N ASP B 48 2.43 6.98 -13.24
CA ASP B 48 2.36 5.59 -13.68
C ASP B 48 3.70 4.89 -13.49
N GLU B 49 4.79 5.61 -13.78
CA GLU B 49 6.14 5.09 -13.54
C GLU B 49 6.36 4.83 -12.06
N GLU B 50 5.84 5.72 -11.22
CA GLU B 50 5.92 5.54 -9.77
C GLU B 50 5.21 4.26 -9.35
N PHE B 51 4.06 4.00 -9.96
CA PHE B 51 3.28 2.81 -9.65
C PHE B 51 4.07 1.54 -9.98
N HIS B 52 4.68 1.52 -11.15
CA HIS B 52 5.43 0.35 -11.60
C HIS B 52 6.64 0.11 -10.73
N THR B 53 7.33 1.19 -10.37
CA THR B 53 8.51 1.11 -9.52
C THR B 53 8.13 0.71 -8.10
N LEU B 54 7.06 1.30 -7.59
CA LEU B 54 6.55 0.96 -6.26
C LEU B 54 6.04 -0.48 -6.21
N ALA B 55 5.40 -0.90 -7.28
CA ALA B 55 4.98 -2.30 -7.41
C ALA B 55 6.19 -3.23 -7.41
N ALA B 56 7.27 -2.80 -8.03
CA ALA B 56 8.52 -3.54 -7.99
C ALA B 56 9.04 -3.65 -6.56
N SER B 57 8.91 -2.56 -5.80
CA SER B 57 9.29 -2.57 -4.40
C SER B 57 8.42 -3.52 -3.60
N LEU B 58 7.13 -3.54 -3.91
CA LEU B 58 6.19 -4.45 -3.25
C LEU B 58 6.62 -5.89 -3.45
N SER B 59 6.98 -6.24 -4.68
CA SER B 59 7.39 -7.61 -5.00
C SER B 59 8.68 -7.97 -4.28
N GLN B 60 9.63 -7.04 -4.28
CA GLN B 60 10.94 -7.27 -3.67
C GLN B 60 10.81 -7.46 -2.17
N LYS B 61 10.07 -6.55 -1.52
CA LYS B 61 9.93 -6.57 -0.07
C LYS B 61 9.17 -7.81 0.39
N LEU B 62 8.07 -8.11 -0.31
CA LEU B 62 7.22 -9.23 0.06
C LEU B 62 7.98 -10.55 -0.01
N GLU B 63 8.73 -10.73 -1.08
CA GLU B 63 9.48 -11.97 -1.30
C GLU B 63 10.50 -12.19 -0.17
N MET B 64 11.18 -11.12 0.22
CA MET B 64 12.17 -11.18 1.29
C MET B 64 11.50 -11.52 2.62
N MET B 65 10.31 -10.97 2.83
CA MET B 65 9.56 -11.23 4.06
C MET B 65 9.11 -12.68 4.12
N VAL B 66 8.65 -13.20 2.98
CA VAL B 66 7.97 -14.49 2.95
C VAL B 66 8.95 -15.63 2.74
N ALA B 67 9.76 -15.51 1.70
CA ALA B 67 10.62 -16.61 1.26
C ALA B 67 11.90 -16.67 2.10
N LYS B 68 12.06 -17.77 2.84
CA LYS B 68 13.22 -17.93 3.71
C LYS B 68 13.93 -19.24 3.43
N SER A 26 -13.71 -5.03 3.26
CA SER A 26 -12.56 -5.80 3.71
C SER A 26 -11.45 -4.87 4.20
N ILE A 27 -10.81 -4.17 3.27
CA ILE A 27 -9.64 -3.35 3.59
C ILE A 27 -9.95 -1.87 3.41
N GLU A 28 -10.21 -1.19 4.52
CA GLU A 28 -10.82 0.14 4.47
C GLU A 28 -9.93 1.12 3.74
N MET A 29 -8.63 1.04 4.00
CA MET A 29 -7.67 1.96 3.38
C MET A 29 -7.63 1.79 1.88
N ALA A 30 -7.58 0.52 1.44
CA ALA A 30 -7.54 0.22 0.00
C ALA A 30 -8.83 0.64 -0.68
N HIS A 31 -9.96 0.38 -0.05
CA HIS A 31 -11.25 0.68 -0.63
C HIS A 31 -11.42 2.18 -0.86
N SER A 32 -11.03 2.97 0.13
CA SER A 32 -11.15 4.42 0.05
C SER A 32 -10.34 4.98 -1.11
N LEU A 33 -9.12 4.48 -1.26
CA LEU A 33 -8.26 4.86 -2.38
C LEU A 33 -8.87 4.40 -3.70
N ALA A 34 -9.40 3.17 -3.71
CA ALA A 34 -9.98 2.60 -4.92
C ALA A 34 -11.19 3.39 -5.37
N GLN A 35 -12.00 3.83 -4.41
CA GLN A 35 -13.26 4.51 -4.73
C GLN A 35 -12.99 5.81 -5.48
N ILE A 36 -11.86 6.45 -5.18
CA ILE A 36 -11.51 7.72 -5.79
C ILE A 36 -10.66 7.53 -7.04
N GLY A 37 -10.45 6.26 -7.41
CA GLY A 37 -9.88 5.96 -8.71
C GLY A 37 -8.39 6.18 -8.75
N ILE A 38 -7.77 6.26 -7.59
CA ILE A 38 -6.35 6.55 -7.50
C ILE A 38 -5.51 5.28 -7.62
N ARG A 39 -4.32 5.41 -8.20
CA ARG A 39 -3.35 4.33 -8.21
C ARG A 39 -2.61 4.24 -6.88
N PHE A 40 -2.49 3.02 -6.36
CA PHE A 40 -1.83 2.80 -5.09
C PHE A 40 -1.27 1.39 -5.00
N VAL A 41 -0.26 1.20 -4.15
CA VAL A 41 0.30 -0.12 -3.92
C VAL A 41 0.42 -0.41 -2.43
N PRO A 42 -0.12 -1.57 -2.01
CA PRO A 42 -0.05 -2.01 -0.62
C PRO A 42 1.34 -2.55 -0.26
N ILE A 43 2.01 -1.85 0.66
CA ILE A 43 3.37 -2.22 1.05
C ILE A 43 3.39 -2.84 2.44
N PRO A 44 3.96 -4.05 2.54
CA PRO A 44 4.04 -4.78 3.82
C PRO A 44 5.11 -4.20 4.74
N VAL A 45 4.95 -4.44 6.04
CA VAL A 45 5.95 -4.05 7.02
C VAL A 45 6.33 -5.23 7.91
N GLU A 46 7.38 -5.05 8.71
CA GLU A 46 7.83 -6.08 9.62
C GLU A 46 7.38 -5.78 11.05
N THR A 47 7.32 -4.50 11.38
CA THR A 47 7.04 -4.08 12.75
C THR A 47 5.72 -3.32 12.83
N ASP A 48 4.96 -3.58 13.88
CA ASP A 48 3.65 -2.95 14.05
C ASP A 48 3.77 -1.43 14.05
N GLU A 49 4.87 -0.92 14.59
CA GLU A 49 5.14 0.51 14.61
C GLU A 49 5.25 1.06 13.19
N GLU A 50 5.85 0.28 12.30
CA GLU A 50 6.00 0.68 10.91
C GLU A 50 4.64 0.81 10.24
N PHE A 51 3.72 -0.10 10.58
CA PHE A 51 2.37 -0.07 10.03
C PHE A 51 1.66 1.23 10.44
N HIS A 52 1.73 1.56 11.73
CA HIS A 52 1.04 2.73 12.25
C HIS A 52 1.64 4.01 11.68
N THR A 53 2.96 4.05 11.57
CA THR A 53 3.65 5.20 11.02
C THR A 53 3.38 5.35 9.53
N LEU A 54 3.39 4.22 8.81
CA LEU A 54 3.11 4.21 7.38
C LEU A 54 1.66 4.61 7.12
N ALA A 55 0.75 4.13 7.96
CA ALA A 55 -0.64 4.52 7.88
C ALA A 55 -0.80 6.02 8.09
N ALA A 56 -0.07 6.57 9.04
CA ALA A 56 -0.04 8.01 9.27
C ALA A 56 0.48 8.75 8.04
N SER A 57 1.50 8.18 7.40
CA SER A 57 2.06 8.74 6.18
C SER A 57 1.03 8.71 5.06
N LEU A 58 0.29 7.62 4.97
CA LEU A 58 -0.76 7.47 3.96
C LEU A 58 -1.80 8.58 4.11
N SER A 59 -2.23 8.83 5.34
CA SER A 59 -3.24 9.85 5.61
C SER A 59 -2.71 11.24 5.24
N GLN A 60 -1.46 11.50 5.61
CA GLN A 60 -0.83 12.78 5.30
C GLN A 60 -0.69 12.99 3.80
N LYS A 61 -0.19 11.96 3.12
CA LYS A 61 0.08 12.05 1.69
C LYS A 61 -1.21 12.21 0.91
N LEU A 62 -2.20 11.39 1.21
CA LEU A 62 -3.46 11.38 0.48
C LEU A 62 -4.17 12.73 0.60
N GLU A 63 -4.20 13.26 1.81
CA GLU A 63 -4.87 14.54 2.07
C GLU A 63 -4.24 15.65 1.24
N MET A 64 -2.91 15.66 1.19
CA MET A 64 -2.19 16.67 0.42
C MET A 64 -2.45 16.51 -1.07
N MET A 65 -2.53 15.27 -1.52
CA MET A 65 -2.80 14.99 -2.94
C MET A 65 -4.20 15.46 -3.33
N VAL A 66 -5.15 15.27 -2.43
CA VAL A 66 -6.54 15.60 -2.71
C VAL A 66 -6.79 17.10 -2.54
N ALA A 67 -6.26 17.66 -1.46
CA ALA A 67 -6.48 19.07 -1.14
C ALA A 67 -5.92 19.97 -2.24
N LYS A 68 -6.64 21.05 -2.53
CA LYS A 68 -6.20 22.02 -3.52
C LYS A 68 -6.21 23.43 -2.96
N SER B 26 -11.36 -7.95 -5.64
CA SER B 26 -11.26 -6.52 -5.97
C SER B 26 -9.82 -6.12 -6.22
N ILE B 27 -9.02 -6.08 -5.14
CA ILE B 27 -7.66 -5.59 -5.23
C ILE B 27 -6.65 -6.71 -4.98
N GLU B 28 -6.08 -7.24 -6.06
CA GLU B 28 -5.36 -8.51 -6.00
C GLU B 28 -4.16 -8.41 -5.07
N MET B 29 -3.45 -7.29 -5.14
CA MET B 29 -2.25 -7.09 -4.33
C MET B 29 -2.60 -7.07 -2.84
N ALA B 30 -3.66 -6.34 -2.50
CA ALA B 30 -4.10 -6.24 -1.11
C ALA B 30 -4.59 -7.58 -0.58
N HIS B 31 -5.34 -8.30 -1.41
CA HIS B 31 -5.93 -9.57 -1.00
C HIS B 31 -4.84 -10.58 -0.69
N SER B 32 -3.82 -10.65 -1.54
CA SER B 32 -2.73 -11.61 -1.36
C SER B 32 -2.00 -11.35 -0.05
N LEU B 33 -1.73 -10.09 0.24
CA LEU B 33 -1.10 -9.70 1.50
C LEU B 33 -2.01 -10.02 2.68
N ALA B 34 -3.31 -9.74 2.51
CA ALA B 34 -4.27 -9.97 3.57
C ALA B 34 -4.40 -11.46 3.90
N GLN B 35 -4.36 -12.29 2.87
CA GLN B 35 -4.55 -13.72 3.04
C GLN B 35 -3.47 -14.32 3.92
N ILE B 36 -2.27 -13.75 3.84
CA ILE B 36 -1.12 -14.26 4.59
C ILE B 36 -0.99 -13.55 5.94
N GLY B 37 -1.95 -12.68 6.24
CA GLY B 37 -2.07 -12.14 7.58
C GLY B 37 -1.04 -11.06 7.86
N ILE B 38 -0.46 -10.52 6.80
CA ILE B 38 0.60 -9.52 6.95
C ILE B 38 0.03 -8.11 7.10
N ARG B 39 0.72 -7.28 7.86
CA ARG B 39 0.39 -5.86 7.94
C ARG B 39 0.94 -5.11 6.72
N PHE B 40 0.09 -4.27 6.14
CA PHE B 40 0.48 -3.50 4.96
C PHE B 40 -0.34 -2.22 4.85
N VAL B 41 0.21 -1.22 4.16
CA VAL B 41 -0.51 0.02 3.90
C VAL B 41 -0.46 0.40 2.43
N PRO B 42 -1.64 0.66 1.85
CA PRO B 42 -1.75 1.09 0.45
C PRO B 42 -1.34 2.54 0.25
N ILE B 43 -0.27 2.76 -0.49
CA ILE B 43 0.26 4.10 -0.70
C ILE B 43 -0.02 4.59 -2.12
N PRO B 44 -0.66 5.76 -2.23
CA PRO B 44 -1.02 6.35 -3.52
C PRO B 44 0.20 6.94 -4.24
N VAL B 45 0.10 7.05 -5.56
CA VAL B 45 1.13 7.72 -6.35
C VAL B 45 0.52 8.78 -7.26
N GLU B 46 1.38 9.59 -7.87
CA GLU B 46 0.94 10.62 -8.79
C GLU B 46 1.13 10.18 -10.24
N THR B 47 2.20 9.42 -10.48
CA THR B 47 2.57 9.05 -11.85
C THR B 47 2.46 7.55 -12.06
N ASP B 48 1.97 7.15 -13.23
CA ASP B 48 1.76 5.75 -13.54
C ASP B 48 3.07 4.97 -13.40
N GLU B 49 4.18 5.61 -13.73
CA GLU B 49 5.50 4.99 -13.60
C GLU B 49 5.78 4.65 -12.14
N GLU B 50 5.37 5.53 -11.24
CA GLU B 50 5.56 5.31 -9.81
C GLU B 50 4.81 4.08 -9.34
N PHE B 51 3.60 3.89 -9.88
CA PHE B 51 2.79 2.73 -9.55
C PHE B 51 3.49 1.44 -9.96
N HIS B 52 3.98 1.40 -11.19
CA HIS B 52 4.63 0.21 -11.72
C HIS B 52 5.91 -0.11 -10.96
N THR B 53 6.68 0.94 -10.65
CA THR B 53 7.93 0.77 -9.92
C THR B 53 7.65 0.36 -8.48
N LEU B 54 6.66 0.97 -7.86
CA LEU B 54 6.27 0.64 -6.49
C LEU B 54 5.73 -0.79 -6.41
N ALA B 55 4.96 -1.18 -7.42
CA ALA B 55 4.47 -2.55 -7.52
C ALA B 55 5.62 -3.54 -7.63
N ALA B 56 6.63 -3.17 -8.42
CA ALA B 56 7.84 -3.98 -8.53
C ALA B 56 8.55 -4.08 -7.18
N SER B 57 8.58 -2.96 -6.45
CA SER B 57 9.18 -2.95 -5.12
C SER B 57 8.40 -3.85 -4.17
N LEU B 58 7.07 -3.82 -4.28
CA LEU B 58 6.22 -4.66 -3.45
C LEU B 58 6.54 -6.13 -3.65
N SER B 59 6.68 -6.53 -4.91
CA SER B 59 6.98 -7.92 -5.25
C SER B 59 8.35 -8.33 -4.71
N GLN B 60 9.32 -7.43 -4.87
CA GLN B 60 10.68 -7.69 -4.38
C GLN B 60 10.70 -7.81 -2.86
N LYS B 61 10.04 -6.86 -2.19
CA LYS B 61 10.06 -6.80 -0.73
C LYS B 61 9.34 -8.00 -0.13
N LEU B 62 8.16 -8.30 -0.66
CA LEU B 62 7.34 -9.38 -0.11
C LEU B 62 8.04 -10.72 -0.23
N GLU B 63 8.63 -10.97 -1.39
CA GLU B 63 9.32 -12.23 -1.65
C GLU B 63 10.46 -12.43 -0.65
N MET B 64 11.22 -11.36 -0.40
CA MET B 64 12.33 -11.42 0.54
C MET B 64 11.84 -11.66 1.96
N MET B 65 10.71 -11.05 2.31
CA MET B 65 10.13 -11.20 3.63
C MET B 65 9.66 -12.64 3.85
N VAL B 66 9.09 -13.24 2.81
CA VAL B 66 8.54 -14.57 2.91
C VAL B 66 9.63 -15.63 2.82
N ALA B 67 10.54 -15.44 1.86
CA ALA B 67 11.60 -16.41 1.63
C ALA B 67 12.49 -16.57 2.86
N LYS B 68 12.92 -17.80 3.12
CA LYS B 68 13.80 -18.08 4.25
C LYS B 68 15.03 -18.86 3.80
N SER A 26 -6.79 -4.41 9.37
CA SER A 26 -7.83 -3.81 8.53
C SER A 26 -7.25 -3.33 7.21
N ILE A 27 -7.98 -3.56 6.13
CA ILE A 27 -7.62 -3.03 4.82
C ILE A 27 -8.66 -2.06 4.30
N GLU A 28 -9.38 -1.42 5.23
CA GLU A 28 -10.44 -0.48 4.85
C GLU A 28 -9.87 0.69 4.05
N MET A 29 -8.68 1.15 4.44
CA MET A 29 -8.02 2.23 3.73
C MET A 29 -7.81 1.88 2.27
N ALA A 30 -7.40 0.64 2.01
CA ALA A 30 -7.20 0.17 0.65
C ALA A 30 -8.50 0.20 -0.15
N HIS A 31 -9.58 -0.24 0.48
CA HIS A 31 -10.90 -0.22 -0.15
C HIS A 31 -11.34 1.22 -0.43
N SER A 32 -11.09 2.11 0.53
CA SER A 32 -11.49 3.51 0.39
C SER A 32 -10.80 4.15 -0.81
N LEU A 33 -9.52 3.85 -0.98
CA LEU A 33 -8.76 4.38 -2.11
C LEU A 33 -9.33 3.88 -3.44
N ALA A 34 -9.71 2.60 -3.48
CA ALA A 34 -10.32 2.03 -4.65
C ALA A 34 -11.66 2.70 -4.96
N GLN A 35 -12.43 2.97 -3.91
CA GLN A 35 -13.74 3.59 -4.07
C GLN A 35 -13.62 4.98 -4.67
N ILE A 36 -12.57 5.69 -4.29
CA ILE A 36 -12.36 7.05 -4.77
C ILE A 36 -11.54 7.06 -6.05
N GLY A 37 -11.07 5.89 -6.47
CA GLY A 37 -10.49 5.73 -7.79
C GLY A 37 -9.01 6.02 -7.81
N ILE A 38 -8.38 6.01 -6.63
CA ILE A 38 -6.95 6.23 -6.52
C ILE A 38 -6.19 4.92 -6.50
N ARG A 39 -5.27 4.75 -7.46
CA ARG A 39 -4.40 3.59 -7.48
C ARG A 39 -3.37 3.66 -6.35
N PHE A 40 -2.99 2.50 -5.84
CA PHE A 40 -2.03 2.43 -4.73
C PHE A 40 -1.21 1.14 -4.80
N VAL A 41 -0.09 1.13 -4.09
CA VAL A 41 0.69 -0.09 -3.91
C VAL A 41 0.73 -0.50 -2.44
N PRO A 42 0.23 -1.72 -2.15
CA PRO A 42 0.03 -2.18 -0.77
C PRO A 42 1.33 -2.67 -0.13
N ILE A 43 2.15 -1.73 0.30
CA ILE A 43 3.44 -2.07 0.91
C ILE A 43 3.25 -2.76 2.26
N PRO A 44 3.78 -3.97 2.38
CA PRO A 44 3.57 -4.82 3.57
C PRO A 44 4.42 -4.36 4.75
N VAL A 45 3.97 -4.68 5.96
CA VAL A 45 4.75 -4.44 7.17
C VAL A 45 4.80 -5.68 8.06
N GLU A 46 5.77 -5.69 8.98
CA GLU A 46 5.82 -6.72 10.00
C GLU A 46 5.70 -6.11 11.39
N THR A 47 6.25 -4.91 11.55
CA THR A 47 6.35 -4.27 12.87
C THR A 47 5.36 -3.12 12.99
N ASP A 48 4.75 -3.01 14.17
CA ASP A 48 3.75 -1.98 14.40
C ASP A 48 4.31 -0.59 14.13
N GLU A 49 5.58 -0.40 14.46
CA GLU A 49 6.24 0.88 14.23
C GLU A 49 6.29 1.20 12.74
N GLU A 50 6.52 0.18 11.92
CA GLU A 50 6.53 0.34 10.47
C GLU A 50 5.16 0.77 9.96
N PHE A 51 4.11 0.15 10.52
CA PHE A 51 2.74 0.47 10.11
C PHE A 51 2.38 1.91 10.47
N HIS A 52 2.70 2.30 11.70
CA HIS A 52 2.30 3.60 12.22
C HIS A 52 2.97 4.73 11.44
N THR A 53 4.27 4.57 11.18
CA THR A 53 5.03 5.57 10.45
C THR A 53 4.62 5.62 8.98
N LEU A 54 4.46 4.45 8.39
CA LEU A 54 4.04 4.36 6.99
C LEU A 54 2.62 4.85 6.81
N ALA A 55 1.75 4.51 7.77
CA ALA A 55 0.38 4.99 7.77
C ALA A 55 0.33 6.51 7.84
N ALA A 56 1.21 7.10 8.64
CA ALA A 56 1.33 8.55 8.71
C ALA A 56 1.70 9.14 7.37
N SER A 57 2.59 8.47 6.65
CA SER A 57 2.96 8.88 5.31
C SER A 57 1.77 8.77 4.36
N LEU A 58 1.00 7.69 4.52
CA LEU A 58 -0.20 7.50 3.71
C LEU A 58 -1.19 8.64 3.92
N SER A 59 -1.41 9.01 5.18
CA SER A 59 -2.36 10.07 5.51
C SER A 59 -1.90 11.41 4.95
N GLN A 60 -0.62 11.69 5.09
CA GLN A 60 -0.06 12.95 4.61
C GLN A 60 -0.16 13.05 3.10
N LYS A 61 0.25 12.00 2.41
CA LYS A 61 0.27 12.00 0.95
C LYS A 61 -1.14 12.05 0.38
N LEU A 62 -2.03 11.23 0.94
CA LEU A 62 -3.39 11.12 0.43
C LEU A 62 -4.14 12.45 0.58
N GLU A 63 -3.99 13.07 1.75
CA GLU A 63 -4.67 14.34 2.02
C GLU A 63 -4.22 15.41 1.04
N MET A 64 -2.92 15.48 0.78
CA MET A 64 -2.38 16.41 -0.21
C MET A 64 -2.85 16.05 -1.61
N MET A 65 -2.95 14.75 -1.89
CA MET A 65 -3.36 14.27 -3.20
C MET A 65 -4.80 14.67 -3.51
N VAL A 66 -5.66 14.54 -2.50
CA VAL A 66 -7.08 14.82 -2.68
C VAL A 66 -7.37 16.32 -2.62
N ALA A 67 -6.79 16.98 -1.62
CA ALA A 67 -7.05 18.39 -1.38
C ALA A 67 -6.24 19.26 -2.33
N LYS A 68 -6.57 19.23 -3.61
CA LYS A 68 -5.87 20.03 -4.61
C LYS A 68 -6.36 21.47 -4.61
N SER B 26 -6.03 -2.22 -10.59
CA SER B 26 -6.25 -3.47 -9.87
C SER B 26 -5.73 -3.39 -8.44
N ILE B 27 -6.50 -3.94 -7.50
CA ILE B 27 -6.05 -4.04 -6.11
C ILE B 27 -5.94 -5.50 -5.68
N GLU B 28 -5.69 -6.38 -6.66
CA GLU B 28 -5.59 -7.81 -6.38
C GLU B 28 -4.44 -8.08 -5.41
N MET B 29 -3.34 -7.36 -5.58
CA MET B 29 -2.18 -7.50 -4.71
C MET B 29 -2.57 -7.24 -3.25
N ALA B 30 -3.38 -6.22 -3.03
CA ALA B 30 -3.85 -5.89 -1.69
C ALA B 30 -4.68 -7.02 -1.10
N HIS B 31 -5.56 -7.59 -1.92
CA HIS B 31 -6.37 -8.73 -1.48
C HIS B 31 -5.50 -9.93 -1.17
N SER B 32 -4.50 -10.17 -2.00
CA SER B 32 -3.60 -11.31 -1.82
C SER B 32 -2.87 -11.22 -0.48
N LEU B 33 -2.42 -10.03 -0.15
CA LEU B 33 -1.73 -9.80 1.12
C LEU B 33 -2.65 -10.08 2.30
N ALA B 34 -3.90 -9.65 2.18
CA ALA B 34 -4.90 -9.91 3.21
C ALA B 34 -5.16 -11.39 3.36
N GLN B 35 -5.22 -12.10 2.24
CA GLN B 35 -5.49 -13.53 2.25
C GLN B 35 -4.39 -14.29 2.97
N ILE B 36 -3.15 -13.83 2.81
CA ILE B 36 -2.00 -14.48 3.42
C ILE B 36 -1.71 -13.92 4.80
N GLY B 37 -2.47 -12.89 5.18
CA GLY B 37 -2.46 -12.43 6.56
C GLY B 37 -1.38 -11.39 6.82
N ILE B 38 -0.87 -10.80 5.75
CA ILE B 38 0.15 -9.76 5.88
C ILE B 38 -0.49 -8.36 5.87
N ARG B 39 -0.25 -7.60 6.94
CA ARG B 39 -0.69 -6.22 7.00
C ARG B 39 0.12 -5.34 6.05
N PHE B 40 -0.54 -4.32 5.51
CA PHE B 40 0.12 -3.42 4.55
C PHE B 40 -0.47 -2.01 4.65
N VAL B 41 0.26 -1.04 4.11
CA VAL B 41 -0.27 0.31 3.95
C VAL B 41 -0.36 0.69 2.47
N PRO B 42 -1.58 1.02 2.03
CA PRO B 42 -1.86 1.24 0.60
C PRO B 42 -1.43 2.62 0.12
N ILE B 43 -0.13 2.78 -0.11
CA ILE B 43 0.41 4.06 -0.54
C ILE B 43 -0.05 4.40 -1.96
N PRO B 44 -0.72 5.55 -2.10
CA PRO B 44 -1.35 5.96 -3.36
C PRO B 44 -0.33 6.48 -4.36
N VAL B 45 -0.67 6.40 -5.64
CA VAL B 45 0.16 6.98 -6.70
C VAL B 45 -0.68 7.81 -7.67
N GLU B 46 -0.01 8.67 -8.43
CA GLU B 46 -0.67 9.39 -9.52
C GLU B 46 -0.02 9.04 -10.85
N THR B 47 1.29 8.80 -10.84
CA THR B 47 2.04 8.62 -12.06
C THR B 47 2.44 7.16 -12.25
N ASP B 48 2.37 6.68 -13.49
CA ASP B 48 2.65 5.28 -13.80
C ASP B 48 4.07 4.91 -13.34
N GLU B 49 4.99 5.86 -13.46
CA GLU B 49 6.37 5.64 -13.03
C GLU B 49 6.43 5.37 -11.53
N GLU B 50 5.61 6.10 -10.77
CA GLU B 50 5.53 5.89 -9.33
C GLU B 50 5.03 4.50 -9.00
N PHE B 51 4.02 4.05 -9.75
CA PHE B 51 3.43 2.73 -9.53
C PHE B 51 4.45 1.63 -9.83
N HIS B 52 5.13 1.75 -10.97
CA HIS B 52 6.04 0.71 -11.42
C HIS B 52 7.21 0.54 -10.47
N THR B 53 7.78 1.66 -10.04
CA THR B 53 8.92 1.64 -9.13
C THR B 53 8.52 1.17 -7.74
N LEU B 54 7.38 1.67 -7.26
CA LEU B 54 6.86 1.28 -5.96
C LEU B 54 6.42 -0.18 -5.96
N ALA B 55 5.80 -0.60 -7.06
CA ALA B 55 5.41 -2.00 -7.23
C ALA B 55 6.63 -2.92 -7.18
N ALA B 56 7.72 -2.48 -7.79
CA ALA B 56 8.97 -3.21 -7.74
C ALA B 56 9.47 -3.37 -6.31
N SER B 57 9.32 -2.31 -5.52
CA SER B 57 9.66 -2.35 -4.10
C SER B 57 8.76 -3.32 -3.36
N LEU B 58 7.47 -3.32 -3.71
CA LEU B 58 6.51 -4.24 -3.11
C LEU B 58 6.91 -5.68 -3.38
N SER B 59 7.27 -5.98 -4.62
CA SER B 59 7.63 -7.34 -5.02
C SER B 59 8.90 -7.79 -4.29
N GLN B 60 9.88 -6.90 -4.22
CA GLN B 60 11.15 -7.22 -3.56
C GLN B 60 10.95 -7.47 -2.08
N LYS B 61 10.22 -6.59 -1.42
CA LYS B 61 10.02 -6.67 0.02
C LYS B 61 9.18 -7.89 0.37
N LEU B 62 8.09 -8.09 -0.36
CA LEU B 62 7.16 -9.18 -0.08
C LEU B 62 7.83 -10.54 -0.24
N GLU B 63 8.59 -10.69 -1.31
CA GLU B 63 9.27 -11.95 -1.59
C GLU B 63 10.25 -12.29 -0.47
N MET B 64 11.00 -11.30 -0.01
CA MET B 64 11.92 -11.47 1.11
C MET B 64 11.15 -11.76 2.40
N MET B 65 10.00 -11.11 2.55
CA MET B 65 9.19 -11.26 3.75
C MET B 65 8.64 -12.67 3.87
N VAL B 66 8.20 -13.23 2.74
CA VAL B 66 7.59 -14.56 2.73
C VAL B 66 8.66 -15.65 2.74
N ALA B 67 9.66 -15.49 1.89
CA ALA B 67 10.69 -16.51 1.73
C ALA B 67 11.74 -16.42 2.85
N LYS B 68 11.32 -16.78 4.06
CA LYS B 68 12.22 -16.75 5.21
C LYS B 68 13.11 -17.98 5.24
N SER A 26 -12.75 -5.57 3.55
CA SER A 26 -11.61 -6.37 4.02
C SER A 26 -10.49 -5.46 4.52
N ILE A 27 -10.06 -4.53 3.68
CA ILE A 27 -9.00 -3.61 4.03
C ILE A 27 -9.45 -2.16 3.84
N GLU A 28 -9.70 -1.48 4.96
CA GLU A 28 -10.38 -0.19 4.93
C GLU A 28 -9.58 0.84 4.13
N MET A 29 -8.27 0.83 4.32
CA MET A 29 -7.39 1.77 3.63
C MET A 29 -7.44 1.54 2.12
N ALA A 30 -7.36 0.27 1.71
CA ALA A 30 -7.34 -0.07 0.30
C ALA A 30 -8.66 0.29 -0.37
N HIS A 31 -9.76 -0.04 0.29
CA HIS A 31 -11.09 0.22 -0.26
C HIS A 31 -11.34 1.72 -0.40
N SER A 32 -10.95 2.48 0.61
CA SER A 32 -11.20 3.92 0.63
C SER A 32 -10.50 4.61 -0.54
N LEU A 33 -9.24 4.24 -0.77
CA LEU A 33 -8.46 4.79 -1.87
C LEU A 33 -9.07 4.40 -3.21
N ALA A 34 -9.51 3.15 -3.32
CA ALA A 34 -10.15 2.67 -4.54
C ALA A 34 -11.46 3.40 -4.80
N GLN A 35 -12.25 3.58 -3.75
CA GLN A 35 -13.56 4.19 -3.87
C GLN A 35 -13.46 5.63 -4.37
N ILE A 36 -12.39 6.31 -3.94
CA ILE A 36 -12.18 7.70 -4.33
C ILE A 36 -11.40 7.78 -5.65
N GLY A 37 -11.12 6.63 -6.24
CA GLY A 37 -10.63 6.60 -7.61
C GLY A 37 -9.14 6.84 -7.69
N ILE A 38 -8.45 6.66 -6.57
CA ILE A 38 -7.01 6.87 -6.51
C ILE A 38 -6.24 5.56 -6.59
N ARG A 39 -5.35 5.46 -7.58
CA ARG A 39 -4.47 4.31 -7.69
C ARG A 39 -3.46 4.29 -6.55
N PHE A 40 -3.21 3.10 -6.01
CA PHE A 40 -2.33 2.95 -4.86
C PHE A 40 -1.57 1.62 -4.91
N VAL A 41 -0.49 1.53 -4.16
CA VAL A 41 0.28 0.29 -4.06
C VAL A 41 0.37 -0.18 -2.62
N PRO A 42 -0.24 -1.34 -2.34
CA PRO A 42 -0.05 -2.05 -1.06
C PRO A 42 1.42 -2.40 -0.81
N ILE A 43 1.89 -2.07 0.38
CA ILE A 43 3.23 -2.49 0.82
C ILE A 43 3.17 -3.22 2.15
N PRO A 44 3.72 -4.44 2.19
CA PRO A 44 3.72 -5.27 3.40
C PRO A 44 4.66 -4.72 4.47
N VAL A 45 4.33 -5.00 5.73
CA VAL A 45 5.05 -4.41 6.86
C VAL A 45 5.51 -5.48 7.83
N GLU A 46 6.74 -5.33 8.32
CA GLU A 46 7.29 -6.24 9.32
C GLU A 46 7.05 -5.70 10.73
N THR A 47 7.14 -4.38 10.88
CA THR A 47 7.18 -3.75 12.19
C THR A 47 6.00 -2.82 12.40
N ASP A 48 5.40 -2.88 13.57
CA ASP A 48 4.22 -2.08 13.87
C ASP A 48 4.51 -0.59 13.71
N GLU A 49 5.71 -0.18 14.12
CA GLU A 49 6.12 1.21 13.99
C GLU A 49 6.17 1.63 12.51
N GLU A 50 6.65 0.72 11.67
CA GLU A 50 6.68 0.97 10.23
C GLU A 50 5.26 1.14 9.68
N PHE A 51 4.33 0.34 10.19
CA PHE A 51 2.94 0.42 9.76
C PHE A 51 2.36 1.80 10.07
N HIS A 52 2.60 2.29 11.29
CA HIS A 52 2.06 3.57 11.72
C HIS A 52 2.65 4.71 10.90
N THR A 53 3.95 4.62 10.61
CA THR A 53 4.64 5.65 9.84
C THR A 53 4.14 5.68 8.40
N LEU A 54 3.97 4.49 7.81
CA LEU A 54 3.44 4.38 6.46
C LEU A 54 2.00 4.87 6.41
N ALA A 55 1.22 4.53 7.43
CA ALA A 55 -0.16 4.97 7.53
C ALA A 55 -0.27 6.49 7.53
N ALA A 56 0.62 7.13 8.27
CA ALA A 56 0.74 8.59 8.25
C ALA A 56 1.13 9.07 6.85
N SER A 57 2.04 8.35 6.20
CA SER A 57 2.60 8.79 4.93
C SER A 57 1.53 8.81 3.85
N LEU A 58 0.69 7.77 3.84
CA LEU A 58 -0.37 7.66 2.84
C LEU A 58 -1.44 8.73 3.05
N SER A 59 -1.75 9.00 4.31
CA SER A 59 -2.75 10.01 4.65
C SER A 59 -2.31 11.40 4.20
N GLN A 60 -1.02 11.69 4.41
CA GLN A 60 -0.46 12.98 4.01
C GLN A 60 -0.55 13.16 2.50
N LYS A 61 -0.18 12.13 1.76
CA LYS A 61 -0.27 12.16 0.30
C LYS A 61 -1.73 12.25 -0.14
N LEU A 62 -2.59 11.49 0.52
CA LEU A 62 -4.01 11.48 0.19
C LEU A 62 -4.64 12.86 0.38
N GLU A 63 -4.31 13.50 1.49
CA GLU A 63 -4.83 14.83 1.80
C GLU A 63 -4.42 15.83 0.72
N MET A 64 -3.18 15.71 0.26
CA MET A 64 -2.68 16.57 -0.81
C MET A 64 -3.46 16.35 -2.10
N MET A 65 -3.80 15.10 -2.38
CA MET A 65 -4.58 14.76 -3.57
C MET A 65 -5.98 15.34 -3.48
N VAL A 66 -6.58 15.29 -2.29
CA VAL A 66 -7.96 15.72 -2.09
C VAL A 66 -8.05 17.24 -2.02
N ALA A 67 -7.10 17.85 -1.31
CA ALA A 67 -7.12 19.29 -1.10
C ALA A 67 -7.08 20.04 -2.43
N LYS A 68 -7.82 21.13 -2.51
CA LYS A 68 -7.83 21.97 -3.70
C LYS A 68 -7.04 23.26 -3.46
N SER B 26 -11.22 -6.81 -5.82
CA SER B 26 -11.15 -5.40 -6.18
C SER B 26 -9.71 -4.99 -6.44
N ILE B 27 -8.84 -5.24 -5.46
CA ILE B 27 -7.43 -4.89 -5.59
C ILE B 27 -6.54 -6.11 -5.36
N GLU B 28 -5.96 -6.62 -6.44
CA GLU B 28 -5.31 -7.92 -6.42
C GLU B 28 -4.14 -7.93 -5.44
N MET B 29 -3.37 -6.85 -5.43
CA MET B 29 -2.22 -6.74 -4.54
C MET B 29 -2.65 -6.77 -3.08
N ALA B 30 -3.69 -6.00 -2.76
CA ALA B 30 -4.17 -5.89 -1.39
C ALA B 30 -4.73 -7.22 -0.90
N HIS B 31 -5.51 -7.86 -1.74
CA HIS B 31 -6.14 -9.13 -1.38
C HIS B 31 -5.09 -10.22 -1.15
N SER B 32 -4.10 -10.27 -2.04
CA SER B 32 -3.07 -11.31 -1.98
C SER B 32 -2.29 -11.22 -0.67
N LEU B 33 -1.92 -10.00 -0.29
CA LEU B 33 -1.19 -9.79 0.95
C LEU B 33 -2.05 -10.15 2.16
N ALA B 34 -3.32 -9.80 2.11
CA ALA B 34 -4.26 -10.12 3.18
C ALA B 34 -4.45 -11.63 3.30
N GLN B 35 -4.60 -12.30 2.16
CA GLN B 35 -4.87 -13.73 2.13
C GLN B 35 -3.71 -14.51 2.74
N ILE B 36 -2.49 -14.02 2.53
CA ILE B 36 -1.31 -14.67 3.06
C ILE B 36 -0.99 -14.20 4.47
N GLY B 37 -1.86 -13.34 5.01
CA GLY B 37 -1.81 -13.03 6.42
C GLY B 37 -0.77 -11.97 6.75
N ILE B 38 -0.37 -11.21 5.73
CA ILE B 38 0.64 -10.17 5.91
C ILE B 38 -0.01 -8.79 6.00
N ARG B 39 0.26 -8.09 7.09
CA ARG B 39 -0.18 -6.72 7.25
C ARG B 39 0.54 -5.79 6.27
N PHE B 40 -0.20 -4.86 5.68
CA PHE B 40 0.36 -3.97 4.67
C PHE B 40 -0.31 -2.59 4.73
N VAL B 41 0.35 -1.60 4.15
CA VAL B 41 -0.21 -0.26 4.07
C VAL B 41 -0.33 0.21 2.62
N PRO B 42 -1.57 0.41 2.17
CA PRO B 42 -1.84 1.07 0.88
C PRO B 42 -1.26 2.48 0.82
N ILE B 43 -0.55 2.77 -0.26
CA ILE B 43 -0.08 4.12 -0.51
C ILE B 43 -0.49 4.60 -1.90
N PRO B 44 -1.17 5.76 -1.95
CA PRO B 44 -1.65 6.34 -3.20
C PRO B 44 -0.52 6.85 -4.07
N VAL B 45 -0.74 6.85 -5.39
CA VAL B 45 0.31 7.17 -6.35
C VAL B 45 -0.15 8.26 -7.33
N GLU B 46 0.73 9.20 -7.61
CA GLU B 46 0.45 10.24 -8.60
C GLU B 46 0.97 9.85 -9.97
N THR B 47 2.12 9.17 -10.00
CA THR B 47 2.84 8.94 -11.24
C THR B 47 2.96 7.45 -11.54
N ASP B 48 2.74 7.08 -12.80
CA ASP B 48 2.76 5.69 -13.21
C ASP B 48 4.11 5.05 -12.89
N GLU B 49 5.18 5.80 -13.09
CA GLU B 49 6.52 5.32 -12.78
C GLU B 49 6.68 5.02 -11.31
N GLU B 50 6.09 5.86 -10.46
CA GLU B 50 6.08 5.63 -9.02
C GLU B 50 5.34 4.35 -8.67
N PHE B 51 4.25 4.10 -9.38
CA PHE B 51 3.46 2.88 -9.16
C PHE B 51 4.30 1.65 -9.44
N HIS B 52 5.00 1.65 -10.57
CA HIS B 52 5.81 0.49 -10.98
C HIS B 52 6.94 0.25 -9.99
N THR B 53 7.56 1.33 -9.53
CA THR B 53 8.67 1.24 -8.59
C THR B 53 8.19 0.70 -7.23
N LEU B 54 7.06 1.21 -6.77
CA LEU B 54 6.47 0.73 -5.52
C LEU B 54 6.02 -0.73 -5.64
N ALA B 55 5.47 -1.07 -6.80
CA ALA B 55 5.05 -2.44 -7.05
C ALA B 55 6.22 -3.42 -6.97
N ALA B 56 7.36 -3.00 -7.51
CA ALA B 56 8.60 -3.75 -7.36
C ALA B 56 9.01 -3.83 -5.89
N SER B 57 8.86 -2.73 -5.17
CA SER B 57 9.33 -2.62 -3.80
C SER B 57 8.58 -3.59 -2.89
N LEU B 58 7.26 -3.66 -3.09
CA LEU B 58 6.43 -4.53 -2.27
C LEU B 58 6.71 -6.00 -2.55
N SER B 59 6.95 -6.31 -3.82
CA SER B 59 7.24 -7.69 -4.22
C SER B 59 8.55 -8.17 -3.61
N GLN B 60 9.55 -7.28 -3.60
CA GLN B 60 10.85 -7.61 -3.03
C GLN B 60 10.73 -7.90 -1.54
N LYS B 61 9.99 -7.06 -0.83
CA LYS B 61 9.73 -7.26 0.60
C LYS B 61 8.93 -8.52 0.82
N LEU B 62 7.92 -8.74 -0.02
CA LEU B 62 7.06 -9.90 0.10
C LEU B 62 7.84 -11.20 -0.07
N GLU B 63 8.72 -11.21 -1.08
CA GLU B 63 9.55 -12.39 -1.35
C GLU B 63 10.43 -12.72 -0.16
N MET B 64 10.97 -11.68 0.48
CA MET B 64 11.79 -11.86 1.67
C MET B 64 10.97 -12.47 2.81
N MET B 65 9.72 -12.03 2.94
CA MET B 65 8.83 -12.56 3.96
C MET B 65 8.53 -14.03 3.71
N VAL B 66 8.31 -14.38 2.45
CA VAL B 66 7.92 -15.74 2.09
C VAL B 66 9.11 -16.70 2.13
N ALA B 67 10.24 -16.23 1.61
CA ALA B 67 11.44 -17.06 1.51
C ALA B 67 11.87 -17.57 2.89
N LYS B 68 12.32 -18.81 2.93
CA LYS B 68 12.82 -19.39 4.17
C LYS B 68 14.35 -19.48 4.16
N SER A 26 -11.24 -7.83 3.62
CA SER A 26 -11.59 -6.45 3.32
C SER A 26 -10.65 -5.49 4.05
N ILE A 27 -10.05 -4.58 3.30
CA ILE A 27 -9.09 -3.63 3.86
C ILE A 27 -9.54 -2.20 3.66
N GLU A 28 -9.80 -1.51 4.76
CA GLU A 28 -10.46 -0.21 4.71
C GLU A 28 -9.62 0.80 3.94
N MET A 29 -8.31 0.78 4.17
CA MET A 29 -7.40 1.69 3.51
C MET A 29 -7.42 1.49 2.00
N ALA A 30 -7.36 0.23 1.57
CA ALA A 30 -7.34 -0.10 0.16
C ALA A 30 -8.66 0.29 -0.51
N HIS A 31 -9.76 -0.02 0.15
CA HIS A 31 -11.09 0.29 -0.39
C HIS A 31 -11.29 1.80 -0.54
N SER A 32 -10.87 2.55 0.46
CA SER A 32 -11.07 4.00 0.48
C SER A 32 -10.37 4.66 -0.70
N LEU A 33 -9.13 4.25 -0.93
CA LEU A 33 -8.34 4.78 -2.05
C LEU A 33 -8.98 4.42 -3.38
N ALA A 34 -9.45 3.18 -3.49
CA ALA A 34 -10.11 2.71 -4.70
C ALA A 34 -11.41 3.47 -4.95
N GLN A 35 -12.18 3.67 -3.89
CA GLN A 35 -13.48 4.33 -4.01
C GLN A 35 -13.32 5.76 -4.50
N ILE A 36 -12.23 6.41 -4.08
CA ILE A 36 -11.98 7.79 -4.46
C ILE A 36 -11.20 7.87 -5.76
N GLY A 37 -10.91 6.72 -6.35
CA GLY A 37 -10.39 6.66 -7.70
C GLY A 37 -8.89 6.88 -7.75
N ILE A 38 -8.23 6.68 -6.61
CA ILE A 38 -6.78 6.85 -6.53
C ILE A 38 -6.06 5.50 -6.65
N ARG A 39 -5.17 5.40 -7.63
CA ARG A 39 -4.29 4.25 -7.75
C ARG A 39 -3.31 4.19 -6.59
N PHE A 40 -3.01 2.98 -6.14
CA PHE A 40 -2.09 2.79 -5.02
C PHE A 40 -1.39 1.44 -5.11
N VAL A 41 -0.27 1.30 -4.42
CA VAL A 41 0.36 0.00 -4.22
C VAL A 41 0.54 -0.32 -2.75
N PRO A 42 -0.07 -1.43 -2.31
CA PRO A 42 0.13 -1.95 -0.95
C PRO A 42 1.61 -2.14 -0.62
N ILE A 43 2.01 -1.68 0.56
CA ILE A 43 3.36 -1.91 1.06
C ILE A 43 3.34 -2.72 2.35
N PRO A 44 4.02 -3.88 2.32
CA PRO A 44 4.07 -4.79 3.46
C PRO A 44 4.60 -4.12 4.72
N VAL A 45 4.08 -4.52 5.87
CA VAL A 45 4.53 -3.99 7.16
C VAL A 45 5.04 -5.11 8.06
N GLU A 46 6.15 -4.84 8.74
CA GLU A 46 6.75 -5.83 9.63
C GLU A 46 6.16 -5.74 11.02
N THR A 47 6.18 -4.54 11.60
CA THR A 47 5.88 -4.36 13.01
C THR A 47 4.88 -3.22 13.22
N ASP A 48 4.44 -3.04 14.46
CA ASP A 48 3.42 -2.05 14.77
C ASP A 48 3.93 -0.64 14.47
N GLU A 49 5.18 -0.37 14.83
CA GLU A 49 5.75 0.96 14.71
C GLU A 49 5.79 1.39 13.24
N GLU A 50 6.15 0.45 12.37
CA GLU A 50 6.17 0.72 10.94
C GLU A 50 4.77 1.05 10.41
N PHE A 51 3.78 0.34 10.93
CA PHE A 51 2.39 0.55 10.53
C PHE A 51 1.94 1.98 10.85
N HIS A 52 2.25 2.44 12.06
CA HIS A 52 1.82 3.74 12.51
C HIS A 52 2.46 4.85 11.68
N THR A 53 3.75 4.71 11.41
CA THR A 53 4.49 5.69 10.61
C THR A 53 4.08 5.62 9.15
N LEU A 54 3.94 4.40 8.62
CA LEU A 54 3.56 4.20 7.23
C LEU A 54 2.12 4.66 6.99
N ALA A 55 1.25 4.40 7.96
CA ALA A 55 -0.12 4.89 7.91
C ALA A 55 -0.15 6.42 7.89
N ALA A 56 0.75 7.04 8.64
CA ALA A 56 0.90 8.49 8.63
C ALA A 56 1.29 8.97 7.23
N SER A 57 2.18 8.24 6.57
CA SER A 57 2.60 8.57 5.22
C SER A 57 1.43 8.46 4.25
N LEU A 58 0.62 7.42 4.42
CA LEU A 58 -0.59 7.27 3.63
C LEU A 58 -1.54 8.44 3.83
N SER A 59 -1.74 8.82 5.10
CA SER A 59 -2.66 9.90 5.43
C SER A 59 -2.16 11.23 4.88
N GLN A 60 -0.86 11.48 5.04
CA GLN A 60 -0.27 12.74 4.60
C GLN A 60 -0.34 12.87 3.08
N LYS A 61 0.06 11.82 2.38
CA LYS A 61 0.11 11.84 0.92
C LYS A 61 -1.30 11.93 0.35
N LEU A 62 -2.21 11.13 0.89
CA LEU A 62 -3.60 11.10 0.41
C LEU A 62 -4.26 12.46 0.58
N GLU A 63 -4.12 13.04 1.77
CA GLU A 63 -4.78 14.31 2.09
C GLU A 63 -4.33 15.41 1.12
N MET A 64 -3.03 15.46 0.84
CA MET A 64 -2.49 16.46 -0.07
C MET A 64 -3.02 16.26 -1.49
N MET A 65 -3.14 15.00 -1.89
CA MET A 65 -3.64 14.67 -3.22
C MET A 65 -5.10 15.08 -3.38
N VAL A 66 -5.87 14.91 -2.31
CA VAL A 66 -7.30 15.21 -2.35
C VAL A 66 -7.57 16.70 -2.26
N ALA A 67 -6.87 17.36 -1.34
CA ALA A 67 -7.06 18.79 -1.12
C ALA A 67 -6.77 19.59 -2.38
N LYS A 68 -7.57 20.62 -2.63
CA LYS A 68 -7.36 21.50 -3.78
C LYS A 68 -7.31 22.96 -3.35
N SER B 26 -12.18 -4.28 -5.83
CA SER B 26 -11.31 -5.39 -5.50
C SER B 26 -9.89 -5.13 -5.99
N ILE B 27 -8.92 -5.23 -5.09
CA ILE B 27 -7.53 -4.96 -5.42
C ILE B 27 -6.65 -6.18 -5.19
N GLU B 28 -6.07 -6.70 -6.26
CA GLU B 28 -5.40 -8.00 -6.22
C GLU B 28 -4.22 -7.96 -5.26
N MET B 29 -3.47 -6.87 -5.29
CA MET B 29 -2.30 -6.71 -4.43
C MET B 29 -2.70 -6.72 -2.96
N ALA B 30 -3.75 -5.98 -2.63
CA ALA B 30 -4.21 -5.88 -1.25
C ALA B 30 -4.75 -7.22 -0.75
N HIS B 31 -5.52 -7.90 -1.60
CA HIS B 31 -6.10 -9.18 -1.24
C HIS B 31 -5.02 -10.23 -1.00
N SER B 32 -4.03 -10.25 -1.88
CA SER B 32 -2.97 -11.26 -1.81
C SER B 32 -2.20 -11.16 -0.50
N LEU B 33 -1.87 -9.94 -0.11
CA LEU B 33 -1.16 -9.70 1.15
C LEU B 33 -2.01 -10.10 2.34
N ALA B 34 -3.30 -9.77 2.28
CA ALA B 34 -4.23 -10.13 3.34
C ALA B 34 -4.39 -11.64 3.45
N GLN B 35 -4.51 -12.30 2.31
CA GLN B 35 -4.72 -13.75 2.29
C GLN B 35 -3.54 -14.48 2.91
N ILE B 36 -2.35 -13.95 2.70
CA ILE B 36 -1.13 -14.58 3.22
C ILE B 36 -0.82 -14.08 4.62
N GLY B 37 -1.69 -13.23 5.16
CA GLY B 37 -1.63 -12.88 6.57
C GLY B 37 -0.61 -11.80 6.85
N ILE B 38 -0.24 -11.05 5.81
CA ILE B 38 0.74 -9.97 5.96
C ILE B 38 0.04 -8.62 6.08
N ARG B 39 0.32 -7.92 7.17
CA ARG B 39 -0.13 -6.54 7.33
C ARG B 39 0.55 -5.62 6.33
N PHE B 40 -0.20 -4.64 5.83
CA PHE B 40 0.33 -3.69 4.86
C PHE B 40 -0.39 -2.35 4.95
N VAL B 41 0.24 -1.31 4.42
CA VAL B 41 -0.43 -0.02 4.22
C VAL B 41 -0.36 0.41 2.76
N PRO B 42 -1.54 0.60 2.15
CA PRO B 42 -1.65 1.17 0.81
C PRO B 42 -0.92 2.50 0.68
N ILE B 43 -0.13 2.64 -0.38
CA ILE B 43 0.52 3.91 -0.69
C ILE B 43 0.03 4.47 -2.02
N PRO B 44 -0.52 5.69 -1.98
CA PRO B 44 -1.06 6.35 -3.17
C PRO B 44 -0.02 6.47 -4.29
N VAL B 45 -0.49 6.38 -5.54
CA VAL B 45 0.39 6.54 -6.68
C VAL B 45 -0.08 7.67 -7.59
N GLU B 46 0.86 8.47 -8.08
CA GLU B 46 0.53 9.60 -8.95
C GLU B 46 0.48 9.17 -10.41
N THR B 47 1.54 8.53 -10.87
CA THR B 47 1.73 8.29 -12.29
C THR B 47 2.13 6.84 -12.55
N ASP B 48 2.20 6.47 -13.83
CA ASP B 48 2.47 5.10 -14.21
C ASP B 48 3.85 4.66 -13.73
N GLU B 49 4.83 5.55 -13.89
CA GLU B 49 6.22 5.23 -13.57
C GLU B 49 6.38 4.90 -12.09
N GLU B 50 5.68 5.66 -11.25
CA GLU B 50 5.70 5.42 -9.82
C GLU B 50 5.11 4.06 -9.48
N PHE B 51 4.03 3.70 -10.20
CA PHE B 51 3.37 2.42 -9.99
C PHE B 51 4.31 1.26 -10.26
N HIS B 52 5.04 1.34 -11.36
CA HIS B 52 5.93 0.26 -11.78
C HIS B 52 7.06 0.07 -10.78
N THR B 53 7.64 1.19 -10.33
CA THR B 53 8.72 1.15 -9.35
C THR B 53 8.22 0.74 -7.98
N LEU B 54 7.09 1.30 -7.58
CA LEU B 54 6.50 1.00 -6.28
C LEU B 54 6.02 -0.45 -6.22
N ALA B 55 5.45 -0.93 -7.33
CA ALA B 55 5.08 -2.33 -7.45
C ALA B 55 6.29 -3.24 -7.31
N ALA B 56 7.41 -2.81 -7.88
CA ALA B 56 8.66 -3.53 -7.72
C ALA B 56 9.08 -3.61 -6.25
N SER B 57 8.88 -2.51 -5.52
CA SER B 57 9.19 -2.47 -4.10
C SER B 57 8.30 -3.43 -3.32
N LEU B 58 7.02 -3.47 -3.69
CA LEU B 58 6.09 -4.43 -3.11
C LEU B 58 6.54 -5.86 -3.36
N SER B 59 6.91 -6.14 -4.60
CA SER B 59 7.32 -7.49 -4.99
C SER B 59 8.60 -7.90 -4.27
N GLN B 60 9.56 -6.99 -4.22
CA GLN B 60 10.86 -7.27 -3.60
C GLN B 60 10.70 -7.52 -2.10
N LYS B 61 9.97 -6.63 -1.44
CA LYS B 61 9.79 -6.72 0.01
C LYS B 61 8.98 -7.96 0.38
N LEU B 62 7.89 -8.19 -0.35
CA LEU B 62 7.02 -9.33 -0.08
C LEU B 62 7.77 -10.65 -0.25
N GLU B 63 8.50 -10.78 -1.35
CA GLU B 63 9.20 -12.01 -1.66
C GLU B 63 10.20 -12.37 -0.57
N MET B 64 10.93 -11.37 -0.09
CA MET B 64 11.92 -11.58 0.96
C MET B 64 11.24 -12.00 2.26
N MET B 65 10.09 -11.40 2.55
CA MET B 65 9.34 -11.72 3.77
C MET B 65 8.83 -13.15 3.73
N VAL B 66 8.41 -13.60 2.55
CA VAL B 66 7.83 -14.92 2.40
C VAL B 66 8.90 -16.01 2.38
N ALA B 67 9.98 -15.75 1.64
CA ALA B 67 11.05 -16.72 1.50
C ALA B 67 11.69 -17.05 2.85
N LYS B 68 12.04 -18.31 3.05
CA LYS B 68 12.68 -18.74 4.28
C LYS B 68 13.96 -19.51 3.98
N SER A 26 -5.86 -2.94 6.93
CA SER A 26 -5.23 -3.00 5.62
C SER A 26 -6.27 -2.94 4.51
N ILE A 27 -7.21 -3.88 4.54
CA ILE A 27 -8.27 -3.93 3.53
C ILE A 27 -9.12 -2.67 3.57
N GLU A 28 -9.37 -2.16 4.77
CA GLU A 28 -10.23 -1.00 4.95
C GLU A 28 -9.66 0.22 4.24
N MET A 29 -8.34 0.38 4.33
CA MET A 29 -7.66 1.45 3.62
C MET A 29 -7.75 1.25 2.12
N ALA A 30 -7.51 0.01 1.67
CA ALA A 30 -7.52 -0.31 0.25
C ALA A 30 -8.92 -0.08 -0.35
N HIS A 31 -9.94 -0.52 0.38
CA HIS A 31 -11.32 -0.35 -0.06
C HIS A 31 -11.66 1.13 -0.19
N SER A 32 -11.32 1.90 0.84
CA SER A 32 -11.68 3.31 0.89
C SER A 32 -11.06 4.07 -0.28
N LEU A 33 -9.79 3.79 -0.55
CA LEU A 33 -9.07 4.49 -1.62
C LEU A 33 -9.68 4.17 -2.98
N ALA A 34 -10.05 2.91 -3.18
CA ALA A 34 -10.66 2.48 -4.43
C ALA A 34 -12.00 3.18 -4.66
N GLN A 35 -12.79 3.28 -3.60
CA GLN A 35 -14.12 3.86 -3.70
C GLN A 35 -14.05 5.32 -4.13
N ILE A 36 -13.00 6.01 -3.72
CA ILE A 36 -12.83 7.41 -4.04
C ILE A 36 -11.91 7.60 -5.23
N GLY A 37 -11.63 6.51 -5.94
CA GLY A 37 -11.09 6.61 -7.28
C GLY A 37 -9.58 6.82 -7.28
N ILE A 38 -8.94 6.48 -6.17
CA ILE A 38 -7.49 6.64 -6.06
C ILE A 38 -6.79 5.30 -6.25
N ARG A 39 -5.84 5.28 -7.19
CA ARG A 39 -4.96 4.12 -7.36
C ARG A 39 -3.91 4.08 -6.26
N PHE A 40 -3.59 2.87 -5.81
CA PHE A 40 -2.63 2.70 -4.71
C PHE A 40 -1.85 1.39 -4.88
N VAL A 41 -0.70 1.31 -4.23
CA VAL A 41 0.04 0.06 -4.13
C VAL A 41 0.26 -0.34 -2.68
N PRO A 42 -0.30 -1.50 -2.30
CA PRO A 42 -0.09 -2.09 -0.98
C PRO A 42 1.39 -2.27 -0.65
N ILE A 43 1.78 -1.84 0.55
CA ILE A 43 3.12 -2.09 1.04
C ILE A 43 3.10 -2.99 2.27
N PRO A 44 3.75 -4.16 2.17
CA PRO A 44 3.80 -5.13 3.25
C PRO A 44 4.37 -4.54 4.54
N VAL A 45 3.87 -5.01 5.68
CA VAL A 45 4.36 -4.57 6.98
C VAL A 45 5.09 -5.69 7.70
N GLU A 46 6.24 -5.37 8.27
CA GLU A 46 6.96 -6.31 9.13
C GLU A 46 6.81 -5.93 10.60
N THR A 47 6.77 -4.62 10.86
CA THR A 47 6.74 -4.12 12.23
C THR A 47 5.56 -3.18 12.45
N ASP A 48 5.15 -3.05 13.70
CA ASP A 48 4.10 -2.10 14.06
C ASP A 48 4.51 -0.67 13.70
N GLU A 49 5.78 -0.36 13.90
CA GLU A 49 6.31 0.97 13.59
C GLU A 49 6.20 1.25 12.10
N GLU A 50 6.49 0.24 11.29
CA GLU A 50 6.38 0.36 9.84
C GLU A 50 4.94 0.66 9.42
N PHE A 51 3.99 0.00 10.08
CA PHE A 51 2.58 0.23 9.81
C PHE A 51 2.19 1.68 10.10
N HIS A 52 2.61 2.17 11.26
CA HIS A 52 2.27 3.53 11.68
C HIS A 52 2.92 4.55 10.75
N THR A 53 4.16 4.28 10.35
CA THR A 53 4.90 5.18 9.48
C THR A 53 4.28 5.23 8.09
N LEU A 54 3.92 4.07 7.57
CA LEU A 54 3.25 3.99 6.26
C LEU A 54 1.88 4.63 6.32
N ALA A 55 1.16 4.42 7.43
CA ALA A 55 -0.15 5.01 7.62
C ALA A 55 -0.07 6.54 7.61
N ALA A 56 0.95 7.08 8.27
CA ALA A 56 1.23 8.51 8.20
C ALA A 56 1.58 8.93 6.78
N SER A 57 2.36 8.10 6.10
CA SER A 57 2.89 8.45 4.78
C SER A 57 1.75 8.57 3.76
N LEU A 58 0.81 7.65 3.82
CA LEU A 58 -0.30 7.61 2.87
C LEU A 58 -1.24 8.80 3.10
N SER A 59 -1.46 9.14 4.37
CA SER A 59 -2.30 10.28 4.71
C SER A 59 -1.71 11.57 4.19
N GLN A 60 -0.40 11.72 4.30
CA GLN A 60 0.30 12.88 3.77
C GLN A 60 0.14 12.95 2.25
N LYS A 61 0.27 11.82 1.59
CA LYS A 61 0.15 11.75 0.13
C LYS A 61 -1.25 12.14 -0.31
N LEU A 62 -2.26 11.68 0.43
CA LEU A 62 -3.65 12.01 0.12
C LEU A 62 -3.89 13.51 0.21
N GLU A 63 -3.34 14.12 1.25
CA GLU A 63 -3.47 15.56 1.45
C GLU A 63 -2.80 16.33 0.31
N MET A 64 -1.62 15.88 -0.08
CA MET A 64 -0.90 16.49 -1.19
C MET A 64 -1.63 16.26 -2.50
N MET A 65 -2.26 15.10 -2.62
CA MET A 65 -3.01 14.77 -3.83
C MET A 65 -4.19 15.73 -4.02
N VAL A 66 -4.83 16.10 -2.92
CA VAL A 66 -5.90 17.08 -2.96
C VAL A 66 -5.39 18.46 -3.36
N ALA A 67 -4.30 18.88 -2.72
CA ALA A 67 -3.69 20.17 -3.04
C ALA A 67 -2.23 20.21 -2.56
N LYS A 68 -1.40 20.92 -3.32
CA LYS A 68 0.00 21.09 -2.94
C LYS A 68 0.34 22.57 -2.78
N SER B 26 -4.68 -2.50 -7.92
CA SER B 26 -4.56 -2.06 -6.55
C SER B 26 -5.27 -3.02 -5.59
N ILE B 27 -6.56 -3.24 -5.85
CA ILE B 27 -7.35 -4.14 -5.01
C ILE B 27 -6.80 -5.56 -5.08
N GLU B 28 -6.36 -5.97 -6.26
CA GLU B 28 -5.88 -7.33 -6.48
C GLU B 28 -4.67 -7.62 -5.59
N MET B 29 -3.78 -6.65 -5.48
CA MET B 29 -2.62 -6.76 -4.59
C MET B 29 -3.07 -6.84 -3.14
N ALA B 30 -3.99 -5.96 -2.76
CA ALA B 30 -4.47 -5.91 -1.38
C ALA B 30 -5.17 -7.21 -0.99
N HIS B 31 -6.00 -7.72 -1.88
CA HIS B 31 -6.71 -8.97 -1.64
C HIS B 31 -5.73 -10.13 -1.46
N SER B 32 -4.75 -10.21 -2.36
CA SER B 32 -3.80 -11.32 -2.36
C SER B 32 -3.01 -11.35 -1.05
N LEU B 33 -2.55 -10.18 -0.62
CA LEU B 33 -1.75 -10.08 0.59
C LEU B 33 -2.55 -10.50 1.82
N ALA B 34 -3.81 -10.08 1.87
CA ALA B 34 -4.68 -10.42 2.98
C ALA B 34 -4.92 -11.92 3.05
N GLN B 35 -5.12 -12.54 1.90
CA GLN B 35 -5.43 -13.96 1.84
C GLN B 35 -4.27 -14.79 2.40
N ILE B 36 -3.05 -14.31 2.19
CA ILE B 36 -1.86 -15.01 2.65
C ILE B 36 -1.36 -14.46 3.98
N GLY B 37 -2.19 -13.66 4.63
CA GLY B 37 -2.01 -13.38 6.05
C GLY B 37 -0.99 -12.29 6.28
N ILE B 38 -0.73 -11.49 5.26
CA ILE B 38 0.23 -10.39 5.36
C ILE B 38 -0.48 -9.06 5.57
N ARG B 39 -0.10 -8.36 6.62
CA ARG B 39 -0.57 -6.98 6.84
C ARG B 39 0.16 -6.02 5.90
N PHE B 40 -0.57 -5.02 5.41
CA PHE B 40 0.00 -4.06 4.47
C PHE B 40 -0.65 -2.68 4.64
N VAL B 41 0.04 -1.66 4.16
CA VAL B 41 -0.54 -0.31 4.09
C VAL B 41 -0.53 0.20 2.65
N PRO B 42 -1.73 0.45 2.11
CA PRO B 42 -1.89 1.06 0.79
C PRO B 42 -1.14 2.39 0.67
N ILE B 43 -0.40 2.55 -0.42
CA ILE B 43 0.24 3.83 -0.72
C ILE B 43 -0.33 4.42 -2.01
N PRO B 44 -0.92 5.62 -1.90
CA PRO B 44 -1.53 6.32 -3.04
C PRO B 44 -0.53 6.53 -4.18
N VAL B 45 -1.03 6.49 -5.41
CA VAL B 45 -0.20 6.72 -6.58
C VAL B 45 -0.58 8.02 -7.27
N GLU B 46 0.42 8.81 -7.64
CA GLU B 46 0.19 10.00 -8.45
C GLU B 46 0.64 9.78 -9.90
N THR B 47 1.70 9.00 -10.06
CA THR B 47 2.30 8.80 -11.37
C THR B 47 2.43 7.31 -11.69
N ASP B 48 2.48 6.99 -12.98
CA ASP B 48 2.70 5.62 -13.42
C ASP B 48 4.04 5.09 -12.90
N GLU B 49 5.05 5.97 -12.88
CA GLU B 49 6.37 5.60 -12.39
C GLU B 49 6.33 5.23 -10.91
N GLU B 50 5.54 5.99 -10.15
CA GLU B 50 5.37 5.72 -8.72
C GLU B 50 4.74 4.35 -8.50
N PHE B 51 3.76 4.02 -9.35
CA PHE B 51 3.10 2.71 -9.28
C PHE B 51 4.10 1.58 -9.50
N HIS B 52 4.90 1.72 -10.55
CA HIS B 52 5.87 0.69 -10.90
C HIS B 52 6.94 0.54 -9.82
N THR B 53 7.36 1.67 -9.26
CA THR B 53 8.39 1.69 -8.23
C THR B 53 7.87 1.05 -6.94
N LEU B 54 6.64 1.39 -6.57
CA LEU B 54 6.00 0.80 -5.40
C LEU B 54 5.76 -0.69 -5.61
N ALA B 55 5.34 -1.05 -6.81
CA ALA B 55 5.11 -2.45 -7.15
C ALA B 55 6.39 -3.27 -7.01
N ALA B 56 7.50 -2.71 -7.47
CA ALA B 56 8.81 -3.31 -7.25
C ALA B 56 9.14 -3.39 -5.77
N SER B 57 8.81 -2.33 -5.04
CA SER B 57 9.19 -2.21 -3.63
C SER B 57 8.50 -3.27 -2.79
N LEU B 58 7.22 -3.49 -3.07
CA LEU B 58 6.43 -4.45 -2.29
C LEU B 58 6.88 -5.88 -2.57
N SER B 59 7.24 -6.15 -3.82
CA SER B 59 7.72 -7.47 -4.20
C SER B 59 9.03 -7.79 -3.49
N GLN B 60 9.91 -6.80 -3.40
CA GLN B 60 11.17 -6.95 -2.67
C GLN B 60 10.91 -7.24 -1.20
N LYS B 61 9.96 -6.52 -0.62
CA LYS B 61 9.62 -6.70 0.79
C LYS B 61 9.08 -8.09 1.05
N LEU B 62 8.25 -8.58 0.14
CA LEU B 62 7.67 -9.92 0.27
C LEU B 62 8.77 -10.98 0.25
N GLU B 63 9.74 -10.81 -0.64
CA GLU B 63 10.86 -11.74 -0.74
C GLU B 63 11.69 -11.73 0.54
N MET B 64 11.94 -10.54 1.05
CA MET B 64 12.68 -10.39 2.30
C MET B 64 11.88 -10.96 3.48
N MET B 65 10.57 -10.81 3.41
CA MET B 65 9.69 -11.31 4.46
C MET B 65 9.77 -12.84 4.55
N VAL B 66 9.88 -13.49 3.40
CA VAL B 66 10.05 -14.94 3.35
C VAL B 66 11.40 -15.35 3.92
N ALA B 67 12.46 -14.65 3.50
CA ALA B 67 13.79 -14.93 4.00
C ALA B 67 14.72 -13.74 3.76
N LYS B 68 15.66 -13.54 4.67
CA LYS B 68 16.66 -12.48 4.52
C LYS B 68 18.08 -13.05 4.52
N SER A 26 -11.34 -6.76 2.19
CA SER A 26 -11.51 -6.63 3.63
C SER A 26 -10.43 -5.73 4.22
N ILE A 27 -9.99 -4.75 3.45
CA ILE A 27 -8.98 -3.80 3.91
C ILE A 27 -9.48 -2.36 3.76
N GLU A 28 -9.81 -1.74 4.87
CA GLU A 28 -10.56 -0.49 4.87
C GLU A 28 -9.78 0.61 4.14
N MET A 29 -8.47 0.65 4.39
CA MET A 29 -7.62 1.67 3.78
C MET A 29 -7.57 1.51 2.26
N ALA A 30 -7.41 0.26 1.81
CA ALA A 30 -7.33 -0.02 0.38
C ALA A 30 -8.64 0.30 -0.32
N HIS A 31 -9.74 -0.10 0.29
CA HIS A 31 -11.07 0.12 -0.29
C HIS A 31 -11.37 1.61 -0.39
N SER A 32 -11.02 2.35 0.65
CA SER A 32 -11.30 3.78 0.70
C SER A 32 -10.60 4.51 -0.44
N LEU A 33 -9.33 4.16 -0.68
CA LEU A 33 -8.56 4.78 -1.74
C LEU A 33 -9.17 4.47 -3.11
N ALA A 34 -9.60 3.22 -3.29
CA ALA A 34 -10.20 2.81 -4.55
C ALA A 34 -11.50 3.55 -4.81
N GLN A 35 -12.30 3.73 -3.77
CA GLN A 35 -13.59 4.40 -3.89
C GLN A 35 -13.41 5.84 -4.36
N ILE A 36 -12.34 6.47 -3.93
CA ILE A 36 -12.07 7.86 -4.27
C ILE A 36 -11.10 7.98 -5.45
N GLY A 37 -10.88 6.86 -6.13
CA GLY A 37 -10.30 6.90 -7.45
C GLY A 37 -8.79 7.01 -7.43
N ILE A 38 -8.19 6.65 -6.29
CA ILE A 38 -6.74 6.68 -6.15
C ILE A 38 -6.13 5.30 -6.36
N ARG A 39 -5.17 5.21 -7.26
CA ARG A 39 -4.35 4.02 -7.40
C ARG A 39 -3.24 4.01 -6.36
N PHE A 40 -2.90 2.82 -5.86
CA PHE A 40 -1.96 2.69 -4.75
C PHE A 40 -1.22 1.36 -4.82
N VAL A 41 -0.13 1.26 -4.07
CA VAL A 41 0.55 -0.02 -3.88
C VAL A 41 0.60 -0.41 -2.40
N PRO A 42 0.08 -1.61 -2.09
CA PRO A 42 -0.01 -2.09 -0.71
C PRO A 42 1.33 -2.59 -0.18
N ILE A 43 2.11 -1.67 0.39
CA ILE A 43 3.47 -2.00 0.84
C ILE A 43 3.42 -2.69 2.19
N PRO A 44 4.02 -3.89 2.26
CA PRO A 44 4.09 -4.68 3.49
C PRO A 44 4.76 -3.92 4.63
N VAL A 45 4.35 -4.22 5.86
CA VAL A 45 5.02 -3.69 7.04
C VAL A 45 5.51 -4.82 7.95
N GLU A 46 6.60 -4.57 8.65
CA GLU A 46 7.20 -5.57 9.53
C GLU A 46 6.65 -5.46 10.95
N THR A 47 6.75 -4.25 11.51
CA THR A 47 6.41 -4.04 12.91
C THR A 47 5.39 -2.91 13.06
N ASP A 48 4.90 -2.71 14.28
CA ASP A 48 3.86 -1.74 14.55
C ASP A 48 4.35 -0.32 14.23
N GLU A 49 5.59 -0.04 14.59
CA GLU A 49 6.15 1.30 14.43
C GLU A 49 6.21 1.69 12.96
N GLU A 50 6.58 0.73 12.11
CA GLU A 50 6.60 0.96 10.67
C GLU A 50 5.19 1.20 10.14
N PHE A 51 4.23 0.41 10.63
CA PHE A 51 2.86 0.53 10.19
C PHE A 51 2.28 1.90 10.54
N HIS A 52 2.50 2.33 11.77
CA HIS A 52 1.96 3.59 12.24
C HIS A 52 2.56 4.77 11.47
N THR A 53 3.86 4.71 11.23
CA THR A 53 4.54 5.76 10.50
C THR A 53 4.15 5.75 9.02
N LEU A 54 4.08 4.55 8.44
CA LEU A 54 3.70 4.40 7.04
C LEU A 54 2.24 4.79 6.83
N ALA A 55 1.39 4.41 7.77
CA ALA A 55 -0.01 4.81 7.74
C ALA A 55 -0.16 6.33 7.79
N ALA A 56 0.68 6.96 8.60
CA ALA A 56 0.72 8.43 8.67
C ALA A 56 1.09 9.02 7.32
N SER A 57 2.02 8.38 6.62
CA SER A 57 2.41 8.80 5.28
C SER A 57 1.25 8.65 4.31
N LEU A 58 0.52 7.54 4.44
CA LEU A 58 -0.69 7.33 3.64
C LEU A 58 -1.70 8.45 3.86
N SER A 59 -1.92 8.81 5.12
CA SER A 59 -2.91 9.83 5.46
C SER A 59 -2.49 11.19 4.90
N GLN A 60 -1.21 11.50 5.02
CA GLN A 60 -0.69 12.76 4.50
C GLN A 60 -0.79 12.82 2.99
N LYS A 61 -0.34 11.75 2.33
CA LYS A 61 -0.30 11.71 0.87
C LYS A 61 -1.70 11.68 0.29
N LEU A 62 -2.59 10.90 0.91
CA LEU A 62 -3.96 10.79 0.45
C LEU A 62 -4.66 12.15 0.47
N GLU A 63 -4.55 12.85 1.59
CA GLU A 63 -5.24 14.13 1.77
C GLU A 63 -4.71 15.17 0.79
N MET A 64 -3.40 15.20 0.61
CA MET A 64 -2.77 16.14 -0.32
C MET A 64 -3.18 15.84 -1.75
N MET A 65 -3.33 14.56 -2.08
CA MET A 65 -3.67 14.14 -3.42
C MET A 65 -5.07 14.61 -3.80
N VAL A 66 -5.98 14.57 -2.83
CA VAL A 66 -7.37 14.94 -3.07
C VAL A 66 -7.60 16.42 -2.77
N ALA A 67 -6.65 17.03 -2.07
CA ALA A 67 -6.75 18.45 -1.73
C ALA A 67 -6.81 19.32 -2.97
N LYS A 68 -7.59 20.39 -2.91
CA LYS A 68 -7.69 21.32 -4.02
C LYS A 68 -7.36 22.75 -3.57
N SER B 26 -11.57 -5.10 -4.36
CA SER B 26 -11.36 -5.20 -5.80
C SER B 26 -9.93 -4.81 -6.15
N ILE B 27 -9.00 -5.07 -5.24
CA ILE B 27 -7.59 -4.77 -5.48
C ILE B 27 -6.73 -6.02 -5.29
N GLU B 28 -6.25 -6.57 -6.40
CA GLU B 28 -5.66 -7.90 -6.40
C GLU B 28 -4.43 -7.96 -5.48
N MET B 29 -3.62 -6.91 -5.54
CA MET B 29 -2.41 -6.85 -4.73
C MET B 29 -2.74 -6.84 -3.23
N ALA B 30 -3.72 -6.01 -2.86
CA ALA B 30 -4.11 -5.90 -1.46
C ALA B 30 -4.70 -7.19 -0.94
N HIS B 31 -5.57 -7.82 -1.74
CA HIS B 31 -6.22 -9.06 -1.35
C HIS B 31 -5.20 -10.18 -1.18
N SER B 32 -4.25 -10.24 -2.10
CA SER B 32 -3.23 -11.30 -2.08
C SER B 32 -2.42 -11.25 -0.78
N LEU B 33 -2.02 -10.04 -0.40
CA LEU B 33 -1.24 -9.84 0.82
C LEU B 33 -2.04 -10.26 2.05
N ALA B 34 -3.32 -9.90 2.07
CA ALA B 34 -4.18 -10.24 3.19
C ALA B 34 -4.36 -11.74 3.31
N GLN B 35 -4.50 -12.43 2.17
CA GLN B 35 -4.71 -13.87 2.16
C GLN B 35 -3.52 -14.59 2.76
N ILE B 36 -2.33 -14.05 2.54
CA ILE B 36 -1.10 -14.68 3.03
C ILE B 36 -0.64 -14.05 4.34
N GLY B 37 -1.52 -13.26 4.95
CA GLY B 37 -1.36 -12.92 6.35
C GLY B 37 -0.41 -11.75 6.56
N ILE B 38 -0.19 -10.99 5.50
CA ILE B 38 0.68 -9.82 5.58
C ILE B 38 -0.13 -8.53 5.77
N ARG B 39 0.22 -7.78 6.81
CA ARG B 39 -0.30 -6.43 6.96
C ARG B 39 0.48 -5.44 6.10
N PHE B 40 -0.22 -4.44 5.56
CA PHE B 40 0.36 -3.52 4.59
C PHE B 40 -0.30 -2.15 4.69
N VAL B 41 0.34 -1.15 4.09
CA VAL B 41 -0.28 0.16 3.90
C VAL B 41 -0.36 0.53 2.43
N PRO B 42 -1.57 0.84 1.95
CA PRO B 42 -1.81 1.16 0.54
C PRO B 42 -1.37 2.57 0.18
N ILE B 43 -0.10 2.72 -0.20
CA ILE B 43 0.47 4.03 -0.47
C ILE B 43 0.08 4.51 -1.87
N PRO B 44 -0.54 5.69 -1.93
CA PRO B 44 -0.95 6.31 -3.19
C PRO B 44 0.21 6.50 -4.16
N VAL B 45 -0.08 6.42 -5.45
CA VAL B 45 0.90 6.76 -6.48
C VAL B 45 0.40 7.88 -7.38
N GLU B 46 1.32 8.67 -7.90
CA GLU B 46 0.97 9.80 -8.75
C GLU B 46 0.98 9.40 -10.23
N THR B 47 2.09 8.82 -10.68
CA THR B 47 2.28 8.53 -12.09
C THR B 47 2.64 7.06 -12.30
N ASP B 48 2.70 6.65 -13.57
CA ASP B 48 2.93 5.25 -13.90
C ASP B 48 4.31 4.81 -13.41
N GLU B 49 5.31 5.67 -13.56
CA GLU B 49 6.67 5.34 -13.22
C GLU B 49 6.81 5.04 -11.73
N GLU B 50 6.13 5.84 -10.91
CA GLU B 50 6.10 5.61 -9.47
C GLU B 50 5.42 4.28 -9.14
N PHE B 51 4.32 4.01 -9.82
CA PHE B 51 3.55 2.79 -9.58
C PHE B 51 4.40 1.55 -9.90
N HIS B 52 5.05 1.58 -11.06
CA HIS B 52 5.84 0.44 -11.51
C HIS B 52 7.01 0.17 -10.56
N THR B 53 7.66 1.25 -10.14
CA THR B 53 8.80 1.13 -9.23
C THR B 53 8.35 0.72 -7.84
N LEU B 54 7.26 1.31 -7.36
CA LEU B 54 6.71 0.99 -6.06
C LEU B 54 6.16 -0.44 -6.03
N ALA B 55 5.52 -0.84 -7.12
CA ALA B 55 5.04 -2.21 -7.26
C ALA B 55 6.19 -3.20 -7.22
N ALA B 56 7.31 -2.83 -7.85
CA ALA B 56 8.51 -3.64 -7.79
C ALA B 56 9.01 -3.79 -6.35
N SER B 57 8.92 -2.71 -5.59
CA SER B 57 9.28 -2.75 -4.17
C SER B 57 8.36 -3.68 -3.40
N LEU B 58 7.07 -3.63 -3.72
CA LEU B 58 6.09 -4.53 -3.13
C LEU B 58 6.46 -5.99 -3.41
N SER B 59 6.80 -6.27 -4.65
CA SER B 59 7.12 -7.64 -5.06
C SER B 59 8.37 -8.14 -4.35
N GLN B 60 9.38 -7.28 -4.24
CA GLN B 60 10.62 -7.62 -3.56
C GLN B 60 10.38 -7.85 -2.07
N LYS B 61 9.67 -6.92 -1.45
CA LYS B 61 9.45 -6.97 -0.01
C LYS B 61 8.54 -8.15 0.36
N LEU B 62 7.50 -8.36 -0.44
CA LEU B 62 6.57 -9.44 -0.21
C LEU B 62 7.28 -10.80 -0.22
N GLU B 63 8.07 -11.03 -1.26
CA GLU B 63 8.74 -12.31 -1.44
C GLU B 63 9.73 -12.56 -0.31
N MET B 64 10.48 -11.53 0.06
CA MET B 64 11.47 -11.64 1.15
C MET B 64 10.78 -11.91 2.48
N MET B 65 9.61 -11.32 2.66
CA MET B 65 8.88 -11.45 3.92
C MET B 65 8.41 -12.89 4.11
N VAL B 66 8.00 -13.53 3.02
CA VAL B 66 7.47 -14.90 3.09
C VAL B 66 8.58 -15.91 2.86
N ALA B 67 9.72 -15.45 2.36
CA ALA B 67 10.87 -16.32 2.11
C ALA B 67 11.35 -16.96 3.41
N LYS B 68 11.79 -18.21 3.30
CA LYS B 68 12.33 -18.93 4.46
C LYS B 68 13.73 -19.45 4.18
N SER A 26 -11.94 -7.33 4.30
CA SER A 26 -11.88 -6.08 3.55
C SER A 26 -10.83 -5.14 4.12
N ILE A 27 -10.30 -4.26 3.29
CA ILE A 27 -9.32 -3.27 3.73
C ILE A 27 -9.78 -1.86 3.38
N GLU A 28 -10.18 -1.10 4.40
CA GLU A 28 -10.92 0.13 4.19
C GLU A 28 -10.09 1.14 3.40
N MET A 29 -8.81 1.23 3.73
CA MET A 29 -7.90 2.16 3.06
C MET A 29 -7.76 1.83 1.58
N ALA A 30 -7.57 0.55 1.29
CA ALA A 30 -7.37 0.10 -0.09
C ALA A 30 -8.62 0.33 -0.93
N HIS A 31 -9.77 -0.01 -0.37
CA HIS A 31 -11.03 0.14 -1.09
C HIS A 31 -11.33 1.62 -1.37
N SER A 32 -11.11 2.46 -0.36
CA SER A 32 -11.41 3.88 -0.47
C SER A 32 -10.60 4.52 -1.60
N LEU A 33 -9.32 4.19 -1.65
CA LEU A 33 -8.42 4.75 -2.66
C LEU A 33 -8.86 4.33 -4.06
N ALA A 34 -9.24 3.07 -4.21
CA ALA A 34 -9.69 2.55 -5.49
C ALA A 34 -10.97 3.25 -5.94
N GLN A 35 -11.89 3.46 -5.00
CA GLN A 35 -13.18 4.05 -5.32
C GLN A 35 -13.00 5.47 -5.87
N ILE A 36 -12.01 6.18 -5.36
CA ILE A 36 -11.79 7.57 -5.72
C ILE A 36 -10.75 7.68 -6.83
N GLY A 37 -10.40 6.56 -7.43
CA GLY A 37 -9.69 6.57 -8.69
C GLY A 37 -8.19 6.77 -8.50
N ILE A 38 -7.71 6.52 -7.29
CA ILE A 38 -6.29 6.65 -6.99
C ILE A 38 -5.59 5.30 -7.02
N ARG A 39 -4.56 5.19 -7.85
CA ARG A 39 -3.65 4.04 -7.80
C ARG A 39 -2.91 3.99 -6.48
N PHE A 40 -2.64 2.79 -6.00
CA PHE A 40 -1.86 2.60 -4.79
C PHE A 40 -1.15 1.24 -4.80
N VAL A 41 -0.07 1.14 -4.03
CA VAL A 41 0.59 -0.14 -3.81
C VAL A 41 0.61 -0.51 -2.33
N PRO A 42 0.07 -1.69 -2.01
CA PRO A 42 -0.08 -2.14 -0.62
C PRO A 42 1.24 -2.62 -0.02
N ILE A 43 2.12 -1.68 0.28
CA ILE A 43 3.44 -2.01 0.78
C ILE A 43 3.36 -2.80 2.08
N PRO A 44 3.95 -4.01 2.08
CA PRO A 44 3.88 -4.93 3.22
C PRO A 44 4.75 -4.46 4.39
N VAL A 45 4.36 -4.84 5.60
CA VAL A 45 5.01 -4.36 6.81
C VAL A 45 5.41 -5.52 7.72
N GLU A 46 6.62 -5.44 8.27
CA GLU A 46 7.10 -6.46 9.20
C GLU A 46 6.69 -6.13 10.63
N THR A 47 6.90 -4.87 11.02
CA THR A 47 6.70 -4.47 12.41
C THR A 47 5.48 -3.56 12.54
N ASP A 48 4.68 -3.80 13.59
CA ASP A 48 3.43 -3.07 13.78
C ASP A 48 3.70 -1.57 13.88
N GLU A 49 4.83 -1.22 14.49
CA GLU A 49 5.22 0.18 14.62
C GLU A 49 5.43 0.82 13.24
N GLU A 50 6.02 0.06 12.33
CA GLU A 50 6.23 0.52 10.97
C GLU A 50 4.89 0.78 10.27
N PHE A 51 3.92 -0.09 10.55
CA PHE A 51 2.59 0.04 9.95
C PHE A 51 1.95 1.37 10.35
N HIS A 52 2.01 1.68 11.64
CA HIS A 52 1.39 2.89 12.16
C HIS A 52 2.05 4.14 11.58
N THR A 53 3.38 4.11 11.49
CA THR A 53 4.14 5.22 10.91
C THR A 53 3.89 5.34 9.41
N LEU A 54 3.86 4.21 8.73
CA LEU A 54 3.60 4.18 7.30
C LEU A 54 2.18 4.64 6.99
N ALA A 55 1.24 4.21 7.82
CA ALA A 55 -0.14 4.66 7.70
C ALA A 55 -0.25 6.17 7.86
N ALA A 56 0.51 6.72 8.80
CA ALA A 56 0.57 8.16 8.99
C ALA A 56 1.08 8.87 7.74
N SER A 57 2.07 8.26 7.09
CA SER A 57 2.61 8.80 5.86
C SER A 57 1.56 8.78 4.76
N LEU A 58 0.79 7.70 4.69
CA LEU A 58 -0.30 7.58 3.73
C LEU A 58 -1.33 8.68 3.95
N SER A 59 -1.68 8.93 5.20
CA SER A 59 -2.68 9.95 5.54
C SER A 59 -2.19 11.34 5.14
N GLN A 60 -0.92 11.62 5.40
CA GLN A 60 -0.34 12.90 5.03
C GLN A 60 -0.32 13.07 3.51
N LYS A 61 0.15 12.04 2.81
CA LYS A 61 0.26 12.10 1.36
C LYS A 61 -1.11 12.21 0.71
N LEU A 62 -2.05 11.39 1.18
CA LEU A 62 -3.38 11.33 0.59
C LEU A 62 -4.10 12.67 0.73
N GLU A 63 -4.00 13.26 1.91
CA GLU A 63 -4.66 14.54 2.19
C GLU A 63 -4.17 15.62 1.24
N MET A 64 -2.86 15.63 0.98
CA MET A 64 -2.26 16.59 0.06
C MET A 64 -2.75 16.35 -1.36
N MET A 65 -2.87 15.07 -1.72
CA MET A 65 -3.33 14.70 -3.06
C MET A 65 -4.78 15.12 -3.26
N VAL A 66 -5.60 14.97 -2.22
CA VAL A 66 -7.02 15.27 -2.33
C VAL A 66 -7.29 16.76 -2.19
N ALA A 67 -6.62 17.40 -1.24
CA ALA A 67 -6.83 18.81 -0.97
C ALA A 67 -6.49 19.65 -2.19
N LYS A 68 -7.29 20.69 -2.42
CA LYS A 68 -7.04 21.61 -3.54
C LYS A 68 -7.02 23.05 -3.06
N SER B 26 -12.07 -5.08 -6.58
CA SER B 26 -11.14 -5.82 -5.72
C SER B 26 -9.69 -5.47 -6.07
N ILE B 27 -8.80 -5.62 -5.10
CA ILE B 27 -7.39 -5.37 -5.31
C ILE B 27 -6.55 -6.59 -4.92
N GLU B 28 -6.01 -7.27 -5.93
CA GLU B 28 -5.46 -8.61 -5.75
C GLU B 28 -4.29 -8.59 -4.76
N MET B 29 -3.45 -7.56 -4.89
CA MET B 29 -2.28 -7.43 -4.03
C MET B 29 -2.69 -7.24 -2.58
N ALA B 30 -3.66 -6.36 -2.35
CA ALA B 30 -4.11 -6.03 -1.01
C ALA B 30 -4.75 -7.25 -0.33
N HIS B 31 -5.60 -7.95 -1.08
CA HIS B 31 -6.30 -9.12 -0.55
C HIS B 31 -5.32 -10.23 -0.21
N SER B 32 -4.36 -10.46 -1.10
CA SER B 32 -3.40 -11.54 -0.93
C SER B 32 -2.58 -11.34 0.35
N LEU B 33 -2.13 -10.11 0.57
CA LEU B 33 -1.32 -9.79 1.73
C LEU B 33 -2.10 -10.01 3.03
N ALA B 34 -3.37 -9.59 3.01
CA ALA B 34 -4.24 -9.75 4.17
C ALA B 34 -4.47 -11.23 4.48
N GLN B 35 -4.68 -12.03 3.44
CA GLN B 35 -4.97 -13.45 3.61
C GLN B 35 -3.82 -14.17 4.28
N ILE B 36 -2.60 -13.74 3.97
CA ILE B 36 -1.40 -14.39 4.48
C ILE B 36 -0.88 -13.71 5.73
N GLY B 37 -1.69 -12.81 6.28
CA GLY B 37 -1.45 -12.33 7.64
C GLY B 37 -0.42 -11.23 7.69
N ILE B 38 -0.16 -10.60 6.55
CA ILE B 38 0.79 -9.50 6.47
C ILE B 38 0.08 -8.15 6.50
N ARG B 39 0.46 -7.30 7.46
CA ARG B 39 0.04 -5.91 7.46
C ARG B 39 0.63 -5.17 6.26
N PHE B 40 -0.13 -4.22 5.74
CA PHE B 40 0.35 -3.38 4.64
C PHE B 40 -0.35 -2.02 4.66
N VAL B 41 0.29 -1.02 4.05
CA VAL B 41 -0.35 0.27 3.83
C VAL B 41 -0.42 0.61 2.34
N PRO B 42 -1.64 0.89 1.86
CA PRO B 42 -1.88 1.14 0.44
C PRO B 42 -1.43 2.52 0.00
N ILE B 43 -0.12 2.72 -0.09
CA ILE B 43 0.44 4.02 -0.42
C ILE B 43 -0.07 4.51 -1.76
N PRO B 44 -0.70 5.69 -1.78
CA PRO B 44 -1.31 6.25 -2.98
C PRO B 44 -0.27 6.78 -3.97
N VAL B 45 -0.62 6.77 -5.25
CA VAL B 45 0.32 7.12 -6.30
C VAL B 45 -0.26 8.19 -7.23
N GLU B 46 0.57 9.15 -7.60
CA GLU B 46 0.15 10.21 -8.51
C GLU B 46 0.40 9.80 -9.96
N THR B 47 1.59 9.27 -10.22
CA THR B 47 2.01 8.97 -11.59
C THR B 47 2.08 7.47 -11.83
N ASP B 48 1.58 7.04 -12.99
CA ASP B 48 1.50 5.62 -13.31
C ASP B 48 2.88 4.98 -13.26
N GLU B 49 3.90 5.73 -13.66
CA GLU B 49 5.27 5.25 -13.62
C GLU B 49 5.71 4.94 -12.19
N GLU B 50 5.29 5.79 -11.26
CA GLU B 50 5.58 5.58 -9.84
C GLU B 50 4.93 4.31 -9.34
N PHE B 51 3.72 4.04 -9.82
CA PHE B 51 2.98 2.84 -9.42
C PHE B 51 3.75 1.58 -9.81
N HIS B 52 4.23 1.54 -11.05
CA HIS B 52 4.94 0.37 -11.56
C HIS B 52 6.23 0.14 -10.80
N THR B 53 6.95 1.23 -10.50
CA THR B 53 8.19 1.15 -9.76
C THR B 53 7.93 0.77 -8.29
N LEU B 54 6.89 1.36 -7.72
CA LEU B 54 6.51 1.05 -6.33
C LEU B 54 6.04 -0.39 -6.21
N ALA B 55 5.28 -0.85 -7.21
CA ALA B 55 4.84 -2.23 -7.26
C ALA B 55 6.03 -3.19 -7.32
N ALA B 56 7.04 -2.81 -8.08
CA ALA B 56 8.27 -3.59 -8.16
C ALA B 56 8.94 -3.68 -6.79
N SER B 57 8.92 -2.58 -6.06
CA SER B 57 9.48 -2.54 -4.71
C SER B 57 8.70 -3.48 -3.78
N LEU B 58 7.38 -3.47 -3.92
CA LEU B 58 6.51 -4.36 -3.15
C LEU B 58 6.86 -5.82 -3.42
N SER B 59 7.06 -6.14 -4.70
CA SER B 59 7.37 -7.52 -5.09
C SER B 59 8.70 -7.97 -4.52
N GLN B 60 9.69 -7.08 -4.56
CA GLN B 60 11.01 -7.38 -4.01
C GLN B 60 10.94 -7.58 -2.51
N LYS B 61 10.27 -6.66 -1.82
CA LYS B 61 10.16 -6.71 -0.37
C LYS B 61 9.37 -7.93 0.07
N LEU B 62 8.24 -8.19 -0.59
CA LEU B 62 7.36 -9.28 -0.21
C LEU B 62 8.05 -10.63 -0.36
N GLU B 63 8.77 -10.80 -1.47
CA GLU B 63 9.47 -12.05 -1.74
C GLU B 63 10.48 -12.35 -0.64
N MET B 64 11.20 -11.32 -0.20
CA MET B 64 12.17 -11.47 0.87
C MET B 64 11.49 -11.82 2.20
N MET B 65 10.33 -11.21 2.44
CA MET B 65 9.57 -11.47 3.64
C MET B 65 9.06 -12.91 3.67
N VAL B 66 8.63 -13.41 2.51
CA VAL B 66 8.04 -14.74 2.41
C VAL B 66 9.12 -15.81 2.37
N ALA B 67 10.15 -15.57 1.57
CA ALA B 67 11.23 -16.54 1.39
C ALA B 67 11.92 -16.84 2.70
N LYS B 68 12.28 -18.11 2.90
CA LYS B 68 13.00 -18.52 4.10
C LYS B 68 14.25 -19.32 3.74
N SER A 26 -12.94 -6.04 3.14
CA SER A 26 -11.75 -6.75 3.59
C SER A 26 -10.73 -5.79 4.17
N ILE A 27 -10.28 -4.84 3.37
CA ILE A 27 -9.31 -3.84 3.81
C ILE A 27 -9.85 -2.43 3.61
N GLU A 28 -10.17 -1.77 4.72
CA GLU A 28 -10.95 -0.54 4.66
C GLU A 28 -10.20 0.55 3.90
N MET A 29 -8.90 0.64 4.13
CA MET A 29 -8.07 1.65 3.48
C MET A 29 -8.01 1.41 1.98
N ALA A 30 -7.81 0.15 1.58
CA ALA A 30 -7.71 -0.20 0.18
C ALA A 30 -9.01 0.07 -0.56
N HIS A 31 -10.12 -0.31 0.05
CA HIS A 31 -11.44 -0.13 -0.54
C HIS A 31 -11.76 1.36 -0.72
N SER A 32 -11.43 2.15 0.30
CA SER A 32 -11.75 3.57 0.28
C SER A 32 -11.03 4.26 -0.87
N LEU A 33 -9.76 3.93 -1.07
CA LEU A 33 -8.96 4.52 -2.14
C LEU A 33 -9.52 4.16 -3.50
N ALA A 34 -9.93 2.90 -3.66
CA ALA A 34 -10.48 2.42 -4.92
C ALA A 34 -11.79 3.13 -5.24
N GLN A 35 -12.61 3.35 -4.22
CA GLN A 35 -13.91 3.99 -4.40
C GLN A 35 -13.75 5.41 -4.93
N ILE A 36 -12.70 6.08 -4.47
CA ILE A 36 -12.45 7.47 -4.86
C ILE A 36 -11.46 7.54 -6.02
N GLY A 37 -11.04 6.38 -6.50
CA GLY A 37 -10.40 6.31 -7.80
C GLY A 37 -8.90 6.52 -7.71
N ILE A 38 -8.34 6.33 -6.53
CA ILE A 38 -6.91 6.47 -6.32
C ILE A 38 -6.21 5.13 -6.43
N ARG A 39 -5.21 5.05 -7.31
CA ARG A 39 -4.36 3.87 -7.40
C ARG A 39 -3.33 3.86 -6.27
N PHE A 40 -2.94 2.66 -5.83
CA PHE A 40 -2.03 2.51 -4.71
C PHE A 40 -1.28 1.19 -4.79
N VAL A 41 -0.18 1.09 -4.06
CA VAL A 41 0.52 -0.17 -3.88
C VAL A 41 0.60 -0.54 -2.40
N PRO A 42 0.13 -1.76 -2.06
CA PRO A 42 0.02 -2.22 -0.67
C PRO A 42 1.35 -2.67 -0.11
N ILE A 43 2.20 -1.71 0.27
CA ILE A 43 3.49 -2.02 0.85
C ILE A 43 3.33 -2.74 2.19
N PRO A 44 4.00 -3.89 2.33
CA PRO A 44 3.86 -4.75 3.50
C PRO A 44 4.66 -4.24 4.70
N VAL A 45 4.28 -4.69 5.90
CA VAL A 45 5.03 -4.38 7.10
C VAL A 45 5.32 -5.65 7.91
N GLU A 46 6.30 -5.56 8.81
CA GLU A 46 6.48 -6.56 9.84
C GLU A 46 6.29 -5.97 11.23
N THR A 47 6.68 -4.70 11.38
CA THR A 47 6.69 -4.06 12.69
C THR A 47 5.62 -2.98 12.77
N ASP A 48 4.99 -2.87 13.94
CA ASP A 48 3.91 -1.92 14.14
C ASP A 48 4.37 -0.49 13.84
N GLU A 49 5.63 -0.22 14.14
CA GLU A 49 6.20 1.10 13.88
C GLU A 49 6.20 1.40 12.38
N GLU A 50 6.49 0.37 11.58
CA GLU A 50 6.47 0.52 10.13
C GLU A 50 5.06 0.83 9.63
N PHE A 51 4.07 0.16 10.21
CA PHE A 51 2.67 0.37 9.85
C PHE A 51 2.24 1.79 10.20
N HIS A 52 2.57 2.23 11.41
CA HIS A 52 2.17 3.55 11.88
C HIS A 52 2.82 4.64 11.05
N THR A 53 4.09 4.43 10.68
CA THR A 53 4.83 5.40 9.89
C THR A 53 4.27 5.52 8.48
N LEU A 54 3.98 4.36 7.88
CA LEU A 54 3.35 4.33 6.56
C LEU A 54 1.95 4.89 6.61
N ALA A 55 1.21 4.55 7.66
CA ALA A 55 -0.15 5.05 7.85
C ALA A 55 -0.17 6.57 7.96
N ALA A 56 0.79 7.12 8.70
CA ALA A 56 0.96 8.56 8.78
C ALA A 56 1.29 9.16 7.41
N SER A 57 2.14 8.46 6.66
CA SER A 57 2.48 8.88 5.31
C SER A 57 1.27 8.83 4.39
N LEU A 58 0.47 7.78 4.55
CA LEU A 58 -0.74 7.61 3.73
C LEU A 58 -1.69 8.77 3.92
N SER A 59 -1.91 9.16 5.17
CA SER A 59 -2.79 10.28 5.49
C SER A 59 -2.23 11.58 4.94
N GLN A 60 -0.92 11.78 5.11
CA GLN A 60 -0.26 12.99 4.65
C GLN A 60 -0.34 13.10 3.13
N LYS A 61 -0.07 12.00 2.45
CA LYS A 61 -0.04 11.99 0.99
C LYS A 61 -1.41 12.32 0.42
N LEU A 62 -2.44 11.70 0.98
CA LEU A 62 -3.81 11.87 0.47
C LEU A 62 -4.26 13.32 0.63
N GLU A 63 -3.92 13.92 1.76
CA GLU A 63 -4.28 15.31 2.03
C GLU A 63 -3.62 16.24 1.02
N MET A 64 -2.35 15.99 0.72
CA MET A 64 -1.63 16.78 -0.26
C MET A 64 -2.22 16.60 -1.66
N MET A 65 -2.66 15.39 -1.95
CA MET A 65 -3.27 15.10 -3.24
C MET A 65 -4.57 15.87 -3.43
N VAL A 66 -5.32 16.00 -2.34
CA VAL A 66 -6.56 16.77 -2.36
C VAL A 66 -6.28 18.26 -2.51
N ALA A 67 -5.35 18.77 -1.71
CA ALA A 67 -4.96 20.18 -1.77
C ALA A 67 -3.58 20.40 -1.16
N LYS A 68 -2.85 21.37 -1.71
CA LYS A 68 -1.52 21.68 -1.22
C LYS A 68 -1.45 23.12 -0.73
N SER B 26 -11.76 -6.74 -5.48
CA SER B 26 -11.60 -5.33 -5.80
C SER B 26 -10.15 -5.01 -6.15
N ILE B 27 -9.25 -5.27 -5.21
CA ILE B 27 -7.83 -5.03 -5.44
C ILE B 27 -7.02 -6.28 -5.21
N GLU B 28 -6.50 -6.86 -6.29
CA GLU B 28 -5.95 -8.21 -6.27
C GLU B 28 -4.76 -8.28 -5.31
N MET B 29 -3.91 -7.26 -5.35
CA MET B 29 -2.73 -7.22 -4.50
C MET B 29 -3.11 -7.16 -3.03
N ALA B 30 -4.07 -6.30 -2.71
CA ALA B 30 -4.51 -6.12 -1.33
C ALA B 30 -5.14 -7.39 -0.78
N HIS B 31 -5.99 -8.02 -1.59
CA HIS B 31 -6.67 -9.24 -1.17
C HIS B 31 -5.67 -10.37 -0.93
N SER B 32 -4.69 -10.50 -1.83
CA SER B 32 -3.72 -11.57 -1.74
C SER B 32 -2.92 -11.49 -0.44
N LEU B 33 -2.51 -10.27 -0.09
CA LEU B 33 -1.73 -10.06 1.12
C LEU B 33 -2.55 -10.40 2.36
N ALA B 34 -3.82 -10.01 2.36
CA ALA B 34 -4.70 -10.28 3.48
C ALA B 34 -4.93 -11.78 3.66
N GLN B 35 -5.06 -12.49 2.55
CA GLN B 35 -5.31 -13.93 2.58
C GLN B 35 -4.14 -14.66 3.23
N ILE B 36 -2.94 -14.17 2.99
CA ILE B 36 -1.73 -14.79 3.51
C ILE B 36 -1.28 -14.13 4.81
N GLY B 37 -2.06 -13.15 5.26
CA GLY B 37 -1.94 -12.69 6.64
C GLY B 37 -0.91 -11.59 6.79
N ILE B 38 -0.56 -10.95 5.69
CA ILE B 38 0.40 -9.84 5.71
C ILE B 38 -0.32 -8.50 5.81
N ARG B 39 0.05 -7.72 6.81
CA ARG B 39 -0.44 -6.34 6.94
C ARG B 39 0.31 -5.42 5.98
N PHE B 40 -0.38 -4.38 5.52
CA PHE B 40 0.19 -3.46 4.53
C PHE B 40 -0.48 -2.09 4.63
N VAL B 41 0.18 -1.09 4.05
CA VAL B 41 -0.42 0.23 3.89
C VAL B 41 -0.46 0.62 2.41
N PRO B 42 -1.67 0.97 1.92
CA PRO B 42 -1.88 1.25 0.50
C PRO B 42 -1.41 2.65 0.11
N ILE B 43 -0.10 2.80 -0.07
CA ILE B 43 0.48 4.07 -0.48
C ILE B 43 0.00 4.46 -1.88
N PRO B 44 -0.54 5.68 -2.00
CA PRO B 44 -1.14 6.16 -3.25
C PRO B 44 -0.10 6.60 -4.27
N VAL B 45 -0.50 6.65 -5.54
CA VAL B 45 0.35 7.17 -6.59
C VAL B 45 -0.39 8.19 -7.44
N GLU B 46 0.37 9.01 -8.17
CA GLU B 46 -0.19 9.82 -9.24
C GLU B 46 0.40 9.43 -10.60
N THR B 47 1.66 9.01 -10.59
CA THR B 47 2.39 8.75 -11.83
C THR B 47 2.66 7.26 -12.00
N ASP B 48 2.57 6.78 -13.22
CA ASP B 48 2.75 5.37 -13.51
C ASP B 48 4.12 4.89 -13.03
N GLU B 49 5.12 5.77 -13.13
CA GLU B 49 6.47 5.45 -12.67
C GLU B 49 6.49 5.17 -11.17
N GLU B 50 5.70 5.93 -10.43
CA GLU B 50 5.59 5.72 -8.99
C GLU B 50 4.97 4.36 -8.68
N PHE B 51 3.95 3.99 -9.45
CA PHE B 51 3.28 2.71 -9.29
C PHE B 51 4.23 1.55 -9.59
N HIS B 52 4.95 1.67 -10.70
CA HIS B 52 5.87 0.61 -11.12
C HIS B 52 7.00 0.45 -10.11
N THR B 53 7.49 1.56 -9.59
CA THR B 53 8.59 1.54 -8.62
C THR B 53 8.14 0.90 -7.30
N LEU B 54 6.96 1.29 -6.84
CA LEU B 54 6.39 0.71 -5.63
C LEU B 54 6.04 -0.76 -5.85
N ALA B 55 5.52 -1.07 -7.03
CA ALA B 55 5.17 -2.45 -7.37
C ALA B 55 6.41 -3.34 -7.37
N ALA B 56 7.51 -2.83 -7.91
CA ALA B 56 8.79 -3.52 -7.86
C ALA B 56 9.25 -3.70 -6.41
N SER B 57 9.06 -2.67 -5.60
CA SER B 57 9.39 -2.74 -4.18
C SER B 57 8.52 -3.77 -3.47
N LEU B 58 7.24 -3.79 -3.81
CA LEU B 58 6.30 -4.73 -3.21
C LEU B 58 6.73 -6.17 -3.44
N SER B 59 7.12 -6.47 -4.68
CA SER B 59 7.56 -7.81 -5.04
C SER B 59 8.86 -8.16 -4.32
N GLN B 60 9.78 -7.19 -4.27
CA GLN B 60 11.06 -7.40 -3.63
C GLN B 60 10.89 -7.64 -2.13
N LYS B 61 10.05 -6.84 -1.50
CA LYS B 61 9.83 -6.92 -0.06
C LYS B 61 9.25 -8.27 0.33
N LEU B 62 8.24 -8.70 -0.42
CA LEU B 62 7.53 -9.95 -0.12
C LEU B 62 8.47 -11.14 -0.23
N GLU B 63 9.33 -11.13 -1.26
CA GLU B 63 10.28 -12.21 -1.46
C GLU B 63 11.26 -12.29 -0.30
N MET B 64 11.72 -11.14 0.16
CA MET B 64 12.64 -11.08 1.30
C MET B 64 11.95 -11.57 2.58
N MET B 65 10.67 -11.25 2.70
CA MET B 65 9.89 -11.66 3.87
C MET B 65 9.76 -13.19 3.91
N VAL B 66 9.60 -13.79 2.73
CA VAL B 66 9.52 -15.24 2.64
C VAL B 66 10.87 -15.89 2.94
N ALA B 67 11.93 -15.37 2.33
CA ALA B 67 13.27 -15.88 2.56
C ALA B 67 14.32 -14.84 2.18
N LYS B 68 15.44 -14.85 2.90
CA LYS B 68 16.53 -13.92 2.64
C LYS B 68 17.81 -14.66 2.27
N SER A 26 -11.50 -6.55 2.88
CA SER A 26 -11.54 -6.33 4.32
C SER A 26 -10.38 -5.44 4.77
N ILE A 27 -9.97 -4.54 3.90
CA ILE A 27 -8.90 -3.60 4.21
C ILE A 27 -9.36 -2.16 4.02
N GLU A 28 -9.62 -1.47 5.12
CA GLU A 28 -10.35 -0.20 5.08
C GLU A 28 -9.57 0.84 4.27
N MET A 29 -8.26 0.87 4.46
CA MET A 29 -7.41 1.84 3.77
C MET A 29 -7.44 1.60 2.26
N ALA A 30 -7.33 0.34 1.86
CA ALA A 30 -7.31 -0.01 0.44
C ALA A 30 -8.66 0.31 -0.22
N HIS A 31 -9.75 -0.04 0.46
CA HIS A 31 -11.08 0.19 -0.06
C HIS A 31 -11.35 1.68 -0.21
N SER A 32 -10.96 2.46 0.80
CA SER A 32 -11.24 3.89 0.82
C SER A 32 -10.58 4.59 -0.36
N LEU A 33 -9.33 4.25 -0.62
CA LEU A 33 -8.58 4.86 -1.72
C LEU A 33 -9.22 4.49 -3.06
N ALA A 34 -9.62 3.24 -3.20
CA ALA A 34 -10.25 2.76 -4.43
C ALA A 34 -11.59 3.47 -4.67
N GLN A 35 -12.36 3.63 -3.60
CA GLN A 35 -13.69 4.21 -3.71
C GLN A 35 -13.61 5.65 -4.22
N ILE A 36 -12.55 6.36 -3.85
CA ILE A 36 -12.39 7.75 -4.23
C ILE A 36 -11.53 7.88 -5.49
N GLY A 37 -11.30 6.74 -6.15
CA GLY A 37 -10.80 6.77 -7.51
C GLY A 37 -9.30 6.94 -7.58
N ILE A 38 -8.63 6.68 -6.45
CA ILE A 38 -7.18 6.81 -6.39
C ILE A 38 -6.50 5.45 -6.44
N ARG A 39 -5.59 5.29 -7.40
CA ARG A 39 -4.77 4.08 -7.48
C ARG A 39 -3.67 4.10 -6.42
N PHE A 40 -3.33 2.92 -5.91
CA PHE A 40 -2.36 2.81 -4.83
C PHE A 40 -1.59 1.49 -4.92
N VAL A 41 -0.46 1.42 -4.21
CA VAL A 41 0.29 0.18 -4.11
C VAL A 41 0.44 -0.25 -2.65
N PRO A 42 -0.12 -1.42 -2.32
CA PRO A 42 0.07 -2.05 -1.01
C PRO A 42 1.54 -2.25 -0.66
N ILE A 43 1.96 -1.74 0.49
CA ILE A 43 3.31 -1.98 1.00
C ILE A 43 3.26 -2.77 2.30
N PRO A 44 3.82 -4.00 2.27
CA PRO A 44 3.90 -4.86 3.45
C PRO A 44 4.61 -4.18 4.62
N VAL A 45 4.17 -4.50 5.84
CA VAL A 45 4.84 -4.02 7.03
C VAL A 45 5.28 -5.17 7.93
N GLU A 46 6.26 -4.90 8.79
CA GLU A 46 6.78 -5.92 9.69
C GLU A 46 6.42 -5.61 11.14
N THR A 47 6.46 -4.32 11.48
CA THR A 47 6.29 -3.89 12.86
C THR A 47 5.07 -2.99 13.02
N ASP A 48 4.53 -2.93 14.23
CA ASP A 48 3.43 -2.02 14.53
C ASP A 48 3.86 -0.57 14.31
N GLU A 49 5.08 -0.25 14.71
CA GLU A 49 5.59 1.11 14.59
C GLU A 49 5.69 1.52 13.12
N GLU A 50 6.13 0.59 12.28
CA GLU A 50 6.17 0.82 10.84
C GLU A 50 4.77 1.03 10.28
N PHE A 51 3.82 0.21 10.73
CA PHE A 51 2.46 0.27 10.24
C PHE A 51 1.83 1.63 10.58
N HIS A 52 1.98 2.05 11.83
CA HIS A 52 1.37 3.28 12.29
C HIS A 52 1.96 4.49 11.57
N THR A 53 3.28 4.51 11.41
CA THR A 53 3.97 5.60 10.75
C THR A 53 3.68 5.59 9.25
N LEU A 54 3.71 4.41 8.65
CA LEU A 54 3.47 4.26 7.22
C LEU A 54 2.03 4.62 6.87
N ALA A 55 1.10 4.21 7.73
CA ALA A 55 -0.30 4.60 7.59
C ALA A 55 -0.46 6.12 7.67
N ALA A 56 0.26 6.73 8.61
CA ALA A 56 0.30 8.19 8.70
C ALA A 56 0.89 8.80 7.43
N SER A 57 1.90 8.15 6.87
CA SER A 57 2.61 8.69 5.72
C SER A 57 1.69 8.78 4.51
N LEU A 58 0.87 7.75 4.31
CA LEU A 58 -0.06 7.71 3.19
C LEU A 58 -1.13 8.78 3.32
N SER A 59 -1.59 9.00 4.55
CA SER A 59 -2.61 10.01 4.82
C SER A 59 -2.09 11.40 4.50
N GLN A 60 -0.83 11.67 4.85
CA GLN A 60 -0.18 12.92 4.53
C GLN A 60 -0.08 13.12 3.02
N LYS A 61 0.33 12.07 2.32
CA LYS A 61 0.38 12.08 0.87
C LYS A 61 -1.02 12.25 0.28
N LEU A 62 -1.98 11.51 0.82
CA LEU A 62 -3.34 11.53 0.32
C LEU A 62 -3.94 12.93 0.43
N GLU A 63 -3.73 13.57 1.57
CA GLU A 63 -4.28 14.89 1.82
C GLU A 63 -3.79 15.89 0.78
N MET A 64 -2.51 15.82 0.45
CA MET A 64 -1.91 16.71 -0.54
C MET A 64 -2.49 16.44 -1.93
N MET A 65 -2.77 15.17 -2.21
CA MET A 65 -3.31 14.79 -3.50
C MET A 65 -4.71 15.35 -3.70
N VAL A 66 -5.50 15.36 -2.63
CA VAL A 66 -6.90 15.76 -2.72
C VAL A 66 -7.08 17.22 -2.31
N ALA A 67 -6.01 17.81 -1.75
CA ALA A 67 -6.05 19.21 -1.35
C ALA A 67 -6.32 20.12 -2.53
N LYS A 68 -7.07 21.19 -2.28
CA LYS A 68 -7.38 22.17 -3.31
C LYS A 68 -6.95 23.57 -2.88
N SER B 26 -11.40 -5.28 -5.04
CA SER B 26 -11.03 -5.35 -6.46
C SER B 26 -9.59 -4.89 -6.66
N ILE B 27 -8.75 -5.15 -5.66
CA ILE B 27 -7.33 -4.80 -5.75
C ILE B 27 -6.46 -6.02 -5.51
N GLU B 28 -5.88 -6.55 -6.59
CA GLU B 28 -5.27 -7.88 -6.56
C GLU B 28 -4.11 -7.92 -5.57
N MET B 29 -3.32 -6.86 -5.55
CA MET B 29 -2.16 -6.78 -4.67
C MET B 29 -2.58 -6.79 -3.20
N ALA B 30 -3.60 -5.99 -2.89
CA ALA B 30 -4.09 -5.89 -1.52
C ALA B 30 -4.69 -7.21 -1.04
N HIS B 31 -5.49 -7.84 -1.90
CA HIS B 31 -6.14 -9.10 -1.57
C HIS B 31 -5.10 -10.20 -1.35
N SER B 32 -4.10 -10.25 -2.22
CA SER B 32 -3.09 -11.30 -2.19
C SER B 32 -2.34 -11.27 -0.86
N LEU B 33 -1.93 -10.08 -0.44
CA LEU B 33 -1.19 -9.91 0.80
C LEU B 33 -2.04 -10.32 1.99
N ALA B 34 -3.31 -9.93 1.98
CA ALA B 34 -4.22 -10.26 3.06
C ALA B 34 -4.45 -11.76 3.15
N GLN B 35 -4.60 -12.40 2.00
CA GLN B 35 -4.90 -13.83 1.95
C GLN B 35 -3.77 -14.64 2.58
N ILE B 36 -2.54 -14.17 2.41
CA ILE B 36 -1.36 -14.87 2.93
C ILE B 36 -0.97 -14.34 4.31
N GLY B 37 -1.86 -13.56 4.91
CA GLY B 37 -1.75 -13.27 6.32
C GLY B 37 -0.77 -12.15 6.63
N ILE B 38 -0.44 -11.37 5.60
CA ILE B 38 0.51 -10.26 5.75
C ILE B 38 -0.22 -8.93 5.81
N ARG B 39 0.02 -8.17 6.87
CA ARG B 39 -0.50 -6.81 6.98
C ARG B 39 0.28 -5.84 6.10
N PHE B 40 -0.40 -4.84 5.57
CA PHE B 40 0.22 -3.91 4.63
C PHE B 40 -0.42 -2.53 4.73
N VAL B 41 0.26 -1.53 4.20
CA VAL B 41 -0.30 -0.19 4.11
C VAL B 41 -0.34 0.29 2.65
N PRO B 42 -1.56 0.55 2.15
CA PRO B 42 -1.77 1.17 0.85
C PRO B 42 -1.05 2.50 0.71
N ILE B 43 -0.23 2.64 -0.32
CA ILE B 43 0.41 3.90 -0.64
C ILE B 43 -0.05 4.43 -2.00
N PRO B 44 -0.73 5.59 -1.98
CA PRO B 44 -1.21 6.24 -3.19
C PRO B 44 -0.09 6.51 -4.19
N VAL B 45 -0.41 6.44 -5.48
CA VAL B 45 0.54 6.80 -6.53
C VAL B 45 -0.01 7.88 -7.44
N GLU B 46 0.88 8.60 -8.11
CA GLU B 46 0.48 9.68 -9.00
C GLU B 46 0.75 9.31 -10.45
N THR B 47 1.87 8.62 -10.69
CA THR B 47 2.32 8.35 -12.04
C THR B 47 2.38 6.84 -12.31
N ASP B 48 2.30 6.46 -13.57
CA ASP B 48 2.46 5.07 -13.97
C ASP B 48 3.84 4.55 -13.58
N GLU B 49 4.86 5.39 -13.78
CA GLU B 49 6.23 5.01 -13.47
C GLU B 49 6.40 4.73 -11.98
N GLU B 50 5.77 5.57 -11.15
CA GLU B 50 5.77 5.36 -9.71
C GLU B 50 5.06 4.05 -9.35
N PHE B 51 3.92 3.81 -10.00
CA PHE B 51 3.14 2.61 -9.72
C PHE B 51 3.92 1.34 -10.03
N HIS B 52 4.54 1.32 -11.21
CA HIS B 52 5.26 0.14 -11.67
C HIS B 52 6.47 -0.13 -10.77
N THR B 53 7.20 0.92 -10.43
CA THR B 53 8.38 0.78 -9.58
C THR B 53 7.99 0.45 -8.15
N LEU B 54 6.96 1.11 -7.64
CA LEU B 54 6.48 0.89 -6.28
C LEU B 54 5.92 -0.51 -6.12
N ALA B 55 5.19 -0.97 -7.14
CA ALA B 55 4.69 -2.33 -7.18
C ALA B 55 5.84 -3.34 -7.17
N ALA B 56 6.88 -3.03 -7.93
CA ALA B 56 8.10 -3.84 -7.90
C ALA B 56 8.74 -3.83 -6.52
N SER B 57 8.71 -2.67 -5.87
CA SER B 57 9.36 -2.50 -4.58
C SER B 57 8.74 -3.39 -3.52
N LEU B 58 7.41 -3.48 -3.53
CA LEU B 58 6.69 -4.28 -2.57
C LEU B 58 6.97 -5.76 -2.76
N SER B 59 7.06 -6.17 -4.04
CA SER B 59 7.35 -7.56 -4.37
C SER B 59 8.73 -7.97 -3.86
N GLN B 60 9.70 -7.07 -4.01
CA GLN B 60 11.05 -7.31 -3.50
C GLN B 60 11.03 -7.45 -1.97
N LYS B 61 10.31 -6.56 -1.32
CA LYS B 61 10.14 -6.64 0.13
C LYS B 61 9.39 -7.92 0.52
N LEU B 62 8.33 -8.22 -0.22
CA LEU B 62 7.50 -9.38 0.07
C LEU B 62 8.31 -10.67 -0.02
N GLU B 63 9.12 -10.78 -1.07
CA GLU B 63 9.92 -11.98 -1.29
C GLU B 63 10.84 -12.24 -0.10
N MET B 64 11.47 -11.18 0.40
CA MET B 64 12.38 -11.29 1.53
C MET B 64 11.62 -11.72 2.79
N MET B 65 10.40 -11.23 2.93
CA MET B 65 9.58 -11.54 4.11
C MET B 65 9.22 -13.02 4.13
N VAL B 66 8.93 -13.58 2.96
CA VAL B 66 8.46 -14.95 2.87
C VAL B 66 9.60 -15.91 2.55
N ALA B 67 10.76 -15.35 2.20
CA ALA B 67 11.93 -16.15 1.90
C ALA B 67 12.34 -17.01 3.10
N LYS B 68 12.82 -18.21 2.82
CA LYS B 68 13.30 -19.11 3.88
C LYS B 68 14.74 -19.55 3.61
N SER A 26 -13.52 -5.82 3.15
CA SER A 26 -12.33 -6.49 3.67
C SER A 26 -11.29 -5.46 4.12
N ILE A 27 -10.62 -4.85 3.14
CA ILE A 27 -9.51 -3.94 3.44
C ILE A 27 -9.97 -2.49 3.35
N GLU A 28 -10.24 -1.90 4.51
CA GLU A 28 -11.02 -0.67 4.56
C GLU A 28 -10.30 0.46 3.84
N MET A 29 -8.99 0.54 4.04
CA MET A 29 -8.18 1.58 3.41
C MET A 29 -8.15 1.40 1.90
N ALA A 30 -7.97 0.16 1.46
CA ALA A 30 -7.88 -0.13 0.03
C ALA A 30 -9.20 0.18 -0.68
N HIS A 31 -10.31 -0.21 -0.06
CA HIS A 31 -11.63 0.02 -0.64
C HIS A 31 -11.92 1.50 -0.75
N SER A 32 -11.58 2.25 0.29
CA SER A 32 -11.85 3.69 0.33
C SER A 32 -11.12 4.40 -0.81
N LEU A 33 -9.86 4.03 -1.02
CA LEU A 33 -9.06 4.62 -2.09
C LEU A 33 -9.65 4.30 -3.45
N ALA A 34 -10.10 3.05 -3.62
CA ALA A 34 -10.68 2.61 -4.87
C ALA A 34 -11.97 3.38 -5.18
N GLN A 35 -12.77 3.62 -4.15
CA GLN A 35 -14.04 4.30 -4.31
C GLN A 35 -13.83 5.73 -4.82
N ILE A 36 -12.75 6.36 -4.36
CA ILE A 36 -12.44 7.73 -4.74
C ILE A 36 -11.45 7.78 -5.90
N GLY A 37 -11.08 6.61 -6.40
CA GLY A 37 -10.47 6.53 -7.71
C GLY A 37 -8.97 6.71 -7.67
N ILE A 38 -8.38 6.49 -6.50
CA ILE A 38 -6.93 6.59 -6.33
C ILE A 38 -6.27 5.22 -6.48
N ARG A 39 -5.28 5.14 -7.37
CA ARG A 39 -4.48 3.93 -7.50
C ARG A 39 -3.37 3.90 -6.45
N PHE A 40 -3.06 2.71 -5.94
CA PHE A 40 -2.17 2.57 -4.81
C PHE A 40 -1.44 1.22 -4.85
N VAL A 41 -0.38 1.11 -4.08
CA VAL A 41 0.31 -0.16 -3.90
C VAL A 41 0.37 -0.56 -2.42
N PRO A 42 -0.11 -1.77 -2.11
CA PRO A 42 -0.21 -2.25 -0.73
C PRO A 42 1.14 -2.69 -0.18
N ILE A 43 1.90 -1.75 0.36
CA ILE A 43 3.22 -2.04 0.88
C ILE A 43 3.14 -2.67 2.27
N PRO A 44 3.80 -3.83 2.43
CA PRO A 44 3.74 -4.61 3.67
C PRO A 44 4.53 -3.94 4.80
N VAL A 45 4.20 -4.31 6.04
CA VAL A 45 4.92 -3.81 7.20
C VAL A 45 5.44 -4.96 8.06
N GLU A 46 6.55 -4.70 8.77
CA GLU A 46 7.16 -5.72 9.62
C GLU A 46 6.60 -5.64 11.03
N THR A 47 6.57 -4.44 11.59
CA THR A 47 6.21 -4.25 12.99
C THR A 47 5.19 -3.13 13.15
N ASP A 48 4.70 -2.95 14.37
CA ASP A 48 3.66 -1.97 14.65
C ASP A 48 4.15 -0.56 14.33
N GLU A 49 5.41 -0.29 14.69
CA GLU A 49 5.97 1.05 14.55
C GLU A 49 6.01 1.46 13.08
N GLU A 50 6.36 0.52 12.21
CA GLU A 50 6.37 0.76 10.77
C GLU A 50 4.96 1.04 10.25
N PHE A 51 4.00 0.27 10.75
CA PHE A 51 2.61 0.42 10.33
C PHE A 51 2.06 1.78 10.72
N HIS A 52 2.32 2.19 11.96
CA HIS A 52 1.82 3.46 12.47
C HIS A 52 2.43 4.63 11.69
N THR A 53 3.73 4.54 11.42
CA THR A 53 4.43 5.59 10.69
C THR A 53 4.01 5.61 9.22
N LEU A 54 3.92 4.42 8.63
CA LEU A 54 3.53 4.30 7.22
C LEU A 54 2.08 4.73 7.03
N ALA A 55 1.22 4.37 7.96
CA ALA A 55 -0.17 4.82 7.95
C ALA A 55 -0.24 6.34 8.05
N ALA A 56 0.60 6.92 8.90
CA ALA A 56 0.70 8.37 8.99
C ALA A 56 1.16 8.97 7.66
N SER A 57 2.11 8.30 7.01
CA SER A 57 2.58 8.74 5.70
C SER A 57 1.46 8.67 4.66
N LEU A 58 0.66 7.62 4.72
CA LEU A 58 -0.48 7.46 3.84
C LEU A 58 -1.45 8.62 3.98
N SER A 59 -1.75 8.98 5.23
CA SER A 59 -2.68 10.07 5.50
C SER A 59 -2.13 11.40 5.00
N GLN A 60 -0.84 11.62 5.25
CA GLN A 60 -0.18 12.85 4.84
C GLN A 60 -0.17 12.98 3.32
N LYS A 61 0.19 11.90 2.64
CA LYS A 61 0.32 11.92 1.19
C LYS A 61 -1.03 12.18 0.52
N LEU A 62 -2.06 11.51 1.00
CA LEU A 62 -3.40 11.66 0.45
C LEU A 62 -3.89 13.10 0.59
N GLU A 63 -3.62 13.70 1.73
CA GLU A 63 -4.03 15.07 2.00
C GLU A 63 -3.37 16.04 1.02
N MET A 64 -2.08 15.83 0.77
CA MET A 64 -1.34 16.67 -0.16
C MET A 64 -1.86 16.50 -1.58
N MET A 65 -2.27 15.28 -1.91
CA MET A 65 -2.77 14.99 -3.25
C MET A 65 -4.06 15.76 -3.53
N VAL A 66 -4.89 15.90 -2.51
CA VAL A 66 -6.19 16.56 -2.66
C VAL A 66 -6.12 18.02 -2.25
N ALA A 67 -5.00 18.41 -1.64
CA ALA A 67 -4.78 19.80 -1.27
C ALA A 67 -4.79 20.71 -2.49
N LYS A 68 -5.32 21.91 -2.31
CA LYS A 68 -5.37 22.89 -3.39
C LYS A 68 -4.71 24.20 -2.96
N SER B 26 -11.91 -7.34 -5.55
CA SER B 26 -11.70 -5.95 -5.95
C SER B 26 -10.21 -5.66 -6.15
N ILE B 27 -9.48 -5.54 -5.04
CA ILE B 27 -8.08 -5.15 -5.10
C ILE B 27 -7.17 -6.37 -4.97
N GLU B 28 -6.68 -6.86 -6.11
CA GLU B 28 -6.12 -8.20 -6.19
C GLU B 28 -4.90 -8.32 -5.28
N MET B 29 -4.06 -7.29 -5.28
CA MET B 29 -2.85 -7.29 -4.46
C MET B 29 -3.21 -7.29 -2.98
N ALA B 30 -4.17 -6.44 -2.60
CA ALA B 30 -4.57 -6.31 -1.21
C ALA B 30 -5.17 -7.61 -0.68
N HIS B 31 -6.03 -8.23 -1.49
CA HIS B 31 -6.68 -9.48 -1.10
C HIS B 31 -5.65 -10.59 -0.91
N SER B 32 -4.70 -10.67 -1.83
CA SER B 32 -3.68 -11.71 -1.80
C SER B 32 -2.86 -11.63 -0.52
N LEU B 33 -2.47 -10.41 -0.15
CA LEU B 33 -1.70 -10.19 1.06
C LEU B 33 -2.51 -10.58 2.30
N ALA B 34 -3.78 -10.23 2.30
CA ALA B 34 -4.66 -10.55 3.43
C ALA B 34 -4.81 -12.05 3.59
N GLN B 35 -4.92 -12.77 2.47
CA GLN B 35 -5.11 -14.21 2.50
C GLN B 35 -3.90 -14.90 3.14
N ILE B 36 -2.71 -14.35 2.90
CA ILE B 36 -1.49 -14.94 3.42
C ILE B 36 -1.06 -14.26 4.71
N GLY B 37 -1.87 -13.31 5.17
CA GLY B 37 -1.79 -12.87 6.55
C GLY B 37 -0.78 -11.75 6.75
N ILE B 38 -0.46 -11.06 5.66
CA ILE B 38 0.47 -9.93 5.72
C ILE B 38 -0.28 -8.61 5.85
N ARG B 39 0.07 -7.84 6.87
CA ARG B 39 -0.47 -6.49 7.03
C ARG B 39 0.29 -5.49 6.16
N PHE B 40 -0.43 -4.52 5.61
CA PHE B 40 0.14 -3.62 4.61
C PHE B 40 -0.55 -2.26 4.66
N VAL B 41 0.09 -1.26 4.05
CA VAL B 41 -0.53 0.05 3.87
C VAL B 41 -0.60 0.43 2.40
N PRO B 42 -1.81 0.77 1.93
CA PRO B 42 -2.05 1.08 0.51
C PRO B 42 -1.57 2.48 0.14
N ILE B 43 -0.29 2.58 -0.21
CA ILE B 43 0.31 3.86 -0.55
C ILE B 43 -0.04 4.27 -1.98
N PRO B 44 -0.59 5.49 -2.13
CA PRO B 44 -1.07 5.99 -3.42
C PRO B 44 0.08 6.33 -4.36
N VAL B 45 -0.22 6.37 -5.66
CA VAL B 45 0.77 6.76 -6.66
C VAL B 45 0.27 7.91 -7.52
N GLU B 46 1.20 8.71 -8.03
CA GLU B 46 0.85 9.86 -8.86
C GLU B 46 0.80 9.48 -10.33
N THR B 47 1.85 8.79 -10.79
CA THR B 47 2.00 8.50 -12.21
C THR B 47 2.35 7.04 -12.43
N ASP B 48 2.40 6.63 -13.70
CA ASP B 48 2.65 5.23 -14.05
C ASP B 48 4.03 4.80 -13.56
N GLU B 49 5.01 5.68 -13.70
CA GLU B 49 6.39 5.34 -13.37
C GLU B 49 6.53 5.02 -11.88
N GLU B 50 5.83 5.79 -11.05
CA GLU B 50 5.83 5.55 -9.61
C GLU B 50 5.17 4.20 -9.29
N PHE B 51 4.08 3.91 -9.98
CA PHE B 51 3.35 2.66 -9.76
C PHE B 51 4.20 1.46 -10.12
N HIS B 52 4.86 1.53 -11.27
CA HIS B 52 5.68 0.42 -11.75
C HIS B 52 6.87 0.18 -10.82
N THR B 53 7.48 1.26 -10.36
CA THR B 53 8.62 1.16 -9.45
C THR B 53 8.18 0.70 -8.06
N LEU B 54 7.08 1.27 -7.59
CA LEU B 54 6.55 0.93 -6.27
C LEU B 54 6.05 -0.52 -6.25
N ALA B 55 5.41 -0.93 -7.33
CA ALA B 55 4.99 -2.33 -7.50
C ALA B 55 6.20 -3.26 -7.48
N ALA B 56 7.26 -2.85 -8.14
CA ALA B 56 8.52 -3.59 -8.11
C ALA B 56 9.07 -3.68 -6.69
N SER B 57 8.97 -2.58 -5.96
CA SER B 57 9.39 -2.55 -4.56
C SER B 57 8.55 -3.50 -3.72
N LEU B 58 7.25 -3.52 -3.99
CA LEU B 58 6.34 -4.43 -3.28
C LEU B 58 6.76 -5.88 -3.48
N SER B 59 7.05 -6.24 -4.72
CA SER B 59 7.46 -7.61 -5.05
C SER B 59 8.79 -7.96 -4.38
N GLN B 60 9.72 -7.02 -4.40
CA GLN B 60 11.04 -7.25 -3.81
C GLN B 60 10.93 -7.42 -2.30
N LYS B 61 10.15 -6.56 -1.67
CA LYS B 61 10.03 -6.57 -0.21
C LYS B 61 9.37 -7.87 0.28
N LEU B 62 8.30 -8.28 -0.41
CA LEU B 62 7.59 -9.49 -0.04
C LEU B 62 8.50 -10.72 -0.15
N GLU B 63 9.32 -10.75 -1.20
CA GLU B 63 10.23 -11.86 -1.42
C GLU B 63 11.24 -11.97 -0.28
N MET B 64 11.77 -10.83 0.14
CA MET B 64 12.73 -10.77 1.23
C MET B 64 12.08 -11.22 2.54
N MET B 65 10.82 -10.86 2.72
CA MET B 65 10.09 -11.20 3.94
C MET B 65 9.94 -12.71 4.09
N VAL B 66 9.74 -13.39 2.96
CA VAL B 66 9.51 -14.84 2.96
C VAL B 66 10.80 -15.60 2.70
N ALA B 67 11.84 -14.87 2.28
CA ALA B 67 13.14 -15.47 2.06
C ALA B 67 13.70 -16.10 3.34
N LYS B 68 14.39 -17.22 3.17
CA LYS B 68 15.01 -17.91 4.31
C LYS B 68 16.49 -18.11 4.07
N SER A 26 -11.45 -8.29 3.55
CA SER A 26 -11.82 -6.91 3.27
C SER A 26 -10.89 -5.94 4.00
N ILE A 27 -10.32 -4.99 3.25
CA ILE A 27 -9.36 -4.05 3.81
C ILE A 27 -9.86 -2.62 3.66
N GLU A 28 -10.12 -1.96 4.78
CA GLU A 28 -10.83 -0.68 4.77
C GLU A 28 -10.04 0.37 4.00
N MET A 29 -8.72 0.39 4.21
CA MET A 29 -7.85 1.35 3.55
C MET A 29 -7.88 1.15 2.03
N ALA A 30 -7.78 -0.10 1.61
CA ALA A 30 -7.75 -0.42 0.18
C ALA A 30 -9.07 -0.07 -0.49
N HIS A 31 -10.17 -0.40 0.17
CA HIS A 31 -11.50 -0.11 -0.36
C HIS A 31 -11.73 1.40 -0.46
N SER A 32 -11.30 2.13 0.56
CA SER A 32 -11.55 3.57 0.63
C SER A 32 -10.89 4.28 -0.54
N LEU A 33 -9.63 3.93 -0.82
CA LEU A 33 -8.87 4.54 -1.89
C LEU A 33 -9.51 4.25 -3.25
N ALA A 34 -9.95 3.00 -3.43
CA ALA A 34 -10.58 2.59 -4.67
C ALA A 34 -11.89 3.35 -4.90
N GLN A 35 -12.66 3.51 -3.83
CA GLN A 35 -13.97 4.15 -3.93
C GLN A 35 -13.82 5.60 -4.39
N ILE A 36 -12.74 6.25 -3.99
CA ILE A 36 -12.52 7.64 -4.32
C ILE A 36 -11.60 7.78 -5.53
N GLY A 37 -11.39 6.67 -6.23
CA GLY A 37 -10.85 6.73 -7.58
C GLY A 37 -9.34 6.84 -7.59
N ILE A 38 -8.71 6.48 -6.49
CA ILE A 38 -7.26 6.52 -6.37
C ILE A 38 -6.65 5.14 -6.60
N ARG A 39 -5.72 5.06 -7.55
CA ARG A 39 -4.90 3.87 -7.72
C ARG A 39 -3.77 3.84 -6.70
N PHE A 40 -3.49 2.66 -6.17
CA PHE A 40 -2.52 2.51 -5.10
C PHE A 40 -1.81 1.16 -5.18
N VAL A 41 -0.66 1.06 -4.54
CA VAL A 41 0.00 -0.23 -4.33
C VAL A 41 0.16 -0.54 -2.85
N PRO A 42 -0.46 -1.65 -2.40
CA PRO A 42 -0.29 -2.15 -1.05
C PRO A 42 1.18 -2.35 -0.67
N ILE A 43 1.56 -1.80 0.48
CA ILE A 43 2.89 -2.03 1.02
C ILE A 43 2.81 -2.74 2.37
N PRO A 44 3.49 -3.89 2.47
CA PRO A 44 3.44 -4.73 3.67
C PRO A 44 4.29 -4.18 4.81
N VAL A 45 3.98 -4.59 6.03
CA VAL A 45 4.73 -4.15 7.20
C VAL A 45 5.23 -5.34 8.01
N GLU A 46 6.26 -5.11 8.82
CA GLU A 46 6.80 -6.14 9.70
C GLU A 46 6.23 -6.00 11.11
N THR A 47 6.36 -4.80 11.68
CA THR A 47 6.02 -4.58 13.08
C THR A 47 5.05 -3.41 13.23
N ASP A 48 4.58 -3.21 14.45
CA ASP A 48 3.57 -2.18 14.71
C ASP A 48 4.10 -0.79 14.38
N GLU A 49 5.37 -0.56 14.71
CA GLU A 49 5.97 0.76 14.53
C GLU A 49 6.02 1.14 13.06
N GLU A 50 6.32 0.16 12.20
CA GLU A 50 6.31 0.38 10.76
C GLU A 50 4.90 0.67 10.27
N PHE A 51 3.93 -0.06 10.81
CA PHE A 51 2.54 0.10 10.40
C PHE A 51 2.03 1.50 10.73
N HIS A 52 2.30 1.95 11.95
CA HIS A 52 1.84 3.26 12.41
C HIS A 52 2.49 4.38 11.59
N THR A 53 3.78 4.24 11.32
CA THR A 53 4.51 5.22 10.54
C THR A 53 4.06 5.20 9.07
N LEU A 54 3.85 4.00 8.55
CA LEU A 54 3.41 3.85 7.16
C LEU A 54 2.00 4.39 6.99
N ALA A 55 1.16 4.18 7.98
CA ALA A 55 -0.18 4.76 8.00
C ALA A 55 -0.13 6.28 7.96
N ALA A 56 0.81 6.84 8.72
CA ALA A 56 1.06 8.28 8.68
C ALA A 56 1.49 8.72 7.29
N SER A 57 2.33 7.91 6.65
CA SER A 57 2.79 8.20 5.31
C SER A 57 1.63 8.19 4.31
N LEU A 58 0.72 7.22 4.48
CA LEU A 58 -0.46 7.13 3.65
C LEU A 58 -1.30 8.41 3.75
N SER A 59 -1.48 8.89 4.97
CA SER A 59 -2.23 10.12 5.21
C SER A 59 -1.51 11.31 4.58
N GLN A 60 -0.19 11.35 4.72
CA GLN A 60 0.61 12.44 4.17
C GLN A 60 0.50 12.47 2.65
N LYS A 61 0.58 11.29 2.03
CA LYS A 61 0.52 11.18 0.57
C LYS A 61 -0.79 11.73 0.04
N LEU A 62 -1.89 11.35 0.69
CA LEU A 62 -3.22 11.77 0.25
C LEU A 62 -3.38 13.28 0.37
N GLU A 63 -2.89 13.84 1.46
CA GLU A 63 -3.00 15.28 1.70
C GLU A 63 -2.24 16.06 0.64
N MET A 64 -1.06 15.58 0.29
CA MET A 64 -0.23 16.21 -0.73
C MET A 64 -0.90 16.12 -2.10
N MET A 65 -1.53 14.98 -2.37
CA MET A 65 -2.20 14.76 -3.64
C MET A 65 -3.40 15.71 -3.80
N VAL A 66 -4.11 15.93 -2.70
CA VAL A 66 -5.28 16.79 -2.72
C VAL A 66 -4.88 18.26 -2.71
N ALA A 67 -3.90 18.60 -1.89
CA ALA A 67 -3.48 19.99 -1.72
C ALA A 67 -3.02 20.58 -3.05
N LYS A 68 -3.35 21.85 -3.27
CA LYS A 68 -2.95 22.55 -4.49
C LYS A 68 -3.04 24.06 -4.30
N SER B 26 -12.68 -4.19 -5.83
CA SER B 26 -11.81 -5.31 -5.51
C SER B 26 -10.39 -5.07 -6.01
N ILE B 27 -9.42 -5.21 -5.12
CA ILE B 27 -8.03 -4.95 -5.45
C ILE B 27 -7.17 -6.19 -5.27
N GLU B 28 -6.62 -6.69 -6.36
CA GLU B 28 -5.98 -8.01 -6.37
C GLU B 28 -4.79 -8.04 -5.41
N MET B 29 -4.01 -6.97 -5.42
CA MET B 29 -2.84 -6.88 -4.56
C MET B 29 -3.23 -6.90 -3.08
N ALA B 30 -4.26 -6.12 -2.74
CA ALA B 30 -4.71 -6.02 -1.36
C ALA B 30 -5.27 -7.35 -0.87
N HIS B 31 -6.07 -8.00 -1.72
CA HIS B 31 -6.66 -9.29 -1.37
C HIS B 31 -5.58 -10.34 -1.17
N SER B 32 -4.60 -10.36 -2.07
CA SER B 32 -3.57 -11.39 -2.06
C SER B 32 -2.78 -11.35 -0.75
N LEU B 33 -2.40 -10.14 -0.33
CA LEU B 33 -1.62 -9.97 0.90
C LEU B 33 -2.43 -10.42 2.12
N ALA B 34 -3.71 -10.07 2.13
CA ALA B 34 -4.58 -10.44 3.24
C ALA B 34 -4.75 -11.95 3.32
N GLN B 35 -4.90 -12.60 2.17
CA GLN B 35 -5.14 -14.03 2.12
C GLN B 35 -3.95 -14.80 2.71
N ILE B 36 -2.75 -14.26 2.52
CA ILE B 36 -1.54 -14.92 2.99
C ILE B 36 -1.10 -14.34 4.33
N GLY B 37 -1.98 -13.59 4.97
CA GLY B 37 -1.82 -13.29 6.38
C GLY B 37 -0.88 -12.12 6.63
N ILE B 38 -0.65 -11.32 5.59
CA ILE B 38 0.22 -10.16 5.71
C ILE B 38 -0.58 -8.88 5.92
N ARG B 39 -0.26 -8.16 6.99
CA ARG B 39 -0.79 -6.81 7.18
C ARG B 39 -0.03 -5.80 6.34
N PHE B 40 -0.74 -4.84 5.77
CA PHE B 40 -0.15 -3.89 4.85
C PHE B 40 -0.86 -2.53 4.93
N VAL B 41 -0.19 -1.49 4.45
CA VAL B 41 -0.83 -0.20 4.25
C VAL B 41 -0.78 0.22 2.79
N PRO B 42 -1.96 0.39 2.18
CA PRO B 42 -2.07 0.93 0.81
C PRO B 42 -1.34 2.26 0.65
N ILE B 43 -0.50 2.34 -0.38
CA ILE B 43 0.14 3.60 -0.73
C ILE B 43 -0.26 4.06 -2.13
N PRO B 44 -0.81 5.28 -2.22
CA PRO B 44 -1.35 5.82 -3.47
C PRO B 44 -0.24 6.27 -4.43
N VAL B 45 -0.57 6.36 -5.70
CA VAL B 45 0.39 6.80 -6.72
C VAL B 45 -0.17 7.96 -7.53
N GLU B 46 0.72 8.72 -8.16
CA GLU B 46 0.31 9.81 -9.03
C GLU B 46 0.32 9.39 -10.49
N THR B 47 1.45 8.84 -10.93
CA THR B 47 1.64 8.54 -12.35
C THR B 47 2.06 7.09 -12.55
N ASP B 48 2.14 6.68 -13.81
CA ASP B 48 2.43 5.29 -14.14
C ASP B 48 3.81 4.89 -13.63
N GLU B 49 4.78 5.80 -13.76
CA GLU B 49 6.15 5.52 -13.39
C GLU B 49 6.27 5.21 -11.89
N GLU B 50 5.53 5.96 -11.08
CA GLU B 50 5.48 5.72 -9.65
C GLU B 50 4.84 4.37 -9.35
N PHE B 51 3.78 4.04 -10.08
CA PHE B 51 3.06 2.79 -9.87
C PHE B 51 3.96 1.59 -10.16
N HIS B 52 4.67 1.65 -11.29
CA HIS B 52 5.52 0.54 -11.70
C HIS B 52 6.68 0.36 -10.72
N THR B 53 7.26 1.47 -10.28
CA THR B 53 8.35 1.44 -9.32
C THR B 53 7.86 0.97 -7.95
N LEU B 54 6.70 1.46 -7.54
CA LEU B 54 6.12 1.08 -6.26
C LEU B 54 5.73 -0.40 -6.25
N ALA B 55 5.22 -0.88 -7.38
CA ALA B 55 4.94 -2.30 -7.54
C ALA B 55 6.20 -3.13 -7.39
N ALA B 56 7.30 -2.66 -7.95
CA ALA B 56 8.60 -3.29 -7.76
C ALA B 56 9.00 -3.30 -6.30
N SER B 57 8.72 -2.20 -5.61
CA SER B 57 9.01 -2.09 -4.18
C SER B 57 8.20 -3.10 -3.38
N LEU B 58 6.94 -3.26 -3.76
CA LEU B 58 6.07 -4.24 -3.11
C LEU B 58 6.64 -5.65 -3.25
N SER B 59 7.10 -5.99 -4.44
CA SER B 59 7.71 -7.28 -4.69
C SER B 59 8.99 -7.45 -3.87
N GLN B 60 9.79 -6.38 -3.82
CA GLN B 60 11.04 -6.42 -3.07
C GLN B 60 10.78 -6.63 -1.58
N LYS B 61 9.78 -5.93 -1.05
CA LYS B 61 9.44 -6.03 0.36
C LYS B 61 9.06 -7.45 0.75
N LEU B 62 8.24 -8.08 -0.09
CA LEU B 62 7.76 -9.43 0.18
C LEU B 62 8.90 -10.43 0.16
N GLU B 63 9.79 -10.27 -0.81
CA GLU B 63 10.93 -11.17 -0.96
C GLU B 63 11.85 -11.09 0.27
N MET B 64 12.07 -9.88 0.75
CA MET B 64 12.90 -9.66 1.94
C MET B 64 12.24 -10.25 3.18
N MET B 65 10.92 -10.12 3.26
CA MET B 65 10.17 -10.64 4.40
C MET B 65 10.24 -12.17 4.45
N VAL B 66 10.18 -12.79 3.28
CA VAL B 66 10.21 -14.24 3.18
C VAL B 66 11.63 -14.78 3.36
N ALA B 67 12.58 -14.11 2.71
CA ALA B 67 13.97 -14.56 2.72
C ALA B 67 14.51 -14.64 4.14
N LYS B 68 15.32 -15.66 4.40
CA LYS B 68 15.94 -15.83 5.72
C LYS B 68 17.13 -16.76 5.64
N SER A 26 -11.33 -7.93 3.87
CA SER A 26 -11.63 -6.54 3.50
C SER A 26 -10.65 -5.59 4.16
N ILE A 27 -10.14 -4.63 3.38
CA ILE A 27 -9.12 -3.71 3.87
C ILE A 27 -9.56 -2.26 3.68
N GLU A 28 -9.87 -1.59 4.79
CA GLU A 28 -10.59 -0.33 4.74
C GLU A 28 -9.79 0.73 3.99
N MET A 29 -8.49 0.76 4.23
CA MET A 29 -7.61 1.74 3.58
C MET A 29 -7.57 1.52 2.07
N ALA A 30 -7.44 0.27 1.67
CA ALA A 30 -7.36 -0.07 0.25
C ALA A 30 -8.66 0.27 -0.47
N HIS A 31 -9.78 -0.08 0.15
CA HIS A 31 -11.09 0.19 -0.43
C HIS A 31 -11.34 1.68 -0.56
N SER A 32 -10.96 2.43 0.48
CA SER A 32 -11.23 3.86 0.51
C SER A 32 -10.53 4.58 -0.63
N LEU A 33 -9.26 4.22 -0.86
CA LEU A 33 -8.48 4.83 -1.94
C LEU A 33 -9.09 4.49 -3.30
N ALA A 34 -9.52 3.24 -3.46
CA ALA A 34 -10.15 2.81 -4.70
C ALA A 34 -11.45 3.54 -4.95
N GLN A 35 -12.24 3.71 -3.88
CA GLN A 35 -13.56 4.32 -4.01
C GLN A 35 -13.44 5.76 -4.49
N ILE A 36 -12.38 6.45 -4.08
CA ILE A 36 -12.17 7.84 -4.45
C ILE A 36 -11.31 7.96 -5.70
N GLY A 37 -11.10 6.83 -6.37
CA GLY A 37 -10.60 6.86 -7.74
C GLY A 37 -9.09 7.02 -7.81
N ILE A 38 -8.42 6.72 -6.70
CA ILE A 38 -6.96 6.82 -6.64
C ILE A 38 -6.32 5.45 -6.75
N ARG A 39 -5.47 5.29 -7.76
CA ARG A 39 -4.63 4.10 -7.88
C ARG A 39 -3.56 4.07 -6.80
N PHE A 40 -3.37 2.91 -6.18
CA PHE A 40 -2.46 2.79 -5.05
C PHE A 40 -1.74 1.45 -5.07
N VAL A 41 -0.65 1.35 -4.32
CA VAL A 41 0.10 0.11 -4.20
C VAL A 41 0.23 -0.31 -2.73
N PRO A 42 -0.33 -1.48 -2.40
CA PRO A 42 -0.14 -2.10 -1.09
C PRO A 42 1.33 -2.32 -0.75
N ILE A 43 1.77 -1.80 0.38
CA ILE A 43 3.10 -2.08 0.89
C ILE A 43 3.05 -2.86 2.19
N PRO A 44 3.68 -4.05 2.20
CA PRO A 44 3.66 -4.95 3.35
C PRO A 44 4.49 -4.43 4.52
N VAL A 45 4.10 -4.79 5.74
CA VAL A 45 4.72 -4.24 6.94
C VAL A 45 5.28 -5.34 7.83
N GLU A 46 6.45 -5.11 8.41
CA GLU A 46 7.06 -6.07 9.32
C GLU A 46 6.74 -5.72 10.77
N THR A 47 6.75 -4.43 11.08
CA THR A 47 6.66 -3.99 12.47
C THR A 47 5.39 -3.17 12.71
N ASP A 48 4.75 -3.39 13.85
CA ASP A 48 3.51 -2.71 14.18
C ASP A 48 3.70 -1.20 14.20
N GLU A 49 4.85 -0.77 14.72
CA GLU A 49 5.20 0.65 14.71
C GLU A 49 5.35 1.16 13.27
N GLU A 50 5.91 0.33 12.40
CA GLU A 50 6.04 0.66 11.00
C GLU A 50 4.68 0.86 10.36
N PHE A 51 3.71 0.03 10.76
CA PHE A 51 2.36 0.13 10.24
C PHE A 51 1.75 1.49 10.56
N HIS A 52 1.88 1.91 11.82
CA HIS A 52 1.29 3.16 12.28
C HIS A 52 1.92 4.36 11.58
N THR A 53 3.24 4.32 11.43
CA THR A 53 3.97 5.40 10.76
C THR A 53 3.68 5.39 9.26
N LEU A 54 3.66 4.21 8.67
CA LEU A 54 3.40 4.07 7.24
C LEU A 54 1.98 4.48 6.91
N ALA A 55 1.03 4.09 7.76
CA ALA A 55 -0.35 4.52 7.61
C ALA A 55 -0.48 6.03 7.71
N ALA A 56 0.24 6.62 8.65
CA ALA A 56 0.31 8.08 8.77
C ALA A 56 0.91 8.69 7.51
N SER A 57 1.92 8.03 6.96
CA SER A 57 2.65 8.57 5.82
C SER A 57 1.74 8.68 4.60
N LEU A 58 0.90 7.67 4.39
CA LEU A 58 -0.01 7.64 3.26
C LEU A 58 -1.06 8.75 3.37
N SER A 59 -1.53 8.98 4.59
CA SER A 59 -2.52 10.01 4.84
C SER A 59 -1.96 11.40 4.52
N GLN A 60 -0.71 11.63 4.90
CA GLN A 60 -0.03 12.89 4.59
C GLN A 60 0.10 13.07 3.09
N LYS A 61 0.51 12.01 2.39
CA LYS A 61 0.60 12.03 0.95
C LYS A 61 -0.79 12.21 0.33
N LEU A 62 -1.77 11.49 0.86
CA LEU A 62 -3.11 11.49 0.30
C LEU A 62 -3.73 12.90 0.34
N GLU A 63 -3.58 13.56 1.47
CA GLU A 63 -4.13 14.90 1.65
C GLU A 63 -3.53 15.88 0.66
N MET A 64 -2.21 15.77 0.46
CA MET A 64 -1.51 16.63 -0.49
C MET A 64 -1.97 16.37 -1.91
N MET A 65 -2.25 15.11 -2.21
CA MET A 65 -2.76 14.73 -3.53
C MET A 65 -4.13 15.35 -3.78
N VAL A 66 -4.95 15.41 -2.73
CA VAL A 66 -6.28 16.01 -2.82
C VAL A 66 -6.19 17.52 -2.96
N ALA A 67 -5.37 18.14 -2.11
CA ALA A 67 -5.18 19.59 -2.16
C ALA A 67 -3.90 19.99 -1.43
N LYS A 68 -3.26 21.05 -1.90
CA LYS A 68 -2.08 21.59 -1.25
C LYS A 68 -2.31 23.04 -0.81
N SER B 26 -12.27 -4.28 -6.11
CA SER B 26 -11.37 -5.35 -5.68
C SER B 26 -9.94 -5.06 -6.12
N ILE B 27 -9.00 -5.26 -5.19
CA ILE B 27 -7.60 -4.94 -5.46
C ILE B 27 -6.71 -6.15 -5.22
N GLU B 28 -6.17 -6.70 -6.31
CA GLU B 28 -5.57 -8.03 -6.27
C GLU B 28 -4.37 -8.06 -5.33
N MET B 29 -3.57 -6.99 -5.37
CA MET B 29 -2.38 -6.90 -4.54
C MET B 29 -2.75 -6.86 -3.05
N ALA B 30 -3.76 -6.06 -2.72
CA ALA B 30 -4.19 -5.91 -1.34
C ALA B 30 -4.76 -7.21 -0.80
N HIS B 31 -5.59 -7.87 -1.60
CA HIS B 31 -6.20 -9.13 -1.20
C HIS B 31 -5.14 -10.21 -1.00
N SER B 32 -4.17 -10.26 -1.92
CA SER B 32 -3.15 -11.30 -1.88
C SER B 32 -2.34 -11.23 -0.59
N LEU B 33 -1.96 -10.02 -0.20
CA LEU B 33 -1.19 -9.82 1.03
C LEU B 33 -2.00 -10.23 2.25
N ALA B 34 -3.28 -9.86 2.25
CA ALA B 34 -4.18 -10.21 3.35
C ALA B 34 -4.35 -11.72 3.45
N GLN B 35 -4.51 -12.38 2.30
CA GLN B 35 -4.78 -13.81 2.27
C GLN B 35 -3.62 -14.58 2.88
N ILE B 36 -2.40 -14.08 2.68
CA ILE B 36 -1.21 -14.76 3.18
C ILE B 36 -0.81 -14.22 4.55
N GLY B 37 -1.70 -13.45 5.17
CA GLY B 37 -1.61 -13.17 6.58
C GLY B 37 -0.63 -12.04 6.89
N ILE B 38 -0.32 -11.24 5.87
CA ILE B 38 0.60 -10.12 6.04
C ILE B 38 -0.16 -8.80 6.14
N ARG B 39 0.04 -8.10 7.25
CA ARG B 39 -0.47 -6.74 7.39
C ARG B 39 0.28 -5.78 6.48
N PHE B 40 -0.47 -4.90 5.82
CA PHE B 40 0.12 -4.00 4.83
C PHE B 40 -0.56 -2.64 4.85
N VAL B 41 0.10 -1.64 4.27
CA VAL B 41 -0.48 -0.31 4.16
C VAL B 41 -0.53 0.16 2.71
N PRO B 42 -1.75 0.41 2.21
CA PRO B 42 -1.95 1.02 0.89
C PRO B 42 -1.25 2.37 0.76
N ILE B 43 -0.40 2.50 -0.25
CA ILE B 43 0.21 3.78 -0.57
C ILE B 43 -0.27 4.30 -1.93
N PRO B 44 -0.87 5.49 -1.93
CA PRO B 44 -1.44 6.09 -3.14
C PRO B 44 -0.37 6.56 -4.13
N VAL B 45 -0.70 6.55 -5.41
CA VAL B 45 0.27 6.83 -6.46
C VAL B 45 -0.18 7.98 -7.34
N GLU B 46 0.76 8.84 -7.72
CA GLU B 46 0.47 9.96 -8.61
C GLU B 46 0.78 9.61 -10.06
N THR B 47 1.87 8.89 -10.27
CA THR B 47 2.39 8.66 -11.61
C THR B 47 2.37 7.18 -11.97
N ASP B 48 1.99 6.89 -13.21
CA ASP B 48 1.90 5.51 -13.67
C ASP B 48 3.23 4.79 -13.54
N GLU B 49 4.31 5.50 -13.85
CA GLU B 49 5.66 4.97 -13.67
C GLU B 49 5.94 4.68 -12.20
N GLU B 50 5.46 5.56 -11.32
CA GLU B 50 5.59 5.36 -9.89
C GLU B 50 4.88 4.09 -9.44
N PHE B 51 3.73 3.81 -10.05
CA PHE B 51 2.96 2.62 -9.74
C PHE B 51 3.77 1.36 -10.05
N HIS B 52 4.37 1.32 -11.23
CA HIS B 52 5.11 0.14 -11.67
C HIS B 52 6.33 -0.09 -10.79
N THR B 53 7.03 0.99 -10.46
CA THR B 53 8.21 0.91 -9.61
C THR B 53 7.84 0.56 -8.17
N LEU B 54 6.77 1.19 -7.69
CA LEU B 54 6.30 0.95 -6.32
C LEU B 54 5.78 -0.47 -6.17
N ALA B 55 5.06 -0.94 -7.18
CA ALA B 55 4.59 -2.32 -7.22
C ALA B 55 5.76 -3.30 -7.20
N ALA B 56 6.78 -2.99 -7.99
CA ALA B 56 8.02 -3.77 -7.98
C ALA B 56 8.68 -3.73 -6.61
N SER B 57 8.62 -2.58 -5.96
CA SER B 57 9.30 -2.38 -4.68
C SER B 57 8.70 -3.28 -3.61
N LEU B 58 7.38 -3.39 -3.62
CA LEU B 58 6.67 -4.21 -2.62
C LEU B 58 6.99 -5.68 -2.81
N SER B 59 7.10 -6.10 -4.06
CA SER B 59 7.41 -7.49 -4.38
C SER B 59 8.80 -7.87 -3.88
N GLN B 60 9.75 -6.96 -4.05
CA GLN B 60 11.11 -7.16 -3.55
C GLN B 60 11.11 -7.28 -2.02
N LYS B 61 10.39 -6.38 -1.36
CA LYS B 61 10.23 -6.43 0.09
C LYS B 61 9.49 -7.70 0.50
N LEU B 62 8.44 -8.04 -0.23
CA LEU B 62 7.59 -9.18 0.13
C LEU B 62 8.38 -10.48 0.10
N GLU B 63 9.18 -10.66 -0.95
CA GLU B 63 9.98 -11.88 -1.10
C GLU B 63 10.97 -12.03 0.04
N MET B 64 11.60 -10.91 0.43
CA MET B 64 12.55 -10.92 1.52
C MET B 64 11.86 -11.25 2.85
N MET B 65 10.64 -10.77 3.01
CA MET B 65 9.85 -11.07 4.20
C MET B 65 9.53 -12.56 4.29
N VAL B 66 9.27 -13.17 3.13
CA VAL B 66 8.99 -14.60 3.08
C VAL B 66 10.25 -15.42 3.34
N ALA B 67 11.34 -15.06 2.67
CA ALA B 67 12.62 -15.74 2.87
C ALA B 67 13.79 -14.88 2.37
N LYS B 68 14.93 -15.02 3.02
CA LYS B 68 16.14 -14.32 2.58
C LYS B 68 17.24 -15.31 2.23
N SER A 26 -11.60 -6.79 2.53
CA SER A 26 -11.73 -6.56 3.97
C SER A 26 -10.62 -5.65 4.47
N ILE A 27 -10.18 -4.73 3.63
CA ILE A 27 -9.14 -3.78 3.99
C ILE A 27 -9.61 -2.34 3.80
N GLU A 28 -9.86 -1.65 4.92
CA GLU A 28 -10.57 -0.38 4.88
C GLU A 28 -9.80 0.66 4.06
N MET A 29 -8.48 0.67 4.22
CA MET A 29 -7.63 1.61 3.50
C MET A 29 -7.70 1.37 2.00
N ALA A 30 -7.59 0.11 1.61
CA ALA A 30 -7.58 -0.25 0.19
C ALA A 30 -8.92 0.06 -0.46
N HIS A 31 -10.00 -0.29 0.21
CA HIS A 31 -11.34 -0.08 -0.32
C HIS A 31 -11.64 1.41 -0.47
N SER A 32 -11.26 2.18 0.53
CA SER A 32 -11.55 3.61 0.54
C SER A 32 -10.87 4.32 -0.64
N LEU A 33 -9.60 3.98 -0.86
CA LEU A 33 -8.83 4.60 -1.93
C LEU A 33 -9.42 4.27 -3.30
N ALA A 34 -9.83 3.02 -3.47
CA ALA A 34 -10.41 2.58 -4.73
C ALA A 34 -11.72 3.31 -5.02
N GLN A 35 -12.54 3.49 -3.98
CA GLN A 35 -13.84 4.11 -4.13
C GLN A 35 -13.69 5.55 -4.61
N ILE A 36 -12.64 6.22 -4.18
CA ILE A 36 -12.41 7.61 -4.54
C ILE A 36 -11.39 7.73 -5.67
N GLY A 37 -11.12 6.61 -6.33
CA GLY A 37 -10.52 6.66 -7.66
C GLY A 37 -9.01 6.81 -7.59
N ILE A 38 -8.43 6.47 -6.45
CA ILE A 38 -6.98 6.56 -6.28
C ILE A 38 -6.31 5.20 -6.54
N ARG A 39 -5.37 5.19 -7.47
CA ARG A 39 -4.48 4.05 -7.64
C ARG A 39 -3.44 4.00 -6.53
N PHE A 40 -3.21 2.79 -6.01
CA PHE A 40 -2.25 2.62 -4.91
C PHE A 40 -1.57 1.26 -5.01
N VAL A 41 -0.40 1.15 -4.37
CA VAL A 41 0.24 -0.14 -4.17
C VAL A 41 0.45 -0.44 -2.70
N PRO A 42 -0.11 -1.57 -2.23
CA PRO A 42 0.10 -2.06 -0.87
C PRO A 42 1.59 -2.18 -0.52
N ILE A 43 1.97 -1.68 0.64
CA ILE A 43 3.31 -1.89 1.16
C ILE A 43 3.28 -2.67 2.47
N PRO A 44 4.03 -3.78 2.52
CA PRO A 44 4.05 -4.67 3.69
C PRO A 44 4.45 -3.94 4.97
N VAL A 45 3.88 -4.37 6.09
CA VAL A 45 4.29 -3.86 7.39
C VAL A 45 5.03 -4.91 8.20
N GLU A 46 6.10 -4.50 8.86
CA GLU A 46 6.89 -5.40 9.69
C GLU A 46 6.29 -5.52 11.10
N THR A 47 6.08 -4.38 11.73
CA THR A 47 5.61 -4.36 13.11
C THR A 47 4.60 -3.24 13.33
N ASP A 48 4.10 -3.12 14.56
CA ASP A 48 3.04 -2.17 14.87
C ASP A 48 3.51 -0.74 14.61
N GLU A 49 4.76 -0.45 14.98
CA GLU A 49 5.31 0.89 14.83
C GLU A 49 5.36 1.30 13.36
N GLU A 50 5.71 0.34 12.51
CA GLU A 50 5.79 0.59 11.07
C GLU A 50 4.41 0.91 10.50
N PHE A 51 3.39 0.23 11.01
CA PHE A 51 2.02 0.48 10.58
C PHE A 51 1.61 1.92 10.89
N HIS A 52 1.90 2.38 12.10
CA HIS A 52 1.49 3.71 12.53
C HIS A 52 2.21 4.78 11.72
N THR A 53 3.50 4.58 11.50
CA THR A 53 4.29 5.54 10.73
C THR A 53 3.92 5.50 9.25
N LEU A 54 3.76 4.28 8.72
CA LEU A 54 3.40 4.11 7.32
C LEU A 54 1.98 4.61 7.05
N ALA A 55 1.08 4.34 7.99
CA ALA A 55 -0.28 4.87 7.92
C ALA A 55 -0.27 6.40 7.94
N ALA A 56 0.60 6.97 8.75
CA ALA A 56 0.78 8.42 8.78
C ALA A 56 1.24 8.94 7.43
N SER A 57 2.14 8.19 6.79
CA SER A 57 2.63 8.55 5.46
C SER A 57 1.50 8.51 4.44
N LEU A 58 0.64 7.50 4.54
CA LEU A 58 -0.54 7.41 3.69
C LEU A 58 -1.46 8.61 3.89
N SER A 59 -1.69 8.97 5.15
CA SER A 59 -2.56 10.09 5.47
C SER A 59 -1.95 11.41 4.97
N GLN A 60 -0.66 11.57 5.18
CA GLN A 60 0.04 12.78 4.76
C GLN A 60 0.00 12.93 3.24
N LYS A 61 0.22 11.83 2.54
CA LYS A 61 0.25 11.85 1.08
C LYS A 61 -1.11 12.23 0.52
N LEU A 62 -2.16 11.67 1.08
CA LEU A 62 -3.53 11.94 0.63
C LEU A 62 -3.87 13.42 0.82
N GLU A 63 -3.46 13.96 1.96
CA GLU A 63 -3.73 15.37 2.26
C GLU A 63 -3.05 16.28 1.25
N MET A 64 -1.81 15.95 0.89
CA MET A 64 -1.08 16.73 -0.09
C MET A 64 -1.72 16.62 -1.47
N MET A 65 -2.25 15.44 -1.77
CA MET A 65 -2.87 15.19 -3.07
C MET A 65 -4.11 16.07 -3.25
N VAL A 66 -4.86 16.27 -2.18
CA VAL A 66 -6.11 17.02 -2.23
C VAL A 66 -5.89 18.48 -1.85
N ALA A 67 -4.72 18.77 -1.28
CA ALA A 67 -4.37 20.13 -0.89
C ALA A 67 -4.37 21.06 -2.08
N LYS A 68 -4.81 22.30 -1.87
CA LYS A 68 -4.83 23.30 -2.91
C LYS A 68 -4.05 24.55 -2.49
N SER B 26 -11.69 -5.27 -4.74
CA SER B 26 -11.38 -5.39 -6.16
C SER B 26 -9.94 -4.98 -6.42
N ILE B 27 -9.06 -5.22 -5.44
CA ILE B 27 -7.65 -4.90 -5.58
C ILE B 27 -6.78 -6.14 -5.35
N GLU B 28 -6.19 -6.65 -6.42
CA GLU B 28 -5.58 -7.97 -6.40
C GLU B 28 -4.43 -8.01 -5.40
N MET B 29 -3.64 -6.94 -5.37
CA MET B 29 -2.50 -6.86 -4.46
C MET B 29 -2.95 -6.88 -3.01
N ALA B 30 -3.98 -6.09 -2.70
CA ALA B 30 -4.47 -5.98 -1.33
C ALA B 30 -5.08 -7.30 -0.86
N HIS B 31 -5.87 -7.92 -1.72
CA HIS B 31 -6.54 -9.17 -1.38
C HIS B 31 -5.53 -10.28 -1.15
N SER B 32 -4.53 -10.36 -2.03
CA SER B 32 -3.54 -11.41 -1.97
C SER B 32 -2.76 -11.36 -0.65
N LEU B 33 -2.35 -10.16 -0.27
CA LEU B 33 -1.56 -9.97 0.94
C LEU B 33 -2.36 -10.37 2.18
N ALA B 34 -3.64 -9.98 2.20
CA ALA B 34 -4.52 -10.30 3.32
C ALA B 34 -4.71 -11.81 3.46
N GLN B 35 -4.87 -12.49 2.33
CA GLN B 35 -5.13 -13.92 2.33
C GLN B 35 -3.95 -14.68 2.95
N ILE B 36 -2.75 -14.17 2.72
CA ILE B 36 -1.53 -14.82 3.21
C ILE B 36 -1.04 -14.16 4.49
N GLY B 37 -1.89 -13.34 5.10
CA GLY B 37 -1.70 -12.98 6.49
C GLY B 37 -0.71 -11.85 6.67
N ILE B 38 -0.49 -11.09 5.61
CA ILE B 38 0.43 -9.95 5.65
C ILE B 38 -0.33 -8.65 5.91
N ARG B 39 0.06 -7.94 6.97
CA ARG B 39 -0.39 -6.56 7.18
C ARG B 39 0.32 -5.60 6.23
N PHE B 40 -0.44 -4.69 5.66
CA PHE B 40 0.11 -3.73 4.70
C PHE B 40 -0.61 -2.38 4.81
N VAL B 41 0.06 -1.33 4.33
CA VAL B 41 -0.60 -0.04 4.15
C VAL B 41 -0.50 0.42 2.69
N PRO B 42 -1.66 0.64 2.06
CA PRO B 42 -1.74 1.21 0.71
C PRO B 42 -0.95 2.51 0.59
N ILE B 43 -0.16 2.62 -0.48
CA ILE B 43 0.52 3.87 -0.80
C ILE B 43 0.06 4.39 -2.16
N PRO B 44 -0.40 5.66 -2.18
CA PRO B 44 -0.94 6.28 -3.39
C PRO B 44 0.06 6.27 -4.54
N VAL B 45 -0.44 6.16 -5.76
CA VAL B 45 0.40 6.28 -6.95
C VAL B 45 0.08 7.57 -7.72
N GLU B 46 1.13 8.24 -8.18
CA GLU B 46 0.96 9.47 -8.95
C GLU B 46 0.73 9.15 -10.43
N THR B 47 1.64 8.37 -11.00
CA THR B 47 1.59 8.09 -12.43
C THR B 47 1.96 6.63 -12.71
N ASP B 48 1.96 6.25 -13.99
CA ASP B 48 2.17 4.87 -14.38
C ASP B 48 3.56 4.40 -13.93
N GLU B 49 4.55 5.27 -14.10
CA GLU B 49 5.93 4.91 -13.77
C GLU B 49 6.07 4.62 -12.27
N GLU B 50 5.37 5.39 -11.46
CA GLU B 50 5.41 5.20 -10.01
C GLU B 50 4.80 3.86 -9.62
N PHE B 51 3.74 3.46 -10.33
CA PHE B 51 3.10 2.17 -10.09
C PHE B 51 4.08 1.03 -10.35
N HIS B 52 4.79 1.08 -11.47
CA HIS B 52 5.70 0.01 -11.85
C HIS B 52 6.86 -0.09 -10.86
N THR B 53 7.40 1.06 -10.47
CA THR B 53 8.51 1.08 -9.52
C THR B 53 8.05 0.70 -8.11
N LEU B 54 6.90 1.23 -7.71
CA LEU B 54 6.34 0.93 -6.40
C LEU B 54 5.91 -0.53 -6.31
N ALA B 55 5.31 -1.04 -7.38
CA ALA B 55 4.96 -2.45 -7.48
C ALA B 55 6.20 -3.33 -7.38
N ALA B 56 7.28 -2.90 -8.01
CA ALA B 56 8.56 -3.58 -7.90
C ALA B 56 9.05 -3.62 -6.45
N SER B 57 8.86 -2.50 -5.75
CA SER B 57 9.23 -2.42 -4.34
C SER B 57 8.41 -3.39 -3.50
N LEU B 58 7.12 -3.49 -3.81
CA LEU B 58 6.25 -4.45 -3.16
C LEU B 58 6.73 -5.88 -3.39
N SER B 59 7.08 -6.18 -4.64
CA SER B 59 7.54 -7.52 -5.00
C SER B 59 8.87 -7.83 -4.32
N GLN B 60 9.77 -6.85 -4.32
CA GLN B 60 11.08 -7.03 -3.71
C GLN B 60 10.96 -7.26 -2.21
N LYS B 61 10.09 -6.49 -1.56
CA LYS B 61 9.90 -6.59 -0.12
C LYS B 61 9.36 -7.97 0.27
N LEU B 62 8.38 -8.45 -0.49
CA LEU B 62 7.77 -9.74 -0.22
C LEU B 62 8.80 -10.87 -0.35
N GLU B 63 9.64 -10.77 -1.37
CA GLU B 63 10.68 -11.78 -1.61
C GLU B 63 11.65 -11.84 -0.44
N MET B 64 12.04 -10.67 0.07
CA MET B 64 12.94 -10.59 1.22
C MET B 64 12.27 -11.16 2.47
N MET B 65 10.97 -10.93 2.59
CA MET B 65 10.22 -11.39 3.77
C MET B 65 10.20 -12.91 3.84
N VAL B 66 10.11 -13.55 2.68
CA VAL B 66 10.00 -15.01 2.61
C VAL B 66 11.36 -15.65 2.36
N ALA B 67 12.34 -14.81 2.00
CA ALA B 67 13.70 -15.31 1.76
C ALA B 67 14.27 -15.94 3.02
N LYS B 68 15.06 -17.00 2.83
CA LYS B 68 15.72 -17.67 3.95
C LYS B 68 17.22 -17.73 3.74
N SER A 26 -13.07 -6.19 3.16
CA SER A 26 -11.87 -6.91 3.57
C SER A 26 -10.83 -5.94 4.15
N ILE A 27 -10.42 -4.97 3.34
CA ILE A 27 -9.44 -3.98 3.78
C ILE A 27 -9.98 -2.56 3.62
N GLU A 28 -10.31 -1.93 4.73
CA GLU A 28 -11.12 -0.71 4.71
C GLU A 28 -10.39 0.41 3.96
N MET A 29 -9.09 0.52 4.20
CA MET A 29 -8.28 1.54 3.53
C MET A 29 -8.21 1.29 2.03
N ALA A 30 -8.00 0.04 1.65
CA ALA A 30 -7.88 -0.32 0.24
C ALA A 30 -9.19 -0.05 -0.51
N HIS A 31 -10.30 -0.42 0.10
CA HIS A 31 -11.61 -0.24 -0.50
C HIS A 31 -11.93 1.24 -0.68
N SER A 32 -11.64 2.03 0.36
CA SER A 32 -11.95 3.46 0.34
C SER A 32 -11.22 4.16 -0.79
N LEU A 33 -9.94 3.84 -0.95
CA LEU A 33 -9.12 4.46 -1.99
C LEU A 33 -9.64 4.12 -3.38
N ALA A 34 -10.04 2.87 -3.57
CA ALA A 34 -10.56 2.42 -4.85
C ALA A 34 -11.87 3.15 -5.19
N GLN A 35 -12.72 3.32 -4.19
CA GLN A 35 -14.02 3.94 -4.40
C GLN A 35 -13.86 5.39 -4.88
N ILE A 36 -12.82 6.05 -4.40
CA ILE A 36 -12.58 7.45 -4.74
C ILE A 36 -11.55 7.58 -5.86
N GLY A 37 -11.23 6.46 -6.50
CA GLY A 37 -10.58 6.51 -7.79
C GLY A 37 -9.07 6.70 -7.67
N ILE A 38 -8.53 6.40 -6.49
CA ILE A 38 -7.11 6.51 -6.26
C ILE A 38 -6.41 5.17 -6.41
N ARG A 39 -5.41 5.11 -7.28
CA ARG A 39 -4.55 3.94 -7.39
C ARG A 39 -3.52 3.91 -6.25
N PHE A 40 -3.21 2.72 -5.76
CA PHE A 40 -2.30 2.56 -4.64
C PHE A 40 -1.54 1.25 -4.73
N VAL A 41 -0.42 1.15 -4.02
CA VAL A 41 0.28 -0.12 -3.85
C VAL A 41 0.31 -0.53 -2.38
N PRO A 42 -0.12 -1.77 -2.10
CA PRO A 42 -0.23 -2.27 -0.73
C PRO A 42 1.12 -2.70 -0.16
N ILE A 43 1.89 -1.72 0.31
CA ILE A 43 3.24 -1.97 0.80
C ILE A 43 3.21 -2.81 2.08
N PRO A 44 3.93 -3.93 2.07
CA PRO A 44 3.97 -4.87 3.19
C PRO A 44 4.44 -4.21 4.48
N VAL A 45 3.99 -4.74 5.61
CA VAL A 45 4.51 -4.32 6.91
C VAL A 45 5.27 -5.46 7.59
N GLU A 46 6.46 -5.15 8.08
CA GLU A 46 7.22 -6.11 8.89
C GLU A 46 6.96 -5.89 10.38
N THR A 47 6.92 -4.62 10.79
CA THR A 47 6.78 -4.26 12.19
C THR A 47 5.81 -3.12 12.39
N ASP A 48 5.39 -2.90 13.62
CA ASP A 48 4.39 -1.89 13.94
C ASP A 48 4.87 -0.50 13.50
N GLU A 49 6.16 -0.25 13.69
CA GLU A 49 6.73 1.05 13.35
C GLU A 49 6.61 1.35 11.86
N GLU A 50 6.81 0.31 11.04
CA GLU A 50 6.70 0.45 9.60
C GLU A 50 5.26 0.79 9.20
N PHE A 51 4.30 0.15 9.86
CA PHE A 51 2.89 0.43 9.61
C PHE A 51 2.55 1.89 9.92
N HIS A 52 3.02 2.36 11.08
CA HIS A 52 2.74 3.72 11.51
C HIS A 52 3.38 4.73 10.56
N THR A 53 4.59 4.42 10.11
CA THR A 53 5.32 5.29 9.19
C THR A 53 4.66 5.32 7.82
N LEU A 54 4.27 4.14 7.34
CA LEU A 54 3.55 4.04 6.07
C LEU A 54 2.18 4.69 6.16
N ALA A 55 1.52 4.48 7.30
CA ALA A 55 0.21 5.09 7.54
C ALA A 55 0.30 6.61 7.52
N ALA A 56 1.37 7.14 8.11
CA ALA A 56 1.64 8.57 8.05
C ALA A 56 1.85 9.04 6.62
N SER A 57 2.57 8.23 5.83
CA SER A 57 2.78 8.53 4.43
C SER A 57 1.46 8.48 3.66
N LEU A 58 0.63 7.50 3.99
CA LEU A 58 -0.69 7.37 3.37
C LEU A 58 -1.54 8.63 3.62
N SER A 59 -1.55 9.08 4.87
CA SER A 59 -2.32 10.25 5.25
C SER A 59 -1.78 11.51 4.58
N GLN A 60 -0.45 11.63 4.58
CA GLN A 60 0.20 12.82 4.01
C GLN A 60 -0.04 12.90 2.52
N LYS A 61 0.13 11.78 1.83
CA LYS A 61 0.02 11.74 0.38
C LYS A 61 -1.41 12.06 -0.07
N LEU A 62 -2.38 11.50 0.64
CA LEU A 62 -3.79 11.77 0.36
C LEU A 62 -4.12 13.25 0.56
N GLU A 63 -3.56 13.84 1.62
CA GLU A 63 -3.77 15.24 1.92
C GLU A 63 -3.25 16.12 0.79
N MET A 64 -2.05 15.81 0.32
CA MET A 64 -1.46 16.53 -0.82
C MET A 64 -2.23 16.22 -2.10
N MET A 65 -2.62 14.96 -2.27
CA MET A 65 -3.24 14.51 -3.51
C MET A 65 -4.61 15.16 -3.70
N VAL A 66 -5.38 15.23 -2.62
CA VAL A 66 -6.79 15.58 -2.72
C VAL A 66 -7.05 16.96 -2.15
N ALA A 67 -6.93 17.09 -0.83
CA ALA A 67 -7.19 18.37 -0.17
C ALA A 67 -6.87 18.28 1.32
N LYS A 68 -6.67 19.44 1.95
CA LYS A 68 -6.59 19.52 3.40
C LYS A 68 -7.99 19.55 4.01
N SER B 26 -11.95 -6.75 -5.53
CA SER B 26 -11.79 -5.32 -5.81
C SER B 26 -10.34 -5.01 -6.16
N ILE B 27 -9.44 -5.29 -5.22
CA ILE B 27 -8.01 -5.05 -5.43
C ILE B 27 -7.20 -6.32 -5.24
N GLU B 28 -6.71 -6.88 -6.35
CA GLU B 28 -6.18 -8.23 -6.34
C GLU B 28 -4.97 -8.35 -5.42
N MET B 29 -4.12 -7.34 -5.44
CA MET B 29 -2.92 -7.33 -4.60
C MET B 29 -3.30 -7.26 -3.12
N ALA B 30 -4.26 -6.39 -2.81
CA ALA B 30 -4.69 -6.19 -1.43
C ALA B 30 -5.32 -7.46 -0.86
N HIS B 31 -6.17 -8.09 -1.67
CA HIS B 31 -6.85 -9.31 -1.24
C HIS B 31 -5.85 -10.44 -1.01
N SER B 32 -4.90 -10.59 -1.92
CA SER B 32 -3.93 -11.67 -1.85
C SER B 32 -3.11 -11.57 -0.57
N LEU B 33 -2.67 -10.36 -0.24
CA LEU B 33 -1.85 -10.13 0.94
C LEU B 33 -2.63 -10.47 2.22
N ALA B 34 -3.89 -10.07 2.25
CA ALA B 34 -4.74 -10.34 3.40
C ALA B 34 -4.95 -11.84 3.60
N GLN B 35 -5.14 -12.56 2.51
CA GLN B 35 -5.40 -13.99 2.56
C GLN B 35 -4.22 -14.73 3.17
N ILE B 36 -3.02 -14.24 2.90
CA ILE B 36 -1.80 -14.89 3.38
C ILE B 36 -1.27 -14.21 4.64
N GLY B 37 -2.10 -13.36 5.23
CA GLY B 37 -1.87 -12.95 6.61
C GLY B 37 -0.85 -11.83 6.73
N ILE B 38 -0.62 -11.14 5.62
CA ILE B 38 0.32 -10.02 5.61
C ILE B 38 -0.40 -8.68 5.77
N ARG B 39 0.00 -7.91 6.76
CA ARG B 39 -0.48 -6.54 6.91
C ARG B 39 0.25 -5.61 5.94
N PHE B 40 -0.48 -4.63 5.41
CA PHE B 40 0.09 -3.71 4.43
C PHE B 40 -0.58 -2.33 4.53
N VAL B 41 0.10 -1.32 3.99
CA VAL B 41 -0.51 -0.01 3.82
C VAL B 41 -0.60 0.38 2.35
N PRO B 42 -1.81 0.77 1.92
CA PRO B 42 -2.09 1.09 0.52
C PRO B 42 -1.57 2.46 0.12
N ILE B 43 -0.27 2.55 -0.15
CA ILE B 43 0.36 3.83 -0.46
C ILE B 43 -0.14 4.39 -1.78
N PRO B 44 -0.65 5.63 -1.75
CA PRO B 44 -1.22 6.29 -2.92
C PRO B 44 -0.23 6.39 -4.08
N VAL B 45 -0.75 6.42 -5.30
CA VAL B 45 0.08 6.70 -6.47
C VAL B 45 -0.31 8.02 -7.12
N GLU B 46 0.68 8.85 -7.40
CA GLU B 46 0.47 10.08 -8.16
C GLU B 46 0.71 9.85 -9.66
N THR B 47 1.78 9.12 -9.96
CA THR B 47 2.19 8.92 -11.34
C THR B 47 2.60 7.46 -11.59
N ASP B 48 2.73 7.10 -12.86
CA ASP B 48 3.03 5.73 -13.23
C ASP B 48 4.36 5.28 -12.64
N GLU B 49 5.32 6.18 -12.59
CA GLU B 49 6.65 5.87 -12.08
C GLU B 49 6.59 5.48 -10.61
N GLU B 50 5.75 6.18 -9.85
CA GLU B 50 5.59 5.90 -8.43
C GLU B 50 4.99 4.52 -8.22
N PHE B 51 4.03 4.16 -9.07
CA PHE B 51 3.41 2.83 -9.01
C PHE B 51 4.44 1.74 -9.26
N HIS B 52 5.26 1.93 -10.29
CA HIS B 52 6.28 0.94 -10.66
C HIS B 52 7.31 0.81 -9.54
N THR B 53 7.69 1.94 -8.94
CA THR B 53 8.67 1.94 -7.86
C THR B 53 8.11 1.29 -6.61
N LEU B 54 6.87 1.62 -6.28
CA LEU B 54 6.19 1.01 -5.14
C LEU B 54 5.95 -0.49 -5.40
N ALA B 55 5.57 -0.82 -6.62
CA ALA B 55 5.36 -2.21 -7.01
C ALA B 55 6.65 -3.01 -6.86
N ALA B 56 7.76 -2.41 -7.25
CA ALA B 56 9.08 -3.02 -7.04
C ALA B 56 9.35 -3.23 -5.56
N SER B 57 8.99 -2.25 -4.74
CA SER B 57 9.14 -2.36 -3.29
C SER B 57 8.25 -3.46 -2.74
N LEU B 58 7.03 -3.55 -3.27
CA LEU B 58 6.09 -4.59 -2.86
C LEU B 58 6.66 -5.98 -3.14
N SER B 59 7.20 -6.15 -4.33
CA SER B 59 7.76 -7.43 -4.73
C SER B 59 8.99 -7.77 -3.89
N GLN B 60 9.86 -6.78 -3.69
CA GLN B 60 11.09 -6.98 -2.95
C GLN B 60 10.81 -7.33 -1.50
N LYS B 61 9.89 -6.60 -0.88
CA LYS B 61 9.58 -6.78 0.54
C LYS B 61 8.96 -8.15 0.78
N LEU B 62 8.07 -8.57 -0.11
CA LEU B 62 7.45 -9.88 -0.01
C LEU B 62 8.49 -10.99 -0.15
N GLU B 63 9.42 -10.79 -1.06
CA GLU B 63 10.50 -11.77 -1.28
C GLU B 63 11.34 -11.95 -0.02
N MET B 64 11.70 -10.82 0.59
CA MET B 64 12.44 -10.85 1.85
C MET B 64 11.58 -11.39 2.99
N MET B 65 10.30 -10.98 3.00
CA MET B 65 9.40 -11.33 4.10
C MET B 65 9.13 -12.82 4.13
N VAL B 66 8.89 -13.41 2.96
CA VAL B 66 8.36 -14.76 2.86
C VAL B 66 9.44 -15.73 2.37
N ALA B 67 9.81 -15.61 1.10
CA ALA B 67 10.78 -16.50 0.51
C ALA B 67 11.12 -16.08 -0.92
N LYS B 68 12.26 -16.55 -1.41
CA LYS B 68 12.58 -16.43 -2.83
C LYS B 68 11.90 -17.52 -3.65
N SER A 26 -11.82 -5.23 6.87
CA SER A 26 -12.23 -5.37 5.48
C SER A 26 -11.29 -4.58 4.55
N ILE A 27 -10.01 -4.58 4.88
CA ILE A 27 -9.02 -3.84 4.11
C ILE A 27 -9.56 -2.45 3.74
N GLU A 28 -9.83 -1.64 4.75
CA GLU A 28 -10.55 -0.38 4.54
C GLU A 28 -9.73 0.56 3.66
N MET A 29 -8.42 0.59 3.89
CA MET A 29 -7.56 1.61 3.28
C MET A 29 -7.57 1.47 1.77
N ALA A 30 -7.40 0.25 1.28
CA ALA A 30 -7.29 0.00 -0.16
C ALA A 30 -8.60 0.31 -0.86
N HIS A 31 -9.71 -0.12 -0.27
CA HIS A 31 -11.03 0.12 -0.84
C HIS A 31 -11.35 1.60 -0.90
N SER A 32 -10.99 2.32 0.16
CA SER A 32 -11.26 3.75 0.25
C SER A 32 -10.57 4.51 -0.88
N LEU A 33 -9.31 4.16 -1.12
CA LEU A 33 -8.53 4.80 -2.18
C LEU A 33 -9.15 4.51 -3.54
N ALA A 34 -9.57 3.27 -3.76
CA ALA A 34 -10.17 2.87 -5.02
C ALA A 34 -11.48 3.62 -5.27
N GLN A 35 -12.28 3.77 -4.22
CA GLN A 35 -13.59 4.41 -4.35
C GLN A 35 -13.45 5.85 -4.82
N ILE A 36 -12.37 6.50 -4.39
CA ILE A 36 -12.15 7.90 -4.73
C ILE A 36 -11.21 8.03 -5.94
N GLY A 37 -10.99 6.91 -6.62
CA GLY A 37 -10.39 6.96 -7.95
C GLY A 37 -8.88 7.04 -7.90
N ILE A 38 -8.31 6.67 -6.75
CA ILE A 38 -6.86 6.71 -6.58
C ILE A 38 -6.25 5.31 -6.73
N ARG A 39 -5.25 5.20 -7.60
CA ARG A 39 -4.46 3.99 -7.71
C ARG A 39 -3.37 3.96 -6.65
N PHE A 40 -3.01 2.76 -6.21
CA PHE A 40 -2.11 2.59 -5.07
C PHE A 40 -1.37 1.27 -5.14
N VAL A 41 -0.28 1.17 -4.39
CA VAL A 41 0.38 -0.11 -4.17
C VAL A 41 0.52 -0.42 -2.67
N PRO A 42 -0.14 -1.50 -2.23
CA PRO A 42 0.01 -2.01 -0.86
C PRO A 42 1.46 -2.26 -0.49
N ILE A 43 1.89 -1.71 0.64
CA ILE A 43 3.23 -1.94 1.15
C ILE A 43 3.20 -2.67 2.49
N PRO A 44 3.74 -3.90 2.51
CA PRO A 44 3.80 -4.71 3.72
C PRO A 44 4.52 -4.00 4.87
N VAL A 45 4.11 -4.30 6.10
CA VAL A 45 4.79 -3.78 7.28
C VAL A 45 5.27 -4.92 8.17
N GLU A 46 6.39 -4.69 8.86
CA GLU A 46 6.98 -5.71 9.72
C GLU A 46 6.44 -5.61 11.14
N THR A 47 6.47 -4.39 11.69
CA THR A 47 6.15 -4.19 13.09
C THR A 47 5.16 -3.03 13.26
N ASP A 48 4.69 -2.82 14.48
CA ASP A 48 3.68 -1.82 14.76
C ASP A 48 4.19 -0.41 14.42
N GLU A 49 5.45 -0.16 14.75
CA GLU A 49 6.04 1.16 14.57
C GLU A 49 6.07 1.54 13.09
N GLU A 50 6.40 0.57 12.24
CA GLU A 50 6.39 0.78 10.79
C GLU A 50 4.97 1.06 10.29
N PHE A 51 4.01 0.30 10.82
CA PHE A 51 2.62 0.45 10.41
C PHE A 51 2.09 1.84 10.75
N HIS A 52 2.36 2.27 11.98
CA HIS A 52 1.86 3.56 12.45
C HIS A 52 2.48 4.70 11.65
N THR A 53 3.78 4.61 11.39
CA THR A 53 4.49 5.63 10.63
C THR A 53 4.08 5.60 9.17
N LEU A 54 3.95 4.41 8.60
CA LEU A 54 3.55 4.26 7.21
C LEU A 54 2.11 4.70 7.01
N ALA A 55 1.26 4.39 7.98
CA ALA A 55 -0.13 4.85 7.97
C ALA A 55 -0.20 6.36 7.99
N ALA A 56 0.67 6.99 8.79
CA ALA A 56 0.78 8.43 8.81
C ALA A 56 1.19 8.98 7.45
N SER A 57 2.11 8.28 6.79
CA SER A 57 2.56 8.66 5.46
C SER A 57 1.42 8.57 4.45
N LEU A 58 0.61 7.52 4.57
CA LEU A 58 -0.58 7.36 3.74
C LEU A 58 -1.54 8.52 3.96
N SER A 59 -1.76 8.88 5.23
CA SER A 59 -2.69 9.94 5.57
C SER A 59 -2.19 11.28 5.05
N GLN A 60 -0.89 11.54 5.21
CA GLN A 60 -0.29 12.79 4.78
C GLN A 60 -0.35 12.93 3.26
N LYS A 61 0.05 11.87 2.56
CA LYS A 61 0.08 11.89 1.11
C LYS A 61 -1.32 11.99 0.53
N LEU A 62 -2.23 11.19 1.07
CA LEU A 62 -3.61 11.16 0.58
C LEU A 62 -4.28 12.52 0.75
N GLU A 63 -4.12 13.10 1.93
CA GLU A 63 -4.76 14.38 2.25
C GLU A 63 -4.32 15.46 1.26
N MET A 64 -3.03 15.50 0.96
CA MET A 64 -2.49 16.48 0.02
C MET A 64 -3.05 16.26 -1.37
N MET A 65 -3.22 15.00 -1.75
CA MET A 65 -3.71 14.65 -3.09
C MET A 65 -5.14 15.13 -3.28
N VAL A 66 -5.94 15.02 -2.22
CA VAL A 66 -7.36 15.33 -2.31
C VAL A 66 -7.65 16.77 -1.87
N ALA A 67 -6.62 17.43 -1.34
CA ALA A 67 -6.74 18.82 -0.93
C ALA A 67 -7.11 19.71 -2.12
N LYS A 68 -7.93 20.71 -1.86
CA LYS A 68 -8.33 21.65 -2.90
C LYS A 68 -8.01 23.09 -2.48
N SER B 26 -9.92 -6.01 -8.93
CA SER B 26 -10.47 -6.37 -7.62
C SER B 26 -9.44 -6.15 -6.53
N ILE B 27 -8.67 -5.08 -6.65
CA ILE B 27 -7.61 -4.77 -5.69
C ILE B 27 -6.86 -6.03 -5.30
N GLU B 28 -6.20 -6.65 -6.27
CA GLU B 28 -5.61 -7.97 -6.06
C GLU B 28 -4.51 -7.93 -5.01
N MET B 29 -3.71 -6.87 -5.04
CA MET B 29 -2.50 -6.81 -4.24
C MET B 29 -2.84 -6.85 -2.75
N ALA B 30 -3.80 -6.04 -2.34
CA ALA B 30 -4.16 -5.92 -0.93
C ALA B 30 -4.75 -7.22 -0.41
N HIS B 31 -5.64 -7.82 -1.19
CA HIS B 31 -6.29 -9.08 -0.80
C HIS B 31 -5.27 -10.19 -0.67
N SER B 32 -4.33 -10.25 -1.62
CA SER B 32 -3.31 -11.29 -1.64
C SER B 32 -2.47 -11.25 -0.36
N LEU B 33 -2.08 -10.05 0.04
CA LEU B 33 -1.28 -9.87 1.25
C LEU B 33 -2.05 -10.31 2.49
N ALA B 34 -3.34 -9.95 2.53
CA ALA B 34 -4.19 -10.30 3.65
C ALA B 34 -4.36 -11.81 3.77
N GLN B 35 -4.53 -12.47 2.63
CA GLN B 35 -4.78 -13.90 2.61
C GLN B 35 -3.60 -14.67 3.21
N ILE B 36 -2.40 -14.14 3.00
CA ILE B 36 -1.18 -14.79 3.48
C ILE B 36 -0.74 -14.21 4.81
N GLY B 37 -1.62 -13.43 5.43
CA GLY B 37 -1.43 -13.07 6.82
C GLY B 37 -0.50 -11.89 7.01
N ILE B 38 -0.31 -11.12 5.94
CA ILE B 38 0.57 -9.96 5.99
C ILE B 38 -0.23 -8.67 6.12
N ARG B 39 0.11 -7.87 7.12
CA ARG B 39 -0.44 -6.52 7.24
C ARG B 39 0.32 -5.54 6.36
N PHE B 40 -0.39 -4.51 5.89
CA PHE B 40 0.15 -3.61 4.88
C PHE B 40 -0.51 -2.24 4.96
N VAL B 41 0.14 -1.23 4.37
CA VAL B 41 -0.50 0.06 4.16
C VAL B 41 -0.44 0.45 2.69
N PRO B 42 -1.63 0.60 2.06
CA PRO B 42 -1.75 1.11 0.70
C PRO B 42 -1.08 2.46 0.53
N ILE B 43 -0.22 2.57 -0.49
CA ILE B 43 0.43 3.84 -0.80
C ILE B 43 0.02 4.33 -2.19
N PRO B 44 -0.66 5.49 -2.22
CA PRO B 44 -1.11 6.10 -3.47
C PRO B 44 0.05 6.36 -4.44
N VAL B 45 -0.25 6.29 -5.74
CA VAL B 45 0.73 6.64 -6.76
C VAL B 45 0.21 7.76 -7.65
N GLU B 46 1.13 8.58 -8.15
CA GLU B 46 0.77 9.72 -8.98
C GLU B 46 0.76 9.33 -10.45
N THR B 47 1.85 8.69 -10.90
CA THR B 47 2.04 8.42 -12.32
C THR B 47 2.43 6.95 -12.53
N ASP B 48 2.52 6.56 -13.80
CA ASP B 48 2.81 5.17 -14.14
C ASP B 48 4.18 4.75 -13.63
N GLU B 49 5.15 5.65 -13.74
CA GLU B 49 6.53 5.34 -13.37
C GLU B 49 6.63 5.03 -11.89
N GLU B 50 5.91 5.79 -11.07
CA GLU B 50 5.86 5.56 -9.64
C GLU B 50 5.21 4.21 -9.33
N PHE B 51 4.13 3.91 -10.05
CA PHE B 51 3.38 2.66 -9.84
C PHE B 51 4.26 1.45 -10.15
N HIS B 52 4.95 1.50 -11.28
CA HIS B 52 5.79 0.40 -11.73
C HIS B 52 6.95 0.17 -10.76
N THR B 53 7.56 1.26 -10.31
CA THR B 53 8.68 1.19 -9.39
C THR B 53 8.21 0.75 -8.00
N LEU B 54 7.09 1.30 -7.56
CA LEU B 54 6.53 0.96 -6.26
C LEU B 54 6.05 -0.49 -6.24
N ALA B 55 5.45 -0.92 -7.35
CA ALA B 55 5.03 -2.31 -7.50
C ALA B 55 6.22 -3.24 -7.41
N ALA B 56 7.34 -2.85 -8.03
CA ALA B 56 8.58 -3.59 -7.92
C ALA B 56 9.06 -3.67 -6.47
N SER B 57 8.91 -2.57 -5.75
CA SER B 57 9.28 -2.54 -4.33
C SER B 57 8.41 -3.48 -3.52
N LEU B 58 7.12 -3.52 -3.84
CA LEU B 58 6.19 -4.46 -3.21
C LEU B 58 6.63 -5.90 -3.48
N SER B 59 6.96 -6.18 -4.73
CA SER B 59 7.36 -7.53 -5.13
C SER B 59 8.65 -7.94 -4.43
N GLN B 60 9.61 -7.02 -4.39
CA GLN B 60 10.91 -7.29 -3.78
C GLN B 60 10.76 -7.54 -2.28
N LYS B 61 10.03 -6.66 -1.61
CA LYS B 61 9.85 -6.75 -0.16
C LYS B 61 9.05 -8.00 0.20
N LEU B 62 7.96 -8.23 -0.53
CA LEU B 62 7.09 -9.36 -0.25
C LEU B 62 7.82 -10.68 -0.42
N GLU B 63 8.58 -10.80 -1.51
CA GLU B 63 9.29 -12.03 -1.82
C GLU B 63 10.26 -12.39 -0.71
N MET B 64 10.98 -11.39 -0.20
CA MET B 64 11.94 -11.59 0.87
C MET B 64 11.24 -12.03 2.15
N MET B 65 10.07 -11.46 2.40
CA MET B 65 9.31 -11.75 3.62
C MET B 65 8.86 -13.21 3.63
N VAL B 66 8.47 -13.72 2.46
CA VAL B 66 7.91 -15.05 2.36
C VAL B 66 8.98 -16.07 1.99
N ALA B 67 10.17 -15.59 1.67
CA ALA B 67 11.30 -16.46 1.37
C ALA B 67 11.62 -17.37 2.54
N LYS B 68 12.01 -18.60 2.25
CA LYS B 68 12.39 -19.56 3.29
C LYS B 68 13.80 -20.09 3.04
N SER A 26 -11.91 -6.40 2.98
CA SER A 26 -12.04 -6.03 4.38
C SER A 26 -10.92 -5.09 4.81
N ILE A 27 -10.47 -4.25 3.89
CA ILE A 27 -9.43 -3.28 4.18
C ILE A 27 -9.90 -1.86 3.87
N GLU A 28 -10.21 -1.11 4.92
CA GLU A 28 -10.93 0.16 4.78
C GLU A 28 -10.12 1.15 3.95
N MET A 29 -8.81 1.19 4.20
CA MET A 29 -7.93 2.10 3.48
C MET A 29 -7.90 1.76 1.99
N ALA A 30 -7.75 0.47 1.68
CA ALA A 30 -7.65 0.02 0.30
C ALA A 30 -8.95 0.26 -0.46
N HIS A 31 -10.07 -0.07 0.19
CA HIS A 31 -11.38 0.08 -0.44
C HIS A 31 -11.68 1.55 -0.73
N SER A 32 -11.35 2.42 0.21
CA SER A 32 -11.63 3.85 0.09
C SER A 32 -10.91 4.42 -1.13
N LEU A 33 -9.65 4.07 -1.29
CA LEU A 33 -8.85 4.54 -2.42
C LEU A 33 -9.42 4.00 -3.73
N ALA A 34 -9.82 2.74 -3.73
CA ALA A 34 -10.37 2.12 -4.94
C ALA A 34 -11.69 2.77 -5.34
N GLN A 35 -12.51 3.09 -4.35
CA GLN A 35 -13.82 3.69 -4.60
C GLN A 35 -13.67 5.05 -5.27
N ILE A 36 -12.63 5.79 -4.89
CA ILE A 36 -12.40 7.11 -5.44
C ILE A 36 -11.42 7.05 -6.61
N GLY A 37 -10.99 5.84 -6.95
CA GLY A 37 -10.40 5.60 -8.27
C GLY A 37 -8.90 5.88 -8.28
N ILE A 38 -8.30 5.86 -7.10
CA ILE A 38 -6.86 6.10 -6.99
C ILE A 38 -6.09 4.77 -6.93
N ARG A 39 -5.19 4.58 -7.89
CA ARG A 39 -4.27 3.45 -7.86
C ARG A 39 -3.36 3.52 -6.64
N PHE A 40 -3.10 2.37 -6.02
CA PHE A 40 -2.24 2.31 -4.84
C PHE A 40 -1.44 1.02 -4.82
N VAL A 41 -0.36 1.01 -4.05
CA VAL A 41 0.43 -0.20 -3.85
C VAL A 41 0.43 -0.62 -2.38
N PRO A 42 -0.09 -1.83 -2.10
CA PRO A 42 -0.27 -2.31 -0.73
C PRO A 42 1.02 -2.87 -0.15
N ILE A 43 1.94 -1.97 0.22
CA ILE A 43 3.21 -2.37 0.79
C ILE A 43 3.01 -3.01 2.18
N PRO A 44 3.59 -4.21 2.35
CA PRO A 44 3.40 -4.99 3.58
C PRO A 44 4.15 -4.39 4.77
N VAL A 45 3.74 -4.77 5.98
CA VAL A 45 4.40 -4.31 7.19
C VAL A 45 5.18 -5.45 7.86
N GLU A 46 6.42 -5.17 8.22
CA GLU A 46 7.21 -6.09 9.04
C GLU A 46 6.96 -5.85 10.52
N THR A 47 7.07 -4.59 10.94
CA THR A 47 6.89 -4.23 12.34
C THR A 47 6.07 -2.95 12.48
N ASP A 48 5.76 -2.59 13.72
CA ASP A 48 4.88 -1.46 13.99
C ASP A 48 5.47 -0.17 13.43
N GLU A 49 6.78 -0.03 13.54
CA GLU A 49 7.45 1.20 13.11
C GLU A 49 7.28 1.41 11.61
N GLU A 50 7.36 0.32 10.85
CA GLU A 50 7.18 0.38 9.40
C GLU A 50 5.75 0.81 9.05
N PHE A 51 4.79 0.29 9.80
CA PHE A 51 3.39 0.66 9.61
C PHE A 51 3.19 2.15 9.83
N HIS A 52 3.74 2.66 10.93
CA HIS A 52 3.56 4.07 11.29
C HIS A 52 4.17 4.98 10.24
N THR A 53 5.32 4.58 9.71
CA THR A 53 6.00 5.36 8.67
C THR A 53 5.22 5.33 7.37
N LEU A 54 4.74 4.14 6.99
CA LEU A 54 3.93 4.00 5.80
C LEU A 54 2.60 4.71 5.96
N ALA A 55 1.99 4.57 7.13
CA ALA A 55 0.71 5.22 7.41
C ALA A 55 0.82 6.73 7.32
N ALA A 56 1.94 7.27 7.83
CA ALA A 56 2.20 8.69 7.73
C ALA A 56 2.28 9.15 6.29
N SER A 57 2.94 8.34 5.46
CA SER A 57 3.03 8.62 4.02
C SER A 57 1.65 8.55 3.37
N LEU A 58 0.87 7.56 3.75
CA LEU A 58 -0.49 7.40 3.24
C LEU A 58 -1.35 8.60 3.63
N SER A 59 -1.28 8.98 4.91
CA SER A 59 -2.13 10.03 5.44
C SER A 59 -1.84 11.37 4.77
N GLN A 60 -0.55 11.66 4.59
CA GLN A 60 -0.14 12.91 3.96
C GLN A 60 -0.61 12.96 2.51
N LYS A 61 -0.44 11.85 1.80
CA LYS A 61 -0.82 11.78 0.39
C LYS A 61 -2.33 11.90 0.23
N LEU A 62 -3.07 11.27 1.14
CA LEU A 62 -4.53 11.36 1.12
C LEU A 62 -4.99 12.80 1.27
N GLU A 63 -4.36 13.54 2.17
CA GLU A 63 -4.65 14.95 2.35
C GLU A 63 -4.35 15.74 1.09
N MET A 64 -3.24 15.40 0.43
CA MET A 64 -2.88 16.02 -0.84
C MET A 64 -3.94 15.73 -1.91
N MET A 65 -4.43 14.50 -1.93
CA MET A 65 -5.42 14.09 -2.92
C MET A 65 -6.73 14.87 -2.73
N VAL A 66 -7.04 15.19 -1.47
CA VAL A 66 -8.20 16.03 -1.17
C VAL A 66 -7.96 17.47 -1.62
N ALA A 67 -6.76 17.98 -1.34
CA ALA A 67 -6.39 19.33 -1.74
C ALA A 67 -6.35 19.45 -3.27
N LYS A 68 -5.97 18.36 -3.93
CA LYS A 68 -5.85 18.36 -5.38
C LYS A 68 -7.22 18.38 -6.05
N SER B 26 -11.49 -5.71 -5.19
CA SER B 26 -11.06 -5.93 -6.57
C SER B 26 -9.61 -5.53 -6.75
N ILE B 27 -8.80 -5.72 -5.72
CA ILE B 27 -7.38 -5.41 -5.78
C ILE B 27 -6.54 -6.65 -5.43
N GLU B 28 -5.96 -7.26 -6.46
CA GLU B 28 -5.37 -8.59 -6.31
C GLU B 28 -4.22 -8.56 -5.30
N MET B 29 -3.41 -7.51 -5.36
CA MET B 29 -2.29 -7.37 -4.45
C MET B 29 -2.76 -7.27 -2.99
N ALA B 30 -3.76 -6.43 -2.77
CA ALA B 30 -4.27 -6.19 -1.43
C ALA B 30 -4.93 -7.44 -0.85
N HIS B 31 -5.73 -8.10 -1.69
CA HIS B 31 -6.45 -9.30 -1.24
C HIS B 31 -5.47 -10.42 -0.90
N SER B 32 -4.44 -10.58 -1.71
CA SER B 32 -3.46 -11.65 -1.52
C SER B 32 -2.77 -11.50 -0.17
N LEU B 33 -2.36 -10.28 0.15
CA LEU B 33 -1.70 -9.99 1.42
C LEU B 33 -2.64 -10.25 2.59
N ALA B 34 -3.91 -9.84 2.44
CA ALA B 34 -4.90 -10.02 3.49
C ALA B 34 -5.17 -11.49 3.74
N GLN B 35 -5.23 -12.27 2.67
CA GLN B 35 -5.53 -13.70 2.77
C GLN B 35 -4.44 -14.42 3.56
N ILE B 36 -3.20 -13.97 3.39
CA ILE B 36 -2.07 -14.59 4.08
C ILE B 36 -1.74 -13.85 5.36
N GLY B 37 -2.53 -12.83 5.68
CA GLY B 37 -2.58 -12.32 7.03
C GLY B 37 -1.51 -11.27 7.29
N ILE B 38 -1.00 -10.68 6.22
CA ILE B 38 0.02 -9.63 6.34
C ILE B 38 -0.61 -8.24 6.30
N ARG B 39 -0.40 -7.48 7.36
CA ARG B 39 -0.80 -6.07 7.37
C ARG B 39 -0.03 -5.27 6.32
N PHE B 40 -0.73 -4.36 5.66
CA PHE B 40 -0.11 -3.53 4.62
C PHE B 40 -0.71 -2.13 4.62
N VAL B 41 0.01 -1.19 4.02
CA VAL B 41 -0.50 0.17 3.85
C VAL B 41 -0.61 0.53 2.36
N PRO B 42 -1.84 0.82 1.92
CA PRO B 42 -2.14 1.07 0.50
C PRO B 42 -1.76 2.49 0.08
N ILE B 43 -0.47 2.73 -0.08
CA ILE B 43 0.01 4.04 -0.49
C ILE B 43 -0.41 4.35 -1.92
N PRO B 44 -1.02 5.53 -2.11
CA PRO B 44 -1.58 5.93 -3.40
C PRO B 44 -0.50 6.28 -4.42
N VAL B 45 -0.86 6.27 -5.70
CA VAL B 45 0.06 6.63 -6.77
C VAL B 45 -0.31 7.96 -7.40
N GLU B 46 0.68 8.84 -7.55
CA GLU B 46 0.49 10.07 -8.31
C GLU B 46 0.77 9.84 -9.79
N THR B 47 1.91 9.23 -10.09
CA THR B 47 2.31 8.99 -11.46
C THR B 47 2.90 7.59 -11.63
N ASP B 48 3.20 7.23 -12.88
CA ASP B 48 3.65 5.87 -13.18
C ASP B 48 4.95 5.56 -12.44
N GLU B 49 5.84 6.55 -12.35
CA GLU B 49 7.14 6.35 -11.73
C GLU B 49 6.99 5.97 -10.25
N GLU B 50 6.04 6.61 -9.58
CA GLU B 50 5.77 6.32 -8.18
C GLU B 50 5.26 4.89 -8.01
N PHE B 51 4.40 4.46 -8.93
CA PHE B 51 3.88 3.10 -8.92
C PHE B 51 5.00 2.08 -9.05
N HIS B 52 5.90 2.32 -10.01
CA HIS B 52 6.98 1.40 -10.29
C HIS B 52 7.92 1.28 -9.09
N THR B 53 8.17 2.40 -8.43
CA THR B 53 9.03 2.41 -7.25
C THR B 53 8.37 1.70 -6.08
N LEU B 54 7.09 1.98 -5.87
CA LEU B 54 6.32 1.31 -4.82
C LEU B 54 6.17 -0.17 -5.12
N ALA B 55 5.89 -0.50 -6.39
CA ALA B 55 5.72 -1.89 -6.80
C ALA B 55 7.01 -2.67 -6.58
N ALA B 56 8.15 -2.05 -6.87
CA ALA B 56 9.44 -2.68 -6.63
C ALA B 56 9.64 -2.97 -5.15
N SER B 57 9.23 -2.05 -4.31
CA SER B 57 9.30 -2.25 -2.86
C SER B 57 8.37 -3.37 -2.42
N LEU B 58 7.17 -3.39 -2.99
CA LEU B 58 6.20 -4.45 -2.69
C LEU B 58 6.74 -5.81 -3.13
N SER B 59 7.29 -5.88 -4.33
CA SER B 59 7.73 -7.14 -4.91
C SER B 59 8.88 -7.72 -4.10
N GLN B 60 9.82 -6.87 -3.72
CA GLN B 60 10.97 -7.31 -2.93
C GLN B 60 10.53 -7.84 -1.57
N LYS B 61 9.63 -7.11 -0.93
CA LYS B 61 9.14 -7.47 0.39
C LYS B 61 8.35 -8.78 0.34
N LEU B 62 7.56 -8.95 -0.72
CA LEU B 62 6.81 -10.19 -0.91
C LEU B 62 7.73 -11.39 -1.00
N GLU B 63 8.82 -11.23 -1.75
CA GLU B 63 9.83 -12.27 -1.86
C GLU B 63 10.46 -12.59 -0.51
N MET B 64 10.70 -11.54 0.28
CA MET B 64 11.22 -11.70 1.63
C MET B 64 10.24 -12.48 2.50
N MET B 65 8.95 -12.16 2.36
CA MET B 65 7.91 -12.80 3.15
C MET B 65 7.83 -14.30 2.84
N VAL B 66 8.10 -14.64 1.58
CA VAL B 66 8.17 -16.04 1.18
C VAL B 66 9.41 -16.72 1.76
N ALA B 67 10.53 -16.03 1.69
CA ALA B 67 11.78 -16.54 2.25
C ALA B 67 11.68 -16.69 3.76
N LYS B 68 10.90 -15.81 4.39
CA LYS B 68 10.77 -15.82 5.85
C LYS B 68 9.91 -16.98 6.30
#